data_8P2V
# 
_entry.id   8P2V 
# 
_audit_conform.dict_name       mmcif_pdbx.dic 
_audit_conform.dict_version    5.398 
_audit_conform.dict_location   http://mmcif.pdb.org/dictionaries/ascii/mmcif_pdbx.dic 
# 
loop_
_database_2.database_id 
_database_2.database_code 
_database_2.pdbx_database_accession 
_database_2.pdbx_DOI 
PDB   8P2V         pdb_00008p2v 10.2210/pdb8p2v/pdb 
WWPDB D_1292130421 ?            ?                   
EMDB  EMD-17375    ?            ?                   
# 
loop_
_pdbx_audit_revision_history.ordinal 
_pdbx_audit_revision_history.data_content_type 
_pdbx_audit_revision_history.major_revision 
_pdbx_audit_revision_history.minor_revision 
_pdbx_audit_revision_history.revision_date 
1 'Structure model' 1 0 2024-04-03 
2 'Structure model' 1 1 2024-11-13 
# 
_pdbx_audit_revision_details.ordinal             1 
_pdbx_audit_revision_details.revision_ordinal    1 
_pdbx_audit_revision_details.data_content_type   'Structure model' 
_pdbx_audit_revision_details.provider            repository 
_pdbx_audit_revision_details.type                'Initial release' 
_pdbx_audit_revision_details.description         ? 
_pdbx_audit_revision_details.details             ? 
# 
loop_
_pdbx_audit_revision_group.ordinal 
_pdbx_audit_revision_group.revision_ordinal 
_pdbx_audit_revision_group.data_content_type 
_pdbx_audit_revision_group.group 
1 2 'Structure model' 'Data collection'   
2 2 'Structure model' 'Structure summary' 
# 
loop_
_pdbx_audit_revision_category.ordinal 
_pdbx_audit_revision_category.revision_ordinal 
_pdbx_audit_revision_category.data_content_type 
_pdbx_audit_revision_category.category 
1 2 'Structure model' em_admin                  
2 2 'Structure model' pdbx_entry_details        
3 2 'Structure model' pdbx_modification_feature 
# 
loop_
_pdbx_audit_revision_item.ordinal 
_pdbx_audit_revision_item.revision_ordinal 
_pdbx_audit_revision_item.data_content_type 
_pdbx_audit_revision_item.item 
1 2 'Structure model' '_em_admin.last_update'                        
2 2 'Structure model' '_pdbx_entry_details.has_protein_modification' 
# 
_pdbx_database_status.status_code                     REL 
_pdbx_database_status.status_code_sf                  ? 
_pdbx_database_status.status_code_mr                  ? 
_pdbx_database_status.entry_id                        8P2V 
_pdbx_database_status.recvd_initial_deposition_date   2023-05-16 
_pdbx_database_status.SG_entry                        N 
_pdbx_database_status.deposit_site                    PDBE 
_pdbx_database_status.process_site                    PDBE 
_pdbx_database_status.status_code_cs                  ? 
_pdbx_database_status.status_code_nmr_data            ? 
_pdbx_database_status.methods_development_category    ? 
_pdbx_database_status.pdb_format_compatible           Y 
# 
_pdbx_database_related.db_name        EMDB 
_pdbx_database_related.details        'Neisseria meningitidis Type IV pilus SB-GATDH variant' 
_pdbx_database_related.db_id          EMD-17375 
_pdbx_database_related.content_type   'associated EM volume' 
# 
_pdbx_contact_author.id                 2 
_pdbx_contact_author.email              guillaume.dumenil@pasteur.fr 
_pdbx_contact_author.name_first         Guillaume 
_pdbx_contact_author.name_last          Dumenil 
_pdbx_contact_author.name_mi            ? 
_pdbx_contact_author.role               'principal investigator/group leader' 
_pdbx_contact_author.identifier_ORCID   0000-0001-9174-9110 
# 
loop_
_audit_author.name 
_audit_author.pdbx_ordinal 
_audit_author.identifier_ORCID 
'Fernandez-Martinez, D.' 1 0000-0002-4216-2345 
'Dumenil, G.'            2 0000-0001-9174-9110 
# 
_citation.abstract                  ? 
_citation.abstract_id_CAS           ? 
_citation.book_id_ISBN              ? 
_citation.book_publisher            ? 
_citation.book_publisher_city       ? 
_citation.book_title                ? 
_citation.coordinate_linkage        ? 
_citation.country                   UK 
_citation.database_id_Medline       ? 
_citation.details                   ? 
_citation.id                        primary 
_citation.journal_abbrev            'Nat Commun' 
_citation.journal_id_ASTM           ? 
_citation.journal_id_CSD            ? 
_citation.journal_id_ISSN           2041-1723 
_citation.journal_full              ? 
_citation.journal_issue             ? 
_citation.journal_volume            15 
_citation.language                  ? 
_citation.page_first                2414 
_citation.page_last                 2414 
_citation.title                     'Cryo-EM structures of type IV pili complexed with nanobodies reveal immune escape mechanisms.' 
_citation.year                      2024 
_citation.database_id_CSD           ? 
_citation.pdbx_database_id_DOI      10.1038/s41467-024-46677-y 
_citation.pdbx_database_id_PubMed   38499587 
_citation.pdbx_database_id_patent   ? 
_citation.unpublished_flag          ? 
# 
loop_
_citation_author.citation_id 
_citation_author.name 
_citation_author.ordinal 
_citation_author.identifier_ORCID 
primary 'Fernandez-Martinez, D.' 1  ?                   
primary 'Kong, Y.'               2  ?                   
primary 'Goussard, S.'           3  ?                   
primary 'Zavala, A.'             4  0000-0003-1606-3244 
primary 'Gastineau, P.'          5  0000-0001-6579-2756 
primary 'Rey, M.'                6  0000-0002-7378-1106 
primary 'Ayme, G.'               7  0000-0002-0438-8095 
primary 'Chamot-Rooke, J.'       8  0000-0002-9427-543X 
primary 'Lafaye, P.'             9  0000-0002-5761-1342 
primary 'Vos, M.'                10 ?                   
primary 'Mechaly, A.'            11 ?                   
primary 'Dumenil, G.'            12 0000-0001-9174-9110 
# 
loop_
_entity.id 
_entity.type 
_entity.src_method 
_entity.pdbx_description 
_entity.formula_weight 
_entity.pdbx_number_of_molecules 
_entity.pdbx_ec 
_entity.pdbx_mutation 
_entity.pdbx_fragment 
_entity.details 
1 polymer     nat 'Neisseria meningitidis PilE variant SB-GATDH' 17067.182 1 ? ? ? ? 
2 non-polymer syn SN-GLYCEROL-3-PHOSPHATE 172.074   1 ? ? ? ? 
3 non-polymer syn 
'(2~{R})-~{N}-[(2~{R},3~{S},4~{S},5~{R},6~{R})-5-acetamido-2-methyl-4,6-bis(oxidanyl)oxan-3-yl]-2,3-bis(oxidanyl)propanamide' 
292.286   1 ? ? ? ? 
# 
_entity_poly.entity_id                      1 
_entity_poly.type                           'polypeptide(L)' 
_entity_poly.nstd_linkage                   no 
_entity_poly.nstd_monomer                   no 
_entity_poly.pdbx_seq_one_letter_code       
;FTLIELMIVIAIVGILAAVALPAYQDYTARAQVSEAILLAEGQKSAVTEYYLNHGEWPGDNSSAGVATSADIKGKYVQSV
TVANGVITAQMASSNVNNEIKSKKLSLWAKRQNGSVKWFCGQPVTRTTATATDVAAANGKTDDKINTKHLPSTCRDDSSA
S
;
_entity_poly.pdbx_seq_one_letter_code_can   
;FTLIELMIVIAIVGILAAVALPAYQDYTARAQVSEAILLAEGQKSAVTEYYLNHGEWPGDNSSAGVATSADIKGKYVQSV
TVANGVITAQMASSNVNNEIKSKKLSLWAKRQNGSVKWFCGQPVTRTTATATDVAAANGKTDDKINTKHLPSTCRDDSSA
S
;
_entity_poly.pdbx_strand_id                 A 
_entity_poly.pdbx_target_identifier         ? 
# 
loop_
_pdbx_entity_nonpoly.entity_id 
_pdbx_entity_nonpoly.name 
_pdbx_entity_nonpoly.comp_id 
2 SN-GLYCEROL-3-PHOSPHATE                                                                                                       
G3P 
3 '(2~{R})-~{N}-[(2~{R},3~{S},4~{S},5~{R},6~{R})-5-acetamido-2-methyl-4,6-bis(oxidanyl)oxan-3-yl]-2,3-bis(oxidanyl)propanamide' 
WKE 
# 
loop_
_entity_poly_seq.entity_id 
_entity_poly_seq.num 
_entity_poly_seq.mon_id 
_entity_poly_seq.hetero 
1 1   PHE n 
1 2   THR n 
1 3   LEU n 
1 4   ILE n 
1 5   GLU n 
1 6   LEU n 
1 7   MET n 
1 8   ILE n 
1 9   VAL n 
1 10  ILE n 
1 11  ALA n 
1 12  ILE n 
1 13  VAL n 
1 14  GLY n 
1 15  ILE n 
1 16  LEU n 
1 17  ALA n 
1 18  ALA n 
1 19  VAL n 
1 20  ALA n 
1 21  LEU n 
1 22  PRO n 
1 23  ALA n 
1 24  TYR n 
1 25  GLN n 
1 26  ASP n 
1 27  TYR n 
1 28  THR n 
1 29  ALA n 
1 30  ARG n 
1 31  ALA n 
1 32  GLN n 
1 33  VAL n 
1 34  SER n 
1 35  GLU n 
1 36  ALA n 
1 37  ILE n 
1 38  LEU n 
1 39  LEU n 
1 40  ALA n 
1 41  GLU n 
1 42  GLY n 
1 43  GLN n 
1 44  LYS n 
1 45  SER n 
1 46  ALA n 
1 47  VAL n 
1 48  THR n 
1 49  GLU n 
1 50  TYR n 
1 51  TYR n 
1 52  LEU n 
1 53  ASN n 
1 54  HIS n 
1 55  GLY n 
1 56  GLU n 
1 57  TRP n 
1 58  PRO n 
1 59  GLY n 
1 60  ASP n 
1 61  ASN n 
1 62  SER n 
1 63  SER n 
1 64  ALA n 
1 65  GLY n 
1 66  VAL n 
1 67  ALA n 
1 68  THR n 
1 69  SER n 
1 70  ALA n 
1 71  ASP n 
1 72  ILE n 
1 73  LYS n 
1 74  GLY n 
1 75  LYS n 
1 76  TYR n 
1 77  VAL n 
1 78  GLN n 
1 79  SER n 
1 80  VAL n 
1 81  THR n 
1 82  VAL n 
1 83  ALA n 
1 84  ASN n 
1 85  GLY n 
1 86  VAL n 
1 87  ILE n 
1 88  THR n 
1 89  ALA n 
1 90  GLN n 
1 91  MET n 
1 92  ALA n 
1 93  SER n 
1 94  SER n 
1 95  ASN n 
1 96  VAL n 
1 97  ASN n 
1 98  ASN n 
1 99  GLU n 
1 100 ILE n 
1 101 LYS n 
1 102 SER n 
1 103 LYS n 
1 104 LYS n 
1 105 LEU n 
1 106 SER n 
1 107 LEU n 
1 108 TRP n 
1 109 ALA n 
1 110 LYS n 
1 111 ARG n 
1 112 GLN n 
1 113 ASN n 
1 114 GLY n 
1 115 SER n 
1 116 VAL n 
1 117 LYS n 
1 118 TRP n 
1 119 PHE n 
1 120 CYS n 
1 121 GLY n 
1 122 GLN n 
1 123 PRO n 
1 124 VAL n 
1 125 THR n 
1 126 ARG n 
1 127 THR n 
1 128 THR n 
1 129 ALA n 
1 130 THR n 
1 131 ALA n 
1 132 THR n 
1 133 ASP n 
1 134 VAL n 
1 135 ALA n 
1 136 ALA n 
1 137 ALA n 
1 138 ASN n 
1 139 GLY n 
1 140 LYS n 
1 141 THR n 
1 142 ASP n 
1 143 ASP n 
1 144 LYS n 
1 145 ILE n 
1 146 ASN n 
1 147 THR n 
1 148 LYS n 
1 149 HIS n 
1 150 LEU n 
1 151 PRO n 
1 152 SER n 
1 153 THR n 
1 154 CYS n 
1 155 ARG n 
1 156 ASP n 
1 157 ASP n 
1 158 SER n 
1 159 SER n 
1 160 ALA n 
1 161 SER n 
# 
_entity_src_nat.entity_id                  1 
_entity_src_nat.pdbx_src_id                1 
_entity_src_nat.pdbx_alt_source_flag       sample 
_entity_src_nat.pdbx_beg_seq_num           1 
_entity_src_nat.pdbx_end_seq_num           161 
_entity_src_nat.common_name                ? 
_entity_src_nat.pdbx_organism_scientific   'Neisseria meningitidis 8013' 
_entity_src_nat.pdbx_ncbi_taxonomy_id      604162 
_entity_src_nat.genus                      ? 
_entity_src_nat.species                    ? 
_entity_src_nat.strain                     ? 
_entity_src_nat.tissue                     ? 
_entity_src_nat.tissue_fraction            ? 
_entity_src_nat.pdbx_secretion             ? 
_entity_src_nat.pdbx_fragment              ? 
_entity_src_nat.pdbx_variant               ? 
_entity_src_nat.pdbx_cell_line             ? 
_entity_src_nat.pdbx_atcc                  ? 
_entity_src_nat.pdbx_cellular_location     ? 
_entity_src_nat.pdbx_organ                 ? 
_entity_src_nat.pdbx_organelle             ? 
_entity_src_nat.pdbx_cell                  ? 
_entity_src_nat.pdbx_plasmid_name          ? 
_entity_src_nat.pdbx_plasmid_details       ? 
_entity_src_nat.details                    ? 
# 
loop_
_chem_comp.id 
_chem_comp.type 
_chem_comp.mon_nstd_flag 
_chem_comp.name 
_chem_comp.pdbx_synonyms 
_chem_comp.formula 
_chem_comp.formula_weight 
ALA 'L-peptide linking' y ALANINE ? 'C3 H7 N O2'     89.093  
ARG 'L-peptide linking' y ARGININE ? 'C6 H15 N4 O2 1' 175.209 
ASN 'L-peptide linking' y ASPARAGINE ? 'C4 H8 N2 O3'    132.118 
ASP 'L-peptide linking' y 'ASPARTIC ACID' ? 'C4 H7 N O4'     133.103 
CYS 'L-peptide linking' y CYSTEINE ? 'C3 H7 N O2 S'   121.158 
G3P non-polymer         . SN-GLYCEROL-3-PHOSPHATE ? 'C3 H9 O6 P'     172.074 
GLN 'L-peptide linking' y GLUTAMINE ? 'C5 H10 N2 O3'   146.144 
GLU 'L-peptide linking' y 'GLUTAMIC ACID' ? 'C5 H9 N O4'     147.129 
GLY 'peptide linking'   y GLYCINE ? 'C2 H5 N O2'     75.067  
HIS 'L-peptide linking' y HISTIDINE ? 'C6 H10 N3 O2 1' 156.162 
ILE 'L-peptide linking' y ISOLEUCINE ? 'C6 H13 N O2'    131.173 
LEU 'L-peptide linking' y LEUCINE ? 'C6 H13 N O2'    131.173 
LYS 'L-peptide linking' y LYSINE ? 'C6 H15 N2 O2 1' 147.195 
MET 'L-peptide linking' y METHIONINE ? 'C5 H11 N O2 S'  149.211 
PHE 'L-peptide linking' y PHENYLALANINE ? 'C9 H11 N O2'    165.189 
PRO 'L-peptide linking' y PROLINE ? 'C5 H9 N O2'     115.130 
SER 'L-peptide linking' y SERINE ? 'C3 H7 N O3'     105.093 
THR 'L-peptide linking' y THREONINE ? 'C4 H9 N O3'     119.119 
TRP 'L-peptide linking' y TRYPTOPHAN ? 'C11 H12 N2 O2'  204.225 
TYR 'L-peptide linking' y TYROSINE ? 'C9 H11 N O3'    181.189 
VAL 'L-peptide linking' y VALINE ? 'C5 H11 N O2'    117.146 
WKE non-polymer         . 
'(2~{R})-~{N}-[(2~{R},3~{S},4~{S},5~{R},6~{R})-5-acetamido-2-methyl-4,6-bis(oxidanyl)oxan-3-yl]-2,3-bis(oxidanyl)propanamide' ? 
'C11 H20 N2 O7'  292.286 
# 
loop_
_pdbx_poly_seq_scheme.asym_id 
_pdbx_poly_seq_scheme.entity_id 
_pdbx_poly_seq_scheme.seq_id 
_pdbx_poly_seq_scheme.mon_id 
_pdbx_poly_seq_scheme.ndb_seq_num 
_pdbx_poly_seq_scheme.pdb_seq_num 
_pdbx_poly_seq_scheme.auth_seq_num 
_pdbx_poly_seq_scheme.pdb_mon_id 
_pdbx_poly_seq_scheme.auth_mon_id 
_pdbx_poly_seq_scheme.pdb_strand_id 
_pdbx_poly_seq_scheme.pdb_ins_code 
_pdbx_poly_seq_scheme.hetero 
A 1 1   PHE 1   1   1   PHE PHE A . n 
A 1 2   THR 2   2   2   THR THR A . n 
A 1 3   LEU 3   3   3   LEU LEU A . n 
A 1 4   ILE 4   4   4   ILE ILE A . n 
A 1 5   GLU 5   5   5   GLU GLU A . n 
A 1 6   LEU 6   6   6   LEU LEU A . n 
A 1 7   MET 7   7   7   MET MET A . n 
A 1 8   ILE 8   8   8   ILE ILE A . n 
A 1 9   VAL 9   9   9   VAL VAL A . n 
A 1 10  ILE 10  10  10  ILE ILE A . n 
A 1 11  ALA 11  11  11  ALA ALA A . n 
A 1 12  ILE 12  12  12  ILE ILE A . n 
A 1 13  VAL 13  13  13  VAL VAL A . n 
A 1 14  GLY 14  14  14  GLY GLY A . n 
A 1 15  ILE 15  15  15  ILE ILE A . n 
A 1 16  LEU 16  16  16  LEU LEU A . n 
A 1 17  ALA 17  17  17  ALA ALA A . n 
A 1 18  ALA 18  18  18  ALA ALA A . n 
A 1 19  VAL 19  19  19  VAL VAL A . n 
A 1 20  ALA 20  20  20  ALA ALA A . n 
A 1 21  LEU 21  21  21  LEU LEU A . n 
A 1 22  PRO 22  22  22  PRO PRO A . n 
A 1 23  ALA 23  23  23  ALA ALA A . n 
A 1 24  TYR 24  24  24  TYR TYR A . n 
A 1 25  GLN 25  25  25  GLN GLN A . n 
A 1 26  ASP 26  26  26  ASP ASP A . n 
A 1 27  TYR 27  27  27  TYR TYR A . n 
A 1 28  THR 28  28  28  THR THR A . n 
A 1 29  ALA 29  29  29  ALA ALA A . n 
A 1 30  ARG 30  30  30  ARG ARG A . n 
A 1 31  ALA 31  31  31  ALA ALA A . n 
A 1 32  GLN 32  32  32  GLN GLN A . n 
A 1 33  VAL 33  33  33  VAL VAL A . n 
A 1 34  SER 34  34  34  SER SER A . n 
A 1 35  GLU 35  35  35  GLU GLU A . n 
A 1 36  ALA 36  36  36  ALA ALA A . n 
A 1 37  ILE 37  37  37  ILE ILE A . n 
A 1 38  LEU 38  38  38  LEU LEU A . n 
A 1 39  LEU 39  39  39  LEU LEU A . n 
A 1 40  ALA 40  40  40  ALA ALA A . n 
A 1 41  GLU 41  41  41  GLU GLU A . n 
A 1 42  GLY 42  42  42  GLY GLY A . n 
A 1 43  GLN 43  43  43  GLN GLN A . n 
A 1 44  LYS 44  44  44  LYS LYS A . n 
A 1 45  SER 45  45  45  SER SER A . n 
A 1 46  ALA 46  46  46  ALA ALA A . n 
A 1 47  VAL 47  47  47  VAL VAL A . n 
A 1 48  THR 48  48  48  THR THR A . n 
A 1 49  GLU 49  49  49  GLU GLU A . n 
A 1 50  TYR 50  50  50  TYR TYR A . n 
A 1 51  TYR 51  51  51  TYR TYR A . n 
A 1 52  LEU 52  52  52  LEU LEU A . n 
A 1 53  ASN 53  53  53  ASN ASN A . n 
A 1 54  HIS 54  54  54  HIS HIS A . n 
A 1 55  GLY 55  55  55  GLY GLY A . n 
A 1 56  GLU 56  56  56  GLU GLU A . n 
A 1 57  TRP 57  57  57  TRP TRP A . n 
A 1 58  PRO 58  58  58  PRO PRO A . n 
A 1 59  GLY 59  59  59  GLY GLY A . n 
A 1 60  ASP 60  60  60  ASP ASP A . n 
A 1 61  ASN 61  61  61  ASN ASN A . n 
A 1 62  SER 62  62  62  SER SER A . n 
A 1 63  SER 63  63  63  SER SER A . n 
A 1 64  ALA 64  64  64  ALA ALA A . n 
A 1 65  GLY 65  65  65  GLY GLY A . n 
A 1 66  VAL 66  66  66  VAL VAL A . n 
A 1 67  ALA 67  67  67  ALA ALA A . n 
A 1 68  THR 68  68  68  THR THR A . n 
A 1 69  SER 69  69  69  SER SER A . n 
A 1 70  ALA 70  70  70  ALA ALA A . n 
A 1 71  ASP 71  71  71  ASP ASP A . n 
A 1 72  ILE 72  72  72  ILE ILE A . n 
A 1 73  LYS 73  73  73  LYS LYS A . n 
A 1 74  GLY 74  74  74  GLY GLY A . n 
A 1 75  LYS 75  75  75  LYS LYS A . n 
A 1 76  TYR 76  76  76  TYR TYR A . n 
A 1 77  VAL 77  77  77  VAL VAL A . n 
A 1 78  GLN 78  78  78  GLN GLN A . n 
A 1 79  SER 79  79  79  SER SER A . n 
A 1 80  VAL 80  80  80  VAL VAL A . n 
A 1 81  THR 81  81  81  THR THR A . n 
A 1 82  VAL 82  82  82  VAL VAL A . n 
A 1 83  ALA 83  83  83  ALA ALA A . n 
A 1 84  ASN 84  84  84  ASN ASN A . n 
A 1 85  GLY 85  85  85  GLY GLY A . n 
A 1 86  VAL 86  86  86  VAL VAL A . n 
A 1 87  ILE 87  87  87  ILE ILE A . n 
A 1 88  THR 88  88  88  THR THR A . n 
A 1 89  ALA 89  89  89  ALA ALA A . n 
A 1 90  GLN 90  90  90  GLN GLN A . n 
A 1 91  MET 91  91  91  MET MET A . n 
A 1 92  ALA 92  92  92  ALA ALA A . n 
A 1 93  SER 93  93  93  SER SER A . n 
A 1 94  SER 94  94  94  SER SER A . n 
A 1 95  ASN 95  95  95  ASN ASN A . n 
A 1 96  VAL 96  96  96  VAL VAL A . n 
A 1 97  ASN 97  97  97  ASN ASN A . n 
A 1 98  ASN 98  98  98  ASN ASN A . n 
A 1 99  GLU 99  99  99  GLU GLU A . n 
A 1 100 ILE 100 100 100 ILE ILE A . n 
A 1 101 LYS 101 101 101 LYS LYS A . n 
A 1 102 SER 102 102 102 SER SER A . n 
A 1 103 LYS 103 103 103 LYS LYS A . n 
A 1 104 LYS 104 104 104 LYS LYS A . n 
A 1 105 LEU 105 105 105 LEU LEU A . n 
A 1 106 SER 106 106 106 SER SER A . n 
A 1 107 LEU 107 107 107 LEU LEU A . n 
A 1 108 TRP 108 108 108 TRP TRP A . n 
A 1 109 ALA 109 109 109 ALA ALA A . n 
A 1 110 LYS 110 110 110 LYS LYS A . n 
A 1 111 ARG 111 111 111 ARG ARG A . n 
A 1 112 GLN 112 112 112 GLN GLN A . n 
A 1 113 ASN 113 113 113 ASN ASN A . n 
A 1 114 GLY 114 114 114 GLY GLY A . n 
A 1 115 SER 115 115 115 SER SER A . n 
A 1 116 VAL 116 116 116 VAL VAL A . n 
A 1 117 LYS 117 117 117 LYS LYS A . n 
A 1 118 TRP 118 118 118 TRP TRP A . n 
A 1 119 PHE 119 119 119 PHE PHE A . n 
A 1 120 CYS 120 120 120 CYS CYS A . n 
A 1 121 GLY 121 121 121 GLY GLY A . n 
A 1 122 GLN 122 122 122 GLN GLN A . n 
A 1 123 PRO 123 123 123 PRO PRO A . n 
A 1 124 VAL 124 124 124 VAL VAL A . n 
A 1 125 THR 125 125 125 THR THR A . n 
A 1 126 ARG 126 126 126 ARG ARG A . n 
A 1 127 THR 127 127 127 THR THR A . n 
A 1 128 THR 128 128 128 THR THR A . n 
A 1 129 ALA 129 129 129 ALA ALA A . n 
A 1 130 THR 130 130 130 THR THR A . n 
A 1 131 ALA 131 131 131 ALA ALA A . n 
A 1 132 THR 132 132 132 THR THR A . n 
A 1 133 ASP 133 133 133 ASP ASP A . n 
A 1 134 VAL 134 134 134 VAL VAL A . n 
A 1 135 ALA 135 135 135 ALA ALA A . n 
A 1 136 ALA 136 136 136 ALA ALA A . n 
A 1 137 ALA 137 137 137 ALA ALA A . n 
A 1 138 ASN 138 138 138 ASN ASN A . n 
A 1 139 GLY 139 139 139 GLY GLY A . n 
A 1 140 LYS 140 140 140 LYS LYS A . n 
A 1 141 THR 141 141 141 THR THR A . n 
A 1 142 ASP 142 142 142 ASP ASP A . n 
A 1 143 ASP 143 143 143 ASP ASP A . n 
A 1 144 LYS 144 144 144 LYS LYS A . n 
A 1 145 ILE 145 145 145 ILE ILE A . n 
A 1 146 ASN 146 146 146 ASN ASN A . n 
A 1 147 THR 147 147 147 THR THR A . n 
A 1 148 LYS 148 148 148 LYS LYS A . n 
A 1 149 HIS 149 149 149 HIS HIS A . n 
A 1 150 LEU 150 150 150 LEU LEU A . n 
A 1 151 PRO 151 151 151 PRO PRO A . n 
A 1 152 SER 152 152 152 SER SER A . n 
A 1 153 THR 153 153 153 THR THR A . n 
A 1 154 CYS 154 154 154 CYS CYS A . n 
A 1 155 ARG 155 155 155 ARG ARG A . n 
A 1 156 ASP 156 156 156 ASP ASP A . n 
A 1 157 ASP 157 157 157 ASP ASP A . n 
A 1 158 SER 158 158 158 SER SER A . n 
A 1 159 SER 159 159 159 SER SER A . n 
A 1 160 ALA 160 160 160 ALA ALA A . n 
A 1 161 SER 161 161 161 SER SER A . n 
# 
loop_
_pdbx_entity_instance_feature.ordinal 
_pdbx_entity_instance_feature.comp_id 
_pdbx_entity_instance_feature.asym_id 
_pdbx_entity_instance_feature.seq_num 
_pdbx_entity_instance_feature.auth_comp_id 
_pdbx_entity_instance_feature.auth_asym_id 
_pdbx_entity_instance_feature.auth_seq_num 
_pdbx_entity_instance_feature.feature_type 
_pdbx_entity_instance_feature.details 
1 WKE ? ? WKE ? ? 'SUBJECT OF INVESTIGATION' ? 
2 G3P ? ? G3P ? ? 'SUBJECT OF INVESTIGATION' ? 
# 
loop_
_pdbx_nonpoly_scheme.asym_id 
_pdbx_nonpoly_scheme.entity_id 
_pdbx_nonpoly_scheme.mon_id 
_pdbx_nonpoly_scheme.ndb_seq_num 
_pdbx_nonpoly_scheme.pdb_seq_num 
_pdbx_nonpoly_scheme.auth_seq_num 
_pdbx_nonpoly_scheme.pdb_mon_id 
_pdbx_nonpoly_scheme.auth_mon_id 
_pdbx_nonpoly_scheme.pdb_strand_id 
_pdbx_nonpoly_scheme.pdb_ins_code 
B 2 G3P 1 201 162 G3P G3P A . 
C 3 WKE 1 202 163 WKE GAT A . 
# 
loop_
_software.citation_id 
_software.classification 
_software.compiler_name 
_software.compiler_version 
_software.contact_author 
_software.contact_author_email 
_software.date 
_software.description 
_software.dependencies 
_software.hardware 
_software.language 
_software.location 
_software.mods 
_software.name 
_software.os 
_software.os_version 
_software.type 
_software.version 
_software.pdbx_ordinal 
? refinement ? ? 'Pavel Afonine' pafonine@lbl.gov ? ? ? ? Python/C++ https://www.phenix-online.org/ ? phenix.real_space_refine ? ? 
program 1.20.1_4487 1 
? refinement ? ? 'Paul D. Adams' pdadams@lbl.gov  ? ? ? ? Python/C++ https://www.phenix-online.org/ ? PHENIX                   ? ? 
program 1.20.1_4487 2 
# 
_cell.angle_alpha                  90.00 
_cell.angle_alpha_esd              ? 
_cell.angle_beta                   90.00 
_cell.angle_beta_esd               ? 
_cell.angle_gamma                  90.00 
_cell.angle_gamma_esd              ? 
_cell.entry_id                     8P2V 
_cell.details                      ? 
_cell.formula_units_Z              ? 
_cell.length_a                     1.00 
_cell.length_a_esd                 ? 
_cell.length_b                     1.00 
_cell.length_b_esd                 ? 
_cell.length_c                     1.00 
_cell.length_c_esd                 ? 
_cell.volume                       ? 
_cell.volume_esd                   ? 
_cell.Z_PDB                        ? 
_cell.reciprocal_angle_alpha       ? 
_cell.reciprocal_angle_beta        ? 
_cell.reciprocal_angle_gamma       ? 
_cell.reciprocal_angle_alpha_esd   ? 
_cell.reciprocal_angle_beta_esd    ? 
_cell.reciprocal_angle_gamma_esd   ? 
_cell.reciprocal_length_a          ? 
_cell.reciprocal_length_b          ? 
_cell.reciprocal_length_c          ? 
_cell.reciprocal_length_a_esd      ? 
_cell.reciprocal_length_b_esd      ? 
_cell.reciprocal_length_c_esd      ? 
_cell.pdbx_unique_axis             ? 
_cell.pdbx_esd_method              ? 
# 
_symmetry.entry_id                         8P2V 
_symmetry.cell_setting                     ? 
_symmetry.Int_Tables_number                1 
_symmetry.space_group_name_Hall            ? 
_symmetry.space_group_name_H-M             'P 1' 
_symmetry.pdbx_full_space_group_name_H-M   ? 
# 
_exptl.absorpt_coefficient_mu     ? 
_exptl.absorpt_correction_T_max   ? 
_exptl.absorpt_correction_T_min   ? 
_exptl.absorpt_correction_type    ? 
_exptl.absorpt_process_details    ? 
_exptl.entry_id                   8P2V 
_exptl.crystals_number            ? 
_exptl.details                    ? 
_exptl.method                     'ELECTRON MICROSCOPY' 
_exptl.method_details             ? 
# 
_refine.aniso_B[1][1]                            ? 
_refine.aniso_B[1][2]                            ? 
_refine.aniso_B[1][3]                            ? 
_refine.aniso_B[2][2]                            ? 
_refine.aniso_B[2][3]                            ? 
_refine.aniso_B[3][3]                            ? 
_refine.B_iso_max                                ? 
_refine.B_iso_mean                               51.90 
_refine.B_iso_min                                ? 
_refine.correlation_coeff_Fo_to_Fc               ? 
_refine.correlation_coeff_Fo_to_Fc_free          ? 
_refine.details                                  ? 
_refine.diff_density_max                         ? 
_refine.diff_density_max_esd                     ? 
_refine.diff_density_min                         ? 
_refine.diff_density_min_esd                     ? 
_refine.diff_density_rms                         ? 
_refine.diff_density_rms_esd                     ? 
_refine.entry_id                                 8P2V 
_refine.pdbx_refine_id                           'ELECTRON MICROSCOPY' 
_refine.ls_abs_structure_details                 ? 
_refine.ls_abs_structure_Flack                   ? 
_refine.ls_abs_structure_Flack_esd               ? 
_refine.ls_abs_structure_Rogers                  ? 
_refine.ls_abs_structure_Rogers_esd              ? 
_refine.ls_d_res_high                            . 
_refine.ls_d_res_low                             ? 
_refine.ls_extinction_coef                       ? 
_refine.ls_extinction_coef_esd                   ? 
_refine.ls_extinction_expression                 ? 
_refine.ls_extinction_method                     ? 
_refine.ls_goodness_of_fit_all                   ? 
_refine.ls_goodness_of_fit_all_esd               ? 
_refine.ls_goodness_of_fit_obs                   ? 
_refine.ls_goodness_of_fit_obs_esd               ? 
_refine.ls_hydrogen_treatment                    ? 
_refine.ls_matrix_type                           ? 
_refine.ls_number_constraints                    ? 
_refine.ls_number_parameters                     ? 
_refine.ls_number_reflns_all                     ? 
_refine.ls_number_reflns_obs                     ? 
_refine.ls_number_reflns_R_free                  ? 
_refine.ls_number_reflns_R_work                  ? 
_refine.ls_number_restraints                     ? 
_refine.ls_percent_reflns_obs                    ? 
_refine.ls_percent_reflns_R_free                 ? 
_refine.ls_R_factor_all                          ? 
_refine.ls_R_factor_obs                          ? 
_refine.ls_R_factor_R_free                       ? 
_refine.ls_R_factor_R_free_error                 ? 
_refine.ls_R_factor_R_free_error_details         ? 
_refine.ls_R_factor_R_work                       ? 
_refine.ls_R_Fsqd_factor_obs                     ? 
_refine.ls_R_I_factor_obs                        ? 
_refine.ls_redundancy_reflns_all                 ? 
_refine.ls_redundancy_reflns_obs                 ? 
_refine.ls_restrained_S_all                      ? 
_refine.ls_restrained_S_obs                      ? 
_refine.ls_shift_over_esd_max                    ? 
_refine.ls_shift_over_esd_mean                   ? 
_refine.ls_structure_factor_coef                 ? 
_refine.ls_weighting_details                     ? 
_refine.ls_weighting_scheme                      ? 
_refine.ls_wR_factor_all                         ? 
_refine.ls_wR_factor_obs                         ? 
_refine.ls_wR_factor_R_free                      ? 
_refine.ls_wR_factor_R_work                      ? 
_refine.occupancy_max                            ? 
_refine.occupancy_min                            ? 
_refine.solvent_model_details                    ? 
_refine.solvent_model_param_bsol                 ? 
_refine.solvent_model_param_ksol                 ? 
_refine.pdbx_R_complete                          ? 
_refine.ls_R_factor_gt                           ? 
_refine.ls_goodness_of_fit_gt                    ? 
_refine.ls_goodness_of_fit_ref                   ? 
_refine.ls_shift_over_su_max                     ? 
_refine.ls_shift_over_su_max_lt                  ? 
_refine.ls_shift_over_su_mean                    ? 
_refine.ls_shift_over_su_mean_lt                 ? 
_refine.pdbx_ls_sigma_I                          ? 
_refine.pdbx_ls_sigma_F                          ? 
_refine.pdbx_ls_sigma_Fsqd                       ? 
_refine.pdbx_data_cutoff_high_absF               ? 
_refine.pdbx_data_cutoff_high_rms_absF           ? 
_refine.pdbx_data_cutoff_low_absF                ? 
_refine.pdbx_isotropic_thermal_model             ? 
_refine.pdbx_ls_cross_valid_method               NONE 
_refine.pdbx_method_to_determine_struct          ? 
_refine.pdbx_starting_model                      ? 
_refine.pdbx_stereochemistry_target_values       'GeoStd + Monomer Library + CDL v1.2' 
_refine.pdbx_R_Free_selection_details            ? 
_refine.pdbx_stereochem_target_val_spec_case     ? 
_refine.pdbx_overall_ESU_R                       ? 
_refine.pdbx_overall_ESU_R_Free                  ? 
_refine.pdbx_solvent_vdw_probe_radii             ? 
_refine.pdbx_solvent_ion_probe_radii             ? 
_refine.pdbx_solvent_shrinkage_radii             ? 
_refine.pdbx_real_space_R                        ? 
_refine.pdbx_density_correlation                 ? 
_refine.pdbx_pd_number_of_powder_patterns        ? 
_refine.pdbx_pd_number_of_points                 ? 
_refine.pdbx_pd_meas_number_of_points            ? 
_refine.pdbx_pd_proc_ls_prof_R_factor            ? 
_refine.pdbx_pd_proc_ls_prof_wR_factor           ? 
_refine.pdbx_pd_Marquardt_correlation_coeff      ? 
_refine.pdbx_pd_Fsqrd_R_factor                   ? 
_refine.pdbx_pd_ls_matrix_band_width             ? 
_refine.pdbx_overall_phase_error                 ? 
_refine.pdbx_overall_SU_R_free_Cruickshank_DPI   ? 
_refine.pdbx_overall_SU_R_free_Blow_DPI          ? 
_refine.pdbx_overall_SU_R_Blow_DPI               ? 
_refine.pdbx_TLS_residual_ADP_flag               ? 
_refine.pdbx_diffrn_id                           ? 
_refine.overall_SU_B                             ? 
_refine.overall_SU_ML                            ? 
_refine.overall_SU_R_Cruickshank_DPI             ? 
_refine.overall_SU_R_free                        ? 
_refine.overall_FOM_free_R_set                   ? 
_refine.overall_FOM_work_R_set                   ? 
_refine.pdbx_average_fsc_overall                 ? 
_refine.pdbx_average_fsc_work                    ? 
_refine.pdbx_average_fsc_free                    ? 
# 
loop_
_refine_ls_restr.pdbx_refine_id 
_refine_ls_restr.criterion 
_refine_ls_restr.dev_ideal 
_refine_ls_restr.dev_ideal_target 
_refine_ls_restr.number 
_refine_ls_restr.rejects 
_refine_ls_restr.type 
_refine_ls_restr.weight 
_refine_ls_restr.pdbx_restraint_function 
'ELECTRON MICROSCOPY' ? 0.0018 ? 1243 ? f_bond_d           ? ? 
'ELECTRON MICROSCOPY' ? 0.4097 ? 1692 ? f_angle_d          ? ? 
'ELECTRON MICROSCOPY' ? 0.0389 ? 205  ? f_chiral_restr     ? ? 
'ELECTRON MICROSCOPY' ? 0.0027 ? 213  ? f_plane_restr      ? ? 
'ELECTRON MICROSCOPY' ? 3.3569 ? 186  ? f_dihedral_angle_d ? ? 
# 
_struct.entry_id                     8P2V 
_struct.title                        'Neisseria meningitidis Type IV pilus SB-GATDH variant' 
_struct.pdbx_model_details           ? 
_struct.pdbx_formula_weight          ? 
_struct.pdbx_formula_weight_method   ? 
_struct.pdbx_model_type_details      ? 
_struct.pdbx_CASP_flag               N 
# 
_struct_keywords.entry_id        8P2V 
_struct_keywords.text            'Pilin, Extracellular, Adhesion, Aggregation, PROTEIN FIBRIL' 
_struct_keywords.pdbx_keywords   'PROTEIN FIBRIL' 
# 
loop_
_struct_asym.id 
_struct_asym.pdbx_blank_PDB_chainid_flag 
_struct_asym.pdbx_modified 
_struct_asym.entity_id 
_struct_asym.details 
A N N 1 ? 
B N N 2 ? 
C N N 3 ? 
# 
_struct_ref.id                         1 
_struct_ref.db_name                    PDB 
_struct_ref.db_code                    8P2V 
_struct_ref.pdbx_db_accession          8P2V 
_struct_ref.pdbx_db_isoform            ? 
_struct_ref.entity_id                  1 
_struct_ref.pdbx_seq_one_letter_code   ? 
_struct_ref.pdbx_align_begin           1 
# 
_struct_ref_seq.align_id                      1 
_struct_ref_seq.ref_id                        1 
_struct_ref_seq.pdbx_PDB_id_code              8P2V 
_struct_ref_seq.pdbx_strand_id                A 
_struct_ref_seq.seq_align_beg                 1 
_struct_ref_seq.pdbx_seq_align_beg_ins_code   ? 
_struct_ref_seq.seq_align_end                 161 
_struct_ref_seq.pdbx_seq_align_end_ins_code   ? 
_struct_ref_seq.pdbx_db_accession             8P2V 
_struct_ref_seq.db_align_beg                  1 
_struct_ref_seq.pdbx_db_align_beg_ins_code    ? 
_struct_ref_seq.db_align_end                  161 
_struct_ref_seq.pdbx_db_align_end_ins_code    ? 
_struct_ref_seq.pdbx_auth_seq_align_beg       1 
_struct_ref_seq.pdbx_auth_seq_align_end       161 
# 
_pdbx_struct_assembly.id                   1 
_pdbx_struct_assembly.details              author_defined_assembly 
_pdbx_struct_assembly.method_details       ? 
_pdbx_struct_assembly.oligomeric_details   monomeric 
_pdbx_struct_assembly.oligomeric_count     1 
# 
_pdbx_struct_assembly_gen.assembly_id       1 
_pdbx_struct_assembly_gen.oper_expression   1 
_pdbx_struct_assembly_gen.asym_id_list      A,B,C 
# 
_pdbx_struct_assembly_auth_evidence.id                     1 
_pdbx_struct_assembly_auth_evidence.assembly_id            1 
_pdbx_struct_assembly_auth_evidence.experimental_support   'electron microscopy' 
_pdbx_struct_assembly_auth_evidence.details                ? 
# 
_pdbx_struct_oper_list.id                   1 
_pdbx_struct_oper_list.type                 'identity operation' 
_pdbx_struct_oper_list.name                 1_555 
_pdbx_struct_oper_list.symmetry_operation   ? 
_pdbx_struct_oper_list.matrix[1][1]         1.0000000000 
_pdbx_struct_oper_list.matrix[1][2]         0.0000000000 
_pdbx_struct_oper_list.matrix[1][3]         0.0000000000 
_pdbx_struct_oper_list.vector[1]            0.0000000000 
_pdbx_struct_oper_list.matrix[2][1]         0.0000000000 
_pdbx_struct_oper_list.matrix[2][2]         1.0000000000 
_pdbx_struct_oper_list.matrix[2][3]         0.0000000000 
_pdbx_struct_oper_list.vector[2]            0.0000000000 
_pdbx_struct_oper_list.matrix[3][1]         0.0000000000 
_pdbx_struct_oper_list.matrix[3][2]         0.0000000000 
_pdbx_struct_oper_list.matrix[3][3]         1.0000000000 
_pdbx_struct_oper_list.vector[3]            0.0000000000 
# 
loop_
_struct_conf.conf_type_id 
_struct_conf.id 
_struct_conf.pdbx_PDB_helix_id 
_struct_conf.beg_label_comp_id 
_struct_conf.beg_label_asym_id 
_struct_conf.beg_label_seq_id 
_struct_conf.pdbx_beg_PDB_ins_code 
_struct_conf.end_label_comp_id 
_struct_conf.end_label_asym_id 
_struct_conf.end_label_seq_id 
_struct_conf.pdbx_end_PDB_ins_code 
_struct_conf.beg_auth_comp_id 
_struct_conf.beg_auth_asym_id 
_struct_conf.beg_auth_seq_id 
_struct_conf.end_auth_comp_id 
_struct_conf.end_auth_asym_id 
_struct_conf.end_auth_seq_id 
_struct_conf.pdbx_PDB_helix_class 
_struct_conf.details 
_struct_conf.pdbx_PDB_helix_length 
HELX_P HELX_P1 AA1 THR A 2   ? ALA A 18  ? THR A 2   ALA A 18  1 ? 17 
HELX_P HELX_P2 AA2 ALA A 23  ? GLY A 42  ? ALA A 23  GLY A 42  1 ? 20 
HELX_P HELX_P3 AA3 GLN A 43  ? GLY A 55  ? GLN A 43  GLY A 55  1 ? 13 
HELX_P HELX_P4 AA4 ASP A 60  ? GLY A 65  ? ASP A 60  GLY A 65  1 ? 6  
HELX_P HELX_P5 AA5 THR A 68  ? ILE A 72  ? THR A 68  ILE A 72  5 ? 5  
HELX_P HELX_P6 AA6 ASN A 146 ? LEU A 150 ? ASN A 146 LEU A 150 5 ? 5  
# 
_struct_conf_type.id          HELX_P 
_struct_conf_type.criteria    ? 
_struct_conf_type.reference   ? 
# 
loop_
_struct_conn.id 
_struct_conn.conn_type_id 
_struct_conn.pdbx_leaving_atom_flag 
_struct_conn.pdbx_PDB_id 
_struct_conn.ptnr1_label_asym_id 
_struct_conn.ptnr1_label_comp_id 
_struct_conn.ptnr1_label_seq_id 
_struct_conn.ptnr1_label_atom_id 
_struct_conn.pdbx_ptnr1_label_alt_id 
_struct_conn.pdbx_ptnr1_PDB_ins_code 
_struct_conn.pdbx_ptnr1_standard_comp_id 
_struct_conn.ptnr1_symmetry 
_struct_conn.ptnr2_label_asym_id 
_struct_conn.ptnr2_label_comp_id 
_struct_conn.ptnr2_label_seq_id 
_struct_conn.ptnr2_label_atom_id 
_struct_conn.pdbx_ptnr2_label_alt_id 
_struct_conn.pdbx_ptnr2_PDB_ins_code 
_struct_conn.ptnr1_auth_asym_id 
_struct_conn.ptnr1_auth_comp_id 
_struct_conn.ptnr1_auth_seq_id 
_struct_conn.ptnr2_auth_asym_id 
_struct_conn.ptnr2_auth_comp_id 
_struct_conn.ptnr2_auth_seq_id 
_struct_conn.ptnr2_symmetry 
_struct_conn.pdbx_ptnr3_label_atom_id 
_struct_conn.pdbx_ptnr3_label_seq_id 
_struct_conn.pdbx_ptnr3_label_comp_id 
_struct_conn.pdbx_ptnr3_label_asym_id 
_struct_conn.pdbx_ptnr3_label_alt_id 
_struct_conn.pdbx_ptnr3_PDB_ins_code 
_struct_conn.details 
_struct_conn.pdbx_dist_value 
_struct_conn.pdbx_value_order 
_struct_conn.pdbx_role 
disulf1 disulf ?    ? A CYS 120 SG ? ? ? 1_555 A CYS 154 SG  ? ? A CYS 120 A CYS 154 1_555 ? ? ? ? ? ? ? 2.030 ? ? 
covale1 covale one  ? A SER 63  OG ? ? ? 1_555 C WKE .   C2  ? ? A SER 63  A WKE 202 1_555 ? ? ? ? ? ? ? 1.433 ? ? 
covale2 covale none ? A SER 69  CB ? ? ? 1_555 B G3P .   O4P ? ? A SER 69  A G3P 201 1_555 ? ? ? ? ? ? ? 1.399 ? ? 
# 
loop_
_struct_conn_type.id 
_struct_conn_type.criteria 
_struct_conn_type.reference 
disulf ? ? 
covale ? ? 
# 
loop_
_pdbx_modification_feature.ordinal 
_pdbx_modification_feature.label_comp_id 
_pdbx_modification_feature.label_asym_id 
_pdbx_modification_feature.label_seq_id 
_pdbx_modification_feature.label_alt_id 
_pdbx_modification_feature.modified_residue_label_comp_id 
_pdbx_modification_feature.modified_residue_label_asym_id 
_pdbx_modification_feature.modified_residue_label_seq_id 
_pdbx_modification_feature.modified_residue_label_alt_id 
_pdbx_modification_feature.auth_comp_id 
_pdbx_modification_feature.auth_asym_id 
_pdbx_modification_feature.auth_seq_id 
_pdbx_modification_feature.PDB_ins_code 
_pdbx_modification_feature.symmetry 
_pdbx_modification_feature.modified_residue_auth_comp_id 
_pdbx_modification_feature.modified_residue_auth_asym_id 
_pdbx_modification_feature.modified_residue_auth_seq_id 
_pdbx_modification_feature.modified_residue_PDB_ins_code 
_pdbx_modification_feature.modified_residue_symmetry 
_pdbx_modification_feature.comp_id_linking_atom 
_pdbx_modification_feature.modified_residue_id_linking_atom 
_pdbx_modification_feature.modified_residue_id 
_pdbx_modification_feature.ref_pcm_id 
_pdbx_modification_feature.ref_comp_id 
_pdbx_modification_feature.type 
_pdbx_modification_feature.category 
1 G3P B .   ? SER A 69  ? G3P A 201 ? 1_555 SER A 69  ? 1_555 O4P CB SER 4 G3P None 'Covalent chemical modification' 
2 WKE C .   ? SER A 63  ? WKE A 202 ? 1_555 SER A 63  ? 1_555 C2  OG SER 1 WKE None 'Covalent chemical modification' 
3 CYS A 120 ? CYS A 154 ? CYS A 120 ? 1_555 CYS A 154 ? 1_555 SG  SG .   . .   None 'Disulfide bridge'               
# 
loop_
_struct_sheet.id 
_struct_sheet.type 
_struct_sheet.number_strands 
_struct_sheet.details 
AA1 ? 4 ? 
AA2 ? 2 ? 
# 
loop_
_struct_sheet_order.sheet_id 
_struct_sheet_order.range_id_1 
_struct_sheet_order.range_id_2 
_struct_sheet_order.offset 
_struct_sheet_order.sense 
AA1 1 2 ? anti-parallel 
AA1 2 3 ? anti-parallel 
AA1 3 4 ? anti-parallel 
AA2 1 2 ? anti-parallel 
# 
loop_
_struct_sheet_range.sheet_id 
_struct_sheet_range.id 
_struct_sheet_range.beg_label_comp_id 
_struct_sheet_range.beg_label_asym_id 
_struct_sheet_range.beg_label_seq_id 
_struct_sheet_range.pdbx_beg_PDB_ins_code 
_struct_sheet_range.end_label_comp_id 
_struct_sheet_range.end_label_asym_id 
_struct_sheet_range.end_label_seq_id 
_struct_sheet_range.pdbx_end_PDB_ins_code 
_struct_sheet_range.beg_auth_comp_id 
_struct_sheet_range.beg_auth_asym_id 
_struct_sheet_range.beg_auth_seq_id 
_struct_sheet_range.end_auth_comp_id 
_struct_sheet_range.end_auth_asym_id 
_struct_sheet_range.end_auth_seq_id 
AA1 1 VAL A 77  ? ALA A 83  ? VAL A 77  ALA A 83  
AA1 2 VAL A 86  ? MET A 91  ? VAL A 86  MET A 91  
AA1 3 LYS A 104 ? ARG A 111 ? LYS A 104 ARG A 111 
AA1 4 VAL A 116 ? GLY A 121 ? VAL A 116 GLY A 121 
AA2 1 VAL A 124 ? THR A 125 ? VAL A 124 THR A 125 
AA2 2 ALA A 135 ? ALA A 136 ? ALA A 135 ALA A 136 
# 
loop_
_pdbx_struct_sheet_hbond.sheet_id 
_pdbx_struct_sheet_hbond.range_id_1 
_pdbx_struct_sheet_hbond.range_id_2 
_pdbx_struct_sheet_hbond.range_1_label_atom_id 
_pdbx_struct_sheet_hbond.range_1_label_comp_id 
_pdbx_struct_sheet_hbond.range_1_label_asym_id 
_pdbx_struct_sheet_hbond.range_1_label_seq_id 
_pdbx_struct_sheet_hbond.range_1_PDB_ins_code 
_pdbx_struct_sheet_hbond.range_1_auth_atom_id 
_pdbx_struct_sheet_hbond.range_1_auth_comp_id 
_pdbx_struct_sheet_hbond.range_1_auth_asym_id 
_pdbx_struct_sheet_hbond.range_1_auth_seq_id 
_pdbx_struct_sheet_hbond.range_2_label_atom_id 
_pdbx_struct_sheet_hbond.range_2_label_comp_id 
_pdbx_struct_sheet_hbond.range_2_label_asym_id 
_pdbx_struct_sheet_hbond.range_2_label_seq_id 
_pdbx_struct_sheet_hbond.range_2_PDB_ins_code 
_pdbx_struct_sheet_hbond.range_2_auth_atom_id 
_pdbx_struct_sheet_hbond.range_2_auth_comp_id 
_pdbx_struct_sheet_hbond.range_2_auth_asym_id 
_pdbx_struct_sheet_hbond.range_2_auth_seq_id 
AA1 1 2 N THR A 81  ? N THR A 81  O THR A 88  ? O THR A 88  
AA1 2 3 N ALA A 89  ? N ALA A 89  O LEU A 105 ? O LEU A 105 
AA1 3 4 N TRP A 108 ? N TRP A 108 O PHE A 119 ? O PHE A 119 
AA2 1 2 N THR A 125 ? N THR A 125 O ALA A 135 ? O ALA A 135 
# 
_pdbx_entry_details.entry_id                   8P2V 
_pdbx_entry_details.has_ligand_of_interest     Y 
_pdbx_entry_details.compound_details           ? 
_pdbx_entry_details.source_details             ? 
_pdbx_entry_details.nonpolymer_details         ? 
_pdbx_entry_details.sequence_details           ? 
_pdbx_entry_details.has_protein_modification   Y 
# 
_pdbx_validate_torsion.id              1 
_pdbx_validate_torsion.PDB_model_num   1 
_pdbx_validate_torsion.auth_comp_id    CYS 
_pdbx_validate_torsion.auth_asym_id    A 
_pdbx_validate_torsion.auth_seq_id     154 
_pdbx_validate_torsion.PDB_ins_code    ? 
_pdbx_validate_torsion.label_alt_id    ? 
_pdbx_validate_torsion.phi             -95.55 
_pdbx_validate_torsion.psi             58.16 
# 
_space_group_symop.id              1 
_space_group_symop.operation_xyz   x,y,z 
# 
_em_3d_fitting.id                1 
_em_3d_fitting.entry_id          8P2V 
_em_3d_fitting.method            ? 
_em_3d_fitting.target_criteria   ? 
_em_3d_fitting.details           ? 
_em_3d_fitting.overall_b_value   ? 
_em_3d_fitting.ref_space         ? 
_em_3d_fitting.ref_protocol      ? 
# 
_em_3d_reconstruction.entry_id                    8P2V 
_em_3d_reconstruction.id                          1 
_em_3d_reconstruction.method                      ? 
_em_3d_reconstruction.algorithm                   ? 
_em_3d_reconstruction.citation_id                 ? 
_em_3d_reconstruction.details                     ? 
_em_3d_reconstruction.resolution                  2.99 
_em_3d_reconstruction.resolution_method           'FSC 0.143 CUT-OFF' 
_em_3d_reconstruction.magnification_calibration   ? 
_em_3d_reconstruction.nominal_pixel_size          ? 
_em_3d_reconstruction.actual_pixel_size           ? 
_em_3d_reconstruction.num_particles               271827 
_em_3d_reconstruction.euler_angles_details        ? 
_em_3d_reconstruction.num_class_averages          ? 
_em_3d_reconstruction.refinement_type             ? 
_em_3d_reconstruction.image_processing_id         1 
_em_3d_reconstruction.symmetry_type               HELICAL 
# 
_em_buffer.id            1 
_em_buffer.specimen_id   1 
_em_buffer.name          ? 
_em_buffer.details       ? 
_em_buffer.pH            7.4 
# 
_em_entity_assembly.id                   1 
_em_entity_assembly.parent_id            0 
_em_entity_assembly.source               NATURAL 
_em_entity_assembly.type                 COMPLEX 
_em_entity_assembly.name                 'PilE variant SB containing GATDH and G3P PTMs' 
_em_entity_assembly.details              ? 
_em_entity_assembly.synonym              ? 
_em_entity_assembly.oligomeric_details   ? 
_em_entity_assembly.entity_id_list       1 
# 
_em_imaging.entry_id                        8P2V 
_em_imaging.id                              1 
_em_imaging.astigmatism                     ? 
_em_imaging.electron_beam_tilt_params       ? 
_em_imaging.residual_tilt                   ? 
_em_imaging.microscope_model                'FEI TITAN KRIOS' 
_em_imaging.specimen_holder_type            ? 
_em_imaging.specimen_holder_model           ? 
_em_imaging.details                         ? 
_em_imaging.date                            ? 
_em_imaging.accelerating_voltage            300 
_em_imaging.illumination_mode               'FLOOD BEAM' 
_em_imaging.mode                            'BRIGHT FIELD' 
_em_imaging.nominal_cs                      ? 
_em_imaging.nominal_defocus_min             800 
_em_imaging.nominal_defocus_max             3000 
_em_imaging.calibrated_defocus_min          ? 
_em_imaging.calibrated_defocus_max          ? 
_em_imaging.tilt_angle_min                  ? 
_em_imaging.tilt_angle_max                  ? 
_em_imaging.nominal_magnification           ? 
_em_imaging.calibrated_magnification        ? 
_em_imaging.electron_source                 'FIELD EMISSION GUN' 
_em_imaging.citation_id                     ? 
_em_imaging.temperature                     ? 
_em_imaging.detector_distance               ? 
_em_imaging.recording_temperature_minimum   ? 
_em_imaging.recording_temperature_maximum   ? 
_em_imaging.alignment_procedure             ? 
_em_imaging.c2_aperture_diameter            ? 
_em_imaging.specimen_id                     1 
_em_imaging.cryogen                         ? 
# 
_em_vitrification.entry_id              8P2V 
_em_vitrification.id                    1 
_em_vitrification.specimen_id           1 
_em_vitrification.cryogen_name          ETHANE 
_em_vitrification.humidity              ? 
_em_vitrification.temp                  ? 
_em_vitrification.chamber_temperature   ? 
_em_vitrification.instrument            ? 
_em_vitrification.method                ? 
_em_vitrification.time_resolved_state   ? 
_em_vitrification.citation_id           ? 
_em_vitrification.details               ? 
# 
_em_experiment.entry_id                8P2V 
_em_experiment.id                      1 
_em_experiment.reconstruction_method   HELICAL 
_em_experiment.aggregation_state       FILAMENT 
_em_experiment.entity_assembly_id      1 
# 
loop_
_chem_comp_atom.comp_id 
_chem_comp_atom.atom_id 
_chem_comp_atom.type_symbol 
_chem_comp_atom.pdbx_aromatic_flag 
_chem_comp_atom.pdbx_stereo_config 
_chem_comp_atom.pdbx_ordinal 
ALA N    N N N 1   
ALA CA   C N S 2   
ALA C    C N N 3   
ALA O    O N N 4   
ALA CB   C N N 5   
ALA OXT  O N N 6   
ALA H    H N N 7   
ALA H2   H N N 8   
ALA HA   H N N 9   
ALA HB1  H N N 10  
ALA HB2  H N N 11  
ALA HB3  H N N 12  
ALA HXT  H N N 13  
ARG N    N N N 14  
ARG CA   C N S 15  
ARG C    C N N 16  
ARG O    O N N 17  
ARG CB   C N N 18  
ARG CG   C N N 19  
ARG CD   C N N 20  
ARG NE   N N N 21  
ARG CZ   C N N 22  
ARG NH1  N N N 23  
ARG NH2  N N N 24  
ARG OXT  O N N 25  
ARG H    H N N 26  
ARG H2   H N N 27  
ARG HA   H N N 28  
ARG HB2  H N N 29  
ARG HB3  H N N 30  
ARG HG2  H N N 31  
ARG HG3  H N N 32  
ARG HD2  H N N 33  
ARG HD3  H N N 34  
ARG HE   H N N 35  
ARG HH11 H N N 36  
ARG HH12 H N N 37  
ARG HH21 H N N 38  
ARG HH22 H N N 39  
ARG HXT  H N N 40  
ASN N    N N N 41  
ASN CA   C N S 42  
ASN C    C N N 43  
ASN O    O N N 44  
ASN CB   C N N 45  
ASN CG   C N N 46  
ASN OD1  O N N 47  
ASN ND2  N N N 48  
ASN OXT  O N N 49  
ASN H    H N N 50  
ASN H2   H N N 51  
ASN HA   H N N 52  
ASN HB2  H N N 53  
ASN HB3  H N N 54  
ASN HD21 H N N 55  
ASN HD22 H N N 56  
ASN HXT  H N N 57  
ASP N    N N N 58  
ASP CA   C N S 59  
ASP C    C N N 60  
ASP O    O N N 61  
ASP CB   C N N 62  
ASP CG   C N N 63  
ASP OD1  O N N 64  
ASP OD2  O N N 65  
ASP OXT  O N N 66  
ASP H    H N N 67  
ASP H2   H N N 68  
ASP HA   H N N 69  
ASP HB2  H N N 70  
ASP HB3  H N N 71  
ASP HD2  H N N 72  
ASP HXT  H N N 73  
CYS N    N N N 74  
CYS CA   C N R 75  
CYS C    C N N 76  
CYS O    O N N 77  
CYS CB   C N N 78  
CYS SG   S N N 79  
CYS OXT  O N N 80  
CYS H    H N N 81  
CYS H2   H N N 82  
CYS HA   H N N 83  
CYS HB2  H N N 84  
CYS HB3  H N N 85  
CYS HG   H N N 86  
CYS HXT  H N N 87  
G3P O1   O N N 88  
G3P C1   C N N 89  
G3P C2   C N R 90  
G3P O2   O N N 91  
G3P C3   C N N 92  
G3P O1P  O N N 93  
G3P O4P  O N N 94  
G3P O2P  O N N 95  
G3P O3P  O N N 96  
G3P P    P N N 97  
G3P HO1  H N N 98  
G3P H11  H N N 99  
G3P H12  H N N 100 
G3P H2   H N N 101 
G3P HO2  H N N 102 
G3P H31  H N N 103 
G3P H32  H N N 104 
G3P HOP3 H N N 105 
G3P HOP4 H N N 106 
GLN N    N N N 107 
GLN CA   C N S 108 
GLN C    C N N 109 
GLN O    O N N 110 
GLN CB   C N N 111 
GLN CG   C N N 112 
GLN CD   C N N 113 
GLN OE1  O N N 114 
GLN NE2  N N N 115 
GLN OXT  O N N 116 
GLN H    H N N 117 
GLN H2   H N N 118 
GLN HA   H N N 119 
GLN HB2  H N N 120 
GLN HB3  H N N 121 
GLN HG2  H N N 122 
GLN HG3  H N N 123 
GLN HE21 H N N 124 
GLN HE22 H N N 125 
GLN HXT  H N N 126 
GLU N    N N N 127 
GLU CA   C N S 128 
GLU C    C N N 129 
GLU O    O N N 130 
GLU CB   C N N 131 
GLU CG   C N N 132 
GLU CD   C N N 133 
GLU OE1  O N N 134 
GLU OE2  O N N 135 
GLU OXT  O N N 136 
GLU H    H N N 137 
GLU H2   H N N 138 
GLU HA   H N N 139 
GLU HB2  H N N 140 
GLU HB3  H N N 141 
GLU HG2  H N N 142 
GLU HG3  H N N 143 
GLU HE2  H N N 144 
GLU HXT  H N N 145 
GLY N    N N N 146 
GLY CA   C N N 147 
GLY C    C N N 148 
GLY O    O N N 149 
GLY OXT  O N N 150 
GLY H    H N N 151 
GLY H2   H N N 152 
GLY HA2  H N N 153 
GLY HA3  H N N 154 
GLY HXT  H N N 155 
HIS N    N N N 156 
HIS CA   C N S 157 
HIS C    C N N 158 
HIS O    O N N 159 
HIS CB   C N N 160 
HIS CG   C Y N 161 
HIS ND1  N Y N 162 
HIS CD2  C Y N 163 
HIS CE1  C Y N 164 
HIS NE2  N Y N 165 
HIS OXT  O N N 166 
HIS H    H N N 167 
HIS H2   H N N 168 
HIS HA   H N N 169 
HIS HB2  H N N 170 
HIS HB3  H N N 171 
HIS HD1  H N N 172 
HIS HD2  H N N 173 
HIS HE1  H N N 174 
HIS HE2  H N N 175 
HIS HXT  H N N 176 
ILE N    N N N 177 
ILE CA   C N S 178 
ILE C    C N N 179 
ILE O    O N N 180 
ILE CB   C N S 181 
ILE CG1  C N N 182 
ILE CG2  C N N 183 
ILE CD1  C N N 184 
ILE OXT  O N N 185 
ILE H    H N N 186 
ILE H2   H N N 187 
ILE HA   H N N 188 
ILE HB   H N N 189 
ILE HG12 H N N 190 
ILE HG13 H N N 191 
ILE HG21 H N N 192 
ILE HG22 H N N 193 
ILE HG23 H N N 194 
ILE HD11 H N N 195 
ILE HD12 H N N 196 
ILE HD13 H N N 197 
ILE HXT  H N N 198 
LEU N    N N N 199 
LEU CA   C N S 200 
LEU C    C N N 201 
LEU O    O N N 202 
LEU CB   C N N 203 
LEU CG   C N N 204 
LEU CD1  C N N 205 
LEU CD2  C N N 206 
LEU OXT  O N N 207 
LEU H    H N N 208 
LEU H2   H N N 209 
LEU HA   H N N 210 
LEU HB2  H N N 211 
LEU HB3  H N N 212 
LEU HG   H N N 213 
LEU HD11 H N N 214 
LEU HD12 H N N 215 
LEU HD13 H N N 216 
LEU HD21 H N N 217 
LEU HD22 H N N 218 
LEU HD23 H N N 219 
LEU HXT  H N N 220 
LYS N    N N N 221 
LYS CA   C N S 222 
LYS C    C N N 223 
LYS O    O N N 224 
LYS CB   C N N 225 
LYS CG   C N N 226 
LYS CD   C N N 227 
LYS CE   C N N 228 
LYS NZ   N N N 229 
LYS OXT  O N N 230 
LYS H    H N N 231 
LYS H2   H N N 232 
LYS HA   H N N 233 
LYS HB2  H N N 234 
LYS HB3  H N N 235 
LYS HG2  H N N 236 
LYS HG3  H N N 237 
LYS HD2  H N N 238 
LYS HD3  H N N 239 
LYS HE2  H N N 240 
LYS HE3  H N N 241 
LYS HZ1  H N N 242 
LYS HZ2  H N N 243 
LYS HZ3  H N N 244 
LYS HXT  H N N 245 
MET N    N N N 246 
MET CA   C N S 247 
MET C    C N N 248 
MET O    O N N 249 
MET CB   C N N 250 
MET CG   C N N 251 
MET SD   S N N 252 
MET CE   C N N 253 
MET OXT  O N N 254 
MET H    H N N 255 
MET H2   H N N 256 
MET HA   H N N 257 
MET HB2  H N N 258 
MET HB3  H N N 259 
MET HG2  H N N 260 
MET HG3  H N N 261 
MET HE1  H N N 262 
MET HE2  H N N 263 
MET HE3  H N N 264 
MET HXT  H N N 265 
PHE N    N N N 266 
PHE CA   C N S 267 
PHE C    C N N 268 
PHE O    O N N 269 
PHE CB   C N N 270 
PHE CG   C Y N 271 
PHE CD1  C Y N 272 
PHE CD2  C Y N 273 
PHE CE1  C Y N 274 
PHE CE2  C Y N 275 
PHE CZ   C Y N 276 
PHE OXT  O N N 277 
PHE H    H N N 278 
PHE H2   H N N 279 
PHE HA   H N N 280 
PHE HB2  H N N 281 
PHE HB3  H N N 282 
PHE HD1  H N N 283 
PHE HD2  H N N 284 
PHE HE1  H N N 285 
PHE HE2  H N N 286 
PHE HZ   H N N 287 
PHE HXT  H N N 288 
PRO N    N N N 289 
PRO CA   C N S 290 
PRO C    C N N 291 
PRO O    O N N 292 
PRO CB   C N N 293 
PRO CG   C N N 294 
PRO CD   C N N 295 
PRO OXT  O N N 296 
PRO H    H N N 297 
PRO HA   H N N 298 
PRO HB2  H N N 299 
PRO HB3  H N N 300 
PRO HG2  H N N 301 
PRO HG3  H N N 302 
PRO HD2  H N N 303 
PRO HD3  H N N 304 
PRO HXT  H N N 305 
SER N    N N N 306 
SER CA   C N S 307 
SER C    C N N 308 
SER O    O N N 309 
SER CB   C N N 310 
SER OG   O N N 311 
SER OXT  O N N 312 
SER H    H N N 313 
SER H2   H N N 314 
SER HA   H N N 315 
SER HB2  H N N 316 
SER HB3  H N N 317 
SER HG   H N N 318 
SER HXT  H N N 319 
THR N    N N N 320 
THR CA   C N S 321 
THR C    C N N 322 
THR O    O N N 323 
THR CB   C N R 324 
THR OG1  O N N 325 
THR CG2  C N N 326 
THR OXT  O N N 327 
THR H    H N N 328 
THR H2   H N N 329 
THR HA   H N N 330 
THR HB   H N N 331 
THR HG1  H N N 332 
THR HG21 H N N 333 
THR HG22 H N N 334 
THR HG23 H N N 335 
THR HXT  H N N 336 
TRP N    N N N 337 
TRP CA   C N S 338 
TRP C    C N N 339 
TRP O    O N N 340 
TRP CB   C N N 341 
TRP CG   C Y N 342 
TRP CD1  C Y N 343 
TRP CD2  C Y N 344 
TRP NE1  N Y N 345 
TRP CE2  C Y N 346 
TRP CE3  C Y N 347 
TRP CZ2  C Y N 348 
TRP CZ3  C Y N 349 
TRP CH2  C Y N 350 
TRP OXT  O N N 351 
TRP H    H N N 352 
TRP H2   H N N 353 
TRP HA   H N N 354 
TRP HB2  H N N 355 
TRP HB3  H N N 356 
TRP HD1  H N N 357 
TRP HE1  H N N 358 
TRP HE3  H N N 359 
TRP HZ2  H N N 360 
TRP HZ3  H N N 361 
TRP HH2  H N N 362 
TRP HXT  H N N 363 
TYR N    N N N 364 
TYR CA   C N S 365 
TYR C    C N N 366 
TYR O    O N N 367 
TYR CB   C N N 368 
TYR CG   C Y N 369 
TYR CD1  C Y N 370 
TYR CD2  C Y N 371 
TYR CE1  C Y N 372 
TYR CE2  C Y N 373 
TYR CZ   C Y N 374 
TYR OH   O N N 375 
TYR OXT  O N N 376 
TYR H    H N N 377 
TYR H2   H N N 378 
TYR HA   H N N 379 
TYR HB2  H N N 380 
TYR HB3  H N N 381 
TYR HD1  H N N 382 
TYR HD2  H N N 383 
TYR HE1  H N N 384 
TYR HE2  H N N 385 
TYR HH   H N N 386 
TYR HXT  H N N 387 
VAL N    N N N 388 
VAL CA   C N S 389 
VAL C    C N N 390 
VAL O    O N N 391 
VAL CB   C N N 392 
VAL CG1  C N N 393 
VAL CG2  C N N 394 
VAL OXT  O N N 395 
VAL H    H N N 396 
VAL H2   H N N 397 
VAL HA   H N N 398 
VAL HB   H N N 399 
VAL HG11 H N N 400 
VAL HG12 H N N 401 
VAL HG13 H N N 402 
VAL HG21 H N N 403 
VAL HG22 H N N 404 
VAL HG23 H N N 405 
VAL HXT  H N N 406 
WKE C1   C N R 407 
WKE C2   C N R 408 
WKE C3   C N R 409 
WKE C4   C N N 410 
WKE C5   C N N 411 
WKE C6   C N S 412 
WKE C7   C N S 413 
WKE C8   C N N 414 
WKE C9   C N R 415 
WKE C10  C N N 416 
WKE N1   N N N 417 
WKE O1   O N N 418 
WKE O6   O N N 419 
WKE O3   O N N 420 
WKE O4   O N N 421 
WKE O5   O N N 422 
WKE N    N N N 423 
WKE C    C N N 424 
WKE O    O N N 425 
WKE H1   H N N 426 
WKE H2   H N N 427 
WKE H4   H N N 428 
WKE H5   H N N 429 
WKE H6   H N N 430 
WKE H7   H N N 431 
WKE H8   H N N 432 
WKE H9   H N N 433 
WKE H10  H N N 434 
WKE H11  H N N 435 
WKE H12  H N N 436 
WKE H13  H N N 437 
WKE H14  H N N 438 
WKE H15  H N N 439 
WKE H16  H N N 440 
WKE H17  H N N 441 
WKE H18  H N N 442 
WKE H19  H N N 443 
WKE H20  H N N 444 
WKE O2   O N N 445 
WKE H3   H N N 446 
# 
loop_
_chem_comp_bond.comp_id 
_chem_comp_bond.atom_id_1 
_chem_comp_bond.atom_id_2 
_chem_comp_bond.value_order 
_chem_comp_bond.pdbx_aromatic_flag 
_chem_comp_bond.pdbx_stereo_config 
_chem_comp_bond.pdbx_ordinal 
ALA N   CA   sing N N 1   
ALA N   H    sing N N 2   
ALA N   H2   sing N N 3   
ALA CA  C    sing N N 4   
ALA CA  CB   sing N N 5   
ALA CA  HA   sing N N 6   
ALA C   O    doub N N 7   
ALA C   OXT  sing N N 8   
ALA CB  HB1  sing N N 9   
ALA CB  HB2  sing N N 10  
ALA CB  HB3  sing N N 11  
ALA OXT HXT  sing N N 12  
ARG N   CA   sing N N 13  
ARG N   H    sing N N 14  
ARG N   H2   sing N N 15  
ARG CA  C    sing N N 16  
ARG CA  CB   sing N N 17  
ARG CA  HA   sing N N 18  
ARG C   O    doub N N 19  
ARG C   OXT  sing N N 20  
ARG CB  CG   sing N N 21  
ARG CB  HB2  sing N N 22  
ARG CB  HB3  sing N N 23  
ARG CG  CD   sing N N 24  
ARG CG  HG2  sing N N 25  
ARG CG  HG3  sing N N 26  
ARG CD  NE   sing N N 27  
ARG CD  HD2  sing N N 28  
ARG CD  HD3  sing N N 29  
ARG NE  CZ   sing N N 30  
ARG NE  HE   sing N N 31  
ARG CZ  NH1  sing N N 32  
ARG CZ  NH2  doub N N 33  
ARG NH1 HH11 sing N N 34  
ARG NH1 HH12 sing N N 35  
ARG NH2 HH21 sing N N 36  
ARG NH2 HH22 sing N N 37  
ARG OXT HXT  sing N N 38  
ASN N   CA   sing N N 39  
ASN N   H    sing N N 40  
ASN N   H2   sing N N 41  
ASN CA  C    sing N N 42  
ASN CA  CB   sing N N 43  
ASN CA  HA   sing N N 44  
ASN C   O    doub N N 45  
ASN C   OXT  sing N N 46  
ASN CB  CG   sing N N 47  
ASN CB  HB2  sing N N 48  
ASN CB  HB3  sing N N 49  
ASN CG  OD1  doub N N 50  
ASN CG  ND2  sing N N 51  
ASN ND2 HD21 sing N N 52  
ASN ND2 HD22 sing N N 53  
ASN OXT HXT  sing N N 54  
ASP N   CA   sing N N 55  
ASP N   H    sing N N 56  
ASP N   H2   sing N N 57  
ASP CA  C    sing N N 58  
ASP CA  CB   sing N N 59  
ASP CA  HA   sing N N 60  
ASP C   O    doub N N 61  
ASP C   OXT  sing N N 62  
ASP CB  CG   sing N N 63  
ASP CB  HB2  sing N N 64  
ASP CB  HB3  sing N N 65  
ASP CG  OD1  doub N N 66  
ASP CG  OD2  sing N N 67  
ASP OD2 HD2  sing N N 68  
ASP OXT HXT  sing N N 69  
CYS N   CA   sing N N 70  
CYS N   H    sing N N 71  
CYS N   H2   sing N N 72  
CYS CA  C    sing N N 73  
CYS CA  CB   sing N N 74  
CYS CA  HA   sing N N 75  
CYS C   O    doub N N 76  
CYS C   OXT  sing N N 77  
CYS CB  SG   sing N N 78  
CYS CB  HB2  sing N N 79  
CYS CB  HB3  sing N N 80  
CYS SG  HG   sing N N 81  
CYS OXT HXT  sing N N 82  
G3P O1  C1   sing N N 83  
G3P C1  C2   sing N N 84  
G3P C2  O2   sing N N 85  
G3P C2  C3   sing N N 86  
G3P C3  O1P  sing N N 87  
G3P O1P P    sing N N 88  
G3P O4P P    sing N N 89  
G3P O2P P    doub N N 90  
G3P O3P P    sing N N 91  
G3P O1  HO1  sing N N 92  
G3P C1  H11  sing N N 93  
G3P C1  H12  sing N N 94  
G3P C2  H2   sing N N 95  
G3P O2  HO2  sing N N 96  
G3P C3  H31  sing N N 97  
G3P C3  H32  sing N N 98  
G3P O3P HOP3 sing N N 99  
G3P O4P HOP4 sing N N 100 
GLN N   CA   sing N N 101 
GLN N   H    sing N N 102 
GLN N   H2   sing N N 103 
GLN CA  C    sing N N 104 
GLN CA  CB   sing N N 105 
GLN CA  HA   sing N N 106 
GLN C   O    doub N N 107 
GLN C   OXT  sing N N 108 
GLN CB  CG   sing N N 109 
GLN CB  HB2  sing N N 110 
GLN CB  HB3  sing N N 111 
GLN CG  CD   sing N N 112 
GLN CG  HG2  sing N N 113 
GLN CG  HG3  sing N N 114 
GLN CD  OE1  doub N N 115 
GLN CD  NE2  sing N N 116 
GLN NE2 HE21 sing N N 117 
GLN NE2 HE22 sing N N 118 
GLN OXT HXT  sing N N 119 
GLU N   CA   sing N N 120 
GLU N   H    sing N N 121 
GLU N   H2   sing N N 122 
GLU CA  C    sing N N 123 
GLU CA  CB   sing N N 124 
GLU CA  HA   sing N N 125 
GLU C   O    doub N N 126 
GLU C   OXT  sing N N 127 
GLU CB  CG   sing N N 128 
GLU CB  HB2  sing N N 129 
GLU CB  HB3  sing N N 130 
GLU CG  CD   sing N N 131 
GLU CG  HG2  sing N N 132 
GLU CG  HG3  sing N N 133 
GLU CD  OE1  doub N N 134 
GLU CD  OE2  sing N N 135 
GLU OE2 HE2  sing N N 136 
GLU OXT HXT  sing N N 137 
GLY N   CA   sing N N 138 
GLY N   H    sing N N 139 
GLY N   H2   sing N N 140 
GLY CA  C    sing N N 141 
GLY CA  HA2  sing N N 142 
GLY CA  HA3  sing N N 143 
GLY C   O    doub N N 144 
GLY C   OXT  sing N N 145 
GLY OXT HXT  sing N N 146 
HIS N   CA   sing N N 147 
HIS N   H    sing N N 148 
HIS N   H2   sing N N 149 
HIS CA  C    sing N N 150 
HIS CA  CB   sing N N 151 
HIS CA  HA   sing N N 152 
HIS C   O    doub N N 153 
HIS C   OXT  sing N N 154 
HIS CB  CG   sing N N 155 
HIS CB  HB2  sing N N 156 
HIS CB  HB3  sing N N 157 
HIS CG  ND1  sing Y N 158 
HIS CG  CD2  doub Y N 159 
HIS ND1 CE1  doub Y N 160 
HIS ND1 HD1  sing N N 161 
HIS CD2 NE2  sing Y N 162 
HIS CD2 HD2  sing N N 163 
HIS CE1 NE2  sing Y N 164 
HIS CE1 HE1  sing N N 165 
HIS NE2 HE2  sing N N 166 
HIS OXT HXT  sing N N 167 
ILE N   CA   sing N N 168 
ILE N   H    sing N N 169 
ILE N   H2   sing N N 170 
ILE CA  C    sing N N 171 
ILE CA  CB   sing N N 172 
ILE CA  HA   sing N N 173 
ILE C   O    doub N N 174 
ILE C   OXT  sing N N 175 
ILE CB  CG1  sing N N 176 
ILE CB  CG2  sing N N 177 
ILE CB  HB   sing N N 178 
ILE CG1 CD1  sing N N 179 
ILE CG1 HG12 sing N N 180 
ILE CG1 HG13 sing N N 181 
ILE CG2 HG21 sing N N 182 
ILE CG2 HG22 sing N N 183 
ILE CG2 HG23 sing N N 184 
ILE CD1 HD11 sing N N 185 
ILE CD1 HD12 sing N N 186 
ILE CD1 HD13 sing N N 187 
ILE OXT HXT  sing N N 188 
LEU N   CA   sing N N 189 
LEU N   H    sing N N 190 
LEU N   H2   sing N N 191 
LEU CA  C    sing N N 192 
LEU CA  CB   sing N N 193 
LEU CA  HA   sing N N 194 
LEU C   O    doub N N 195 
LEU C   OXT  sing N N 196 
LEU CB  CG   sing N N 197 
LEU CB  HB2  sing N N 198 
LEU CB  HB3  sing N N 199 
LEU CG  CD1  sing N N 200 
LEU CG  CD2  sing N N 201 
LEU CG  HG   sing N N 202 
LEU CD1 HD11 sing N N 203 
LEU CD1 HD12 sing N N 204 
LEU CD1 HD13 sing N N 205 
LEU CD2 HD21 sing N N 206 
LEU CD2 HD22 sing N N 207 
LEU CD2 HD23 sing N N 208 
LEU OXT HXT  sing N N 209 
LYS N   CA   sing N N 210 
LYS N   H    sing N N 211 
LYS N   H2   sing N N 212 
LYS CA  C    sing N N 213 
LYS CA  CB   sing N N 214 
LYS CA  HA   sing N N 215 
LYS C   O    doub N N 216 
LYS C   OXT  sing N N 217 
LYS CB  CG   sing N N 218 
LYS CB  HB2  sing N N 219 
LYS CB  HB3  sing N N 220 
LYS CG  CD   sing N N 221 
LYS CG  HG2  sing N N 222 
LYS CG  HG3  sing N N 223 
LYS CD  CE   sing N N 224 
LYS CD  HD2  sing N N 225 
LYS CD  HD3  sing N N 226 
LYS CE  NZ   sing N N 227 
LYS CE  HE2  sing N N 228 
LYS CE  HE3  sing N N 229 
LYS NZ  HZ1  sing N N 230 
LYS NZ  HZ2  sing N N 231 
LYS NZ  HZ3  sing N N 232 
LYS OXT HXT  sing N N 233 
MET N   CA   sing N N 234 
MET N   H    sing N N 235 
MET N   H2   sing N N 236 
MET CA  C    sing N N 237 
MET CA  CB   sing N N 238 
MET CA  HA   sing N N 239 
MET C   O    doub N N 240 
MET C   OXT  sing N N 241 
MET CB  CG   sing N N 242 
MET CB  HB2  sing N N 243 
MET CB  HB3  sing N N 244 
MET CG  SD   sing N N 245 
MET CG  HG2  sing N N 246 
MET CG  HG3  sing N N 247 
MET SD  CE   sing N N 248 
MET CE  HE1  sing N N 249 
MET CE  HE2  sing N N 250 
MET CE  HE3  sing N N 251 
MET OXT HXT  sing N N 252 
PHE N   CA   sing N N 253 
PHE N   H    sing N N 254 
PHE N   H2   sing N N 255 
PHE CA  C    sing N N 256 
PHE CA  CB   sing N N 257 
PHE CA  HA   sing N N 258 
PHE C   O    doub N N 259 
PHE C   OXT  sing N N 260 
PHE CB  CG   sing N N 261 
PHE CB  HB2  sing N N 262 
PHE CB  HB3  sing N N 263 
PHE CG  CD1  doub Y N 264 
PHE CG  CD2  sing Y N 265 
PHE CD1 CE1  sing Y N 266 
PHE CD1 HD1  sing N N 267 
PHE CD2 CE2  doub Y N 268 
PHE CD2 HD2  sing N N 269 
PHE CE1 CZ   doub Y N 270 
PHE CE1 HE1  sing N N 271 
PHE CE2 CZ   sing Y N 272 
PHE CE2 HE2  sing N N 273 
PHE CZ  HZ   sing N N 274 
PHE OXT HXT  sing N N 275 
PRO N   CA   sing N N 276 
PRO N   CD   sing N N 277 
PRO N   H    sing N N 278 
PRO CA  C    sing N N 279 
PRO CA  CB   sing N N 280 
PRO CA  HA   sing N N 281 
PRO C   O    doub N N 282 
PRO C   OXT  sing N N 283 
PRO CB  CG   sing N N 284 
PRO CB  HB2  sing N N 285 
PRO CB  HB3  sing N N 286 
PRO CG  CD   sing N N 287 
PRO CG  HG2  sing N N 288 
PRO CG  HG3  sing N N 289 
PRO CD  HD2  sing N N 290 
PRO CD  HD3  sing N N 291 
PRO OXT HXT  sing N N 292 
SER N   CA   sing N N 293 
SER N   H    sing N N 294 
SER N   H2   sing N N 295 
SER CA  C    sing N N 296 
SER CA  CB   sing N N 297 
SER CA  HA   sing N N 298 
SER C   O    doub N N 299 
SER C   OXT  sing N N 300 
SER CB  OG   sing N N 301 
SER CB  HB2  sing N N 302 
SER CB  HB3  sing N N 303 
SER OG  HG   sing N N 304 
SER OXT HXT  sing N N 305 
THR N   CA   sing N N 306 
THR N   H    sing N N 307 
THR N   H2   sing N N 308 
THR CA  C    sing N N 309 
THR CA  CB   sing N N 310 
THR CA  HA   sing N N 311 
THR C   O    doub N N 312 
THR C   OXT  sing N N 313 
THR CB  OG1  sing N N 314 
THR CB  CG2  sing N N 315 
THR CB  HB   sing N N 316 
THR OG1 HG1  sing N N 317 
THR CG2 HG21 sing N N 318 
THR CG2 HG22 sing N N 319 
THR CG2 HG23 sing N N 320 
THR OXT HXT  sing N N 321 
TRP N   CA   sing N N 322 
TRP N   H    sing N N 323 
TRP N   H2   sing N N 324 
TRP CA  C    sing N N 325 
TRP CA  CB   sing N N 326 
TRP CA  HA   sing N N 327 
TRP C   O    doub N N 328 
TRP C   OXT  sing N N 329 
TRP CB  CG   sing N N 330 
TRP CB  HB2  sing N N 331 
TRP CB  HB3  sing N N 332 
TRP CG  CD1  doub Y N 333 
TRP CG  CD2  sing Y N 334 
TRP CD1 NE1  sing Y N 335 
TRP CD1 HD1  sing N N 336 
TRP CD2 CE2  doub Y N 337 
TRP CD2 CE3  sing Y N 338 
TRP NE1 CE2  sing Y N 339 
TRP NE1 HE1  sing N N 340 
TRP CE2 CZ2  sing Y N 341 
TRP CE3 CZ3  doub Y N 342 
TRP CE3 HE3  sing N N 343 
TRP CZ2 CH2  doub Y N 344 
TRP CZ2 HZ2  sing N N 345 
TRP CZ3 CH2  sing Y N 346 
TRP CZ3 HZ3  sing N N 347 
TRP CH2 HH2  sing N N 348 
TRP OXT HXT  sing N N 349 
TYR N   CA   sing N N 350 
TYR N   H    sing N N 351 
TYR N   H2   sing N N 352 
TYR CA  C    sing N N 353 
TYR CA  CB   sing N N 354 
TYR CA  HA   sing N N 355 
TYR C   O    doub N N 356 
TYR C   OXT  sing N N 357 
TYR CB  CG   sing N N 358 
TYR CB  HB2  sing N N 359 
TYR CB  HB3  sing N N 360 
TYR CG  CD1  doub Y N 361 
TYR CG  CD2  sing Y N 362 
TYR CD1 CE1  sing Y N 363 
TYR CD1 HD1  sing N N 364 
TYR CD2 CE2  doub Y N 365 
TYR CD2 HD2  sing N N 366 
TYR CE1 CZ   doub Y N 367 
TYR CE1 HE1  sing N N 368 
TYR CE2 CZ   sing Y N 369 
TYR CE2 HE2  sing N N 370 
TYR CZ  OH   sing N N 371 
TYR OH  HH   sing N N 372 
TYR OXT HXT  sing N N 373 
VAL N   CA   sing N N 374 
VAL N   H    sing N N 375 
VAL N   H2   sing N N 376 
VAL CA  C    sing N N 377 
VAL CA  CB   sing N N 378 
VAL CA  HA   sing N N 379 
VAL C   O    doub N N 380 
VAL C   OXT  sing N N 381 
VAL CB  CG1  sing N N 382 
VAL CB  CG2  sing N N 383 
VAL CB  HB   sing N N 384 
VAL CG1 HG11 sing N N 385 
VAL CG1 HG12 sing N N 386 
VAL CG1 HG13 sing N N 387 
VAL CG2 HG21 sing N N 388 
VAL CG2 HG22 sing N N 389 
VAL CG2 HG23 sing N N 390 
VAL OXT HXT  sing N N 391 
WKE O5  C10  sing N N 392 
WKE O4  C9   sing N N 393 
WKE C10 C9   sing N N 394 
WKE C9  C8   sing N N 395 
WKE N1  C8   sing N N 396 
WKE N1  C7   sing N N 397 
WKE C8  O3   doub N N 398 
WKE C6  O6   sing N N 399 
WKE C6  C7   sing N N 400 
WKE C6  C3   sing N N 401 
WKE O1  C4   doub N N 402 
WKE N   C4   sing N N 403 
WKE N   C3   sing N N 404 
WKE C7  C1   sing N N 405 
WKE C4  C5   sing N N 406 
WKE C1  C    sing N N 407 
WKE C1  O    sing N N 408 
WKE C3  C2   sing N N 409 
WKE C2  O    sing N N 410 
WKE C1  H1   sing N N 411 
WKE C2  H2   sing N N 412 
WKE C3  H4   sing N N 413 
WKE C5  H5   sing N N 414 
WKE C5  H6   sing N N 415 
WKE C5  H7   sing N N 416 
WKE C6  H8   sing N N 417 
WKE C7  H9   sing N N 418 
WKE C9  H10  sing N N 419 
WKE C10 H11  sing N N 420 
WKE C10 H12  sing N N 421 
WKE N1  H13  sing N N 422 
WKE O6  H14  sing N N 423 
WKE O4  H15  sing N N 424 
WKE O5  H16  sing N N 425 
WKE N   H17  sing N N 426 
WKE C   H18  sing N N 427 
WKE C   H19  sing N N 428 
WKE C   H20  sing N N 429 
WKE C2  O2   sing N N 430 
WKE O2  H3   sing N N 431 
# 
_em_admin.current_status     REL 
_em_admin.deposition_date    2023-05-16 
_em_admin.deposition_site    PDBE 
_em_admin.entry_id           8P2V 
_em_admin.last_update        2024-11-13 
_em_admin.map_release_date   2024-04-03 
_em_admin.title              'Neisseria meningitidis Type IV pilus SB-GATDH variant' 
# 
_em_ctf_correction.details                  ? 
_em_ctf_correction.em_image_processing_id   1 
_em_ctf_correction.id                       1 
_em_ctf_correction.type                     'PHASE FLIPPING AND AMPLITUDE CORRECTION' 
# 
_em_entity_assembly_molwt.entity_assembly_id   1 
_em_entity_assembly_molwt.experimental_flag    NO 
_em_entity_assembly_molwt.id                   1 
_em_entity_assembly_molwt.units                ? 
_em_entity_assembly_molwt.value                ? 
# 
_em_entity_assembly_naturalsource.cell                 ? 
_em_entity_assembly_naturalsource.cellular_location    ? 
_em_entity_assembly_naturalsource.entity_assembly_id   1 
_em_entity_assembly_naturalsource.id                   2 
_em_entity_assembly_naturalsource.ncbi_tax_id          604162 
_em_entity_assembly_naturalsource.organism             'Neisseria meningitidis 8013' 
_em_entity_assembly_naturalsource.organelle            ? 
_em_entity_assembly_naturalsource.organ                ? 
_em_entity_assembly_naturalsource.strain               ? 
_em_entity_assembly_naturalsource.tissue               ? 
# 
_em_helical_entity.id                             1 
_em_helical_entity.image_processing_id            1 
_em_helical_entity.details                        ? 
_em_helical_entity.axial_symmetry                 C1 
_em_helical_entity.angular_rotation_per_subunit   100.700 
_em_helical_entity.axial_rise_per_subunit         10.433 
# 
_em_image_processing.details              ? 
_em_image_processing.id                   1 
_em_image_processing.image_recording_id   1 
# 
_em_image_recording.average_exposure_time               ? 
_em_image_recording.avg_electron_dose_per_subtomogram   ? 
_em_image_recording.avg_electron_dose_per_image         50 
_em_image_recording.details                             ? 
_em_image_recording.detector_mode                       ? 
_em_image_recording.film_or_detector_model              'GATAN K3 (6k x 4k)' 
_em_image_recording.id                                  1 
_em_image_recording.imaging_id                          1 
_em_image_recording.num_diffraction_images              ? 
_em_image_recording.num_grids_imaged                    ? 
_em_image_recording.num_real_images                     ? 
# 
loop_
_em_software.category 
_em_software.details 
_em_software.id 
_em_software.image_processing_id 
_em_software.fitting_id 
_em_software.imaging_id 
_em_software.name 
_em_software.version 
'PARTICLE SELECTION'       ? 1  1 ? ? ? ? 
'IMAGE ACQUISITION'        ? 2  ? ? 1 ? ? 
MASKING                    ? 3  ? ? ? ? ? 
'CTF CORRECTION'           ? 4  1 ? ? ? ? 
'LAYERLINE INDEXING'       ? 5  ? ? ? ? ? 
'DIFFRACTION INDEXING'     ? 6  ? ? ? ? ? 
'MODEL FITTING'            ? 7  ? ? ? ? ? 
'MODEL REFINEMENT'         ? 8  ? ? ? ? ? 
OTHER                      ? 9  ? ? ? ? ? 
'INITIAL EULER ASSIGNMENT' ? 10 1 ? ? ? ? 
'FINAL EULER ASSIGNMENT'   ? 11 1 ? ? ? ? 
CLASSIFICATION             ? 12 1 ? ? ? ? 
RECONSTRUCTION             ? 13 1 ? ? ? ? 
# 
_em_specimen.concentration           0.01 
_em_specimen.details                 ? 
_em_specimen.embedding_applied       NO 
_em_specimen.experiment_id           1 
_em_specimen.id                      1 
_em_specimen.shadowing_applied       NO 
_em_specimen.staining_applied        NO 
_em_specimen.vitrification_applied   YES 
# 
_pdbx_audit_support.funding_organization   'Agence Nationale de la Recherche (ANR)' 
_pdbx_audit_support.country                France 
_pdbx_audit_support.grant_number           'ANR 18 CE11 0022' 
_pdbx_audit_support.ordinal                1 
# 
_space_group.crystal_system   triclinic 
_space_group.name_H-M_alt     'P 1' 
_space_group.IT_number        1 
_space_group.name_Hall        'P 1' 
_space_group.id               1 
# 
_atom_sites.entry_id                    8P2V 
_atom_sites.Cartn_transf_matrix[1][1]   ? 
_atom_sites.Cartn_transf_matrix[1][2]   ? 
_atom_sites.Cartn_transf_matrix[1][3]   ? 
_atom_sites.Cartn_transf_matrix[2][1]   ? 
_atom_sites.Cartn_transf_matrix[2][2]   ? 
_atom_sites.Cartn_transf_matrix[2][3]   ? 
_atom_sites.Cartn_transf_matrix[3][1]   ? 
_atom_sites.Cartn_transf_matrix[3][2]   ? 
_atom_sites.Cartn_transf_matrix[3][3]   ? 
_atom_sites.Cartn_transf_vector[1]      ? 
_atom_sites.Cartn_transf_vector[2]      ? 
_atom_sites.Cartn_transf_vector[3]      ? 
_atom_sites.fract_transf_matrix[1][1]   1.000000 
_atom_sites.fract_transf_matrix[1][2]   0.000000 
_atom_sites.fract_transf_matrix[1][3]   0.000000 
_atom_sites.fract_transf_matrix[2][1]   0.000000 
_atom_sites.fract_transf_matrix[2][2]   1.000000 
_atom_sites.fract_transf_matrix[2][3]   0.000000 
_atom_sites.fract_transf_matrix[3][1]   0.000000 
_atom_sites.fract_transf_matrix[3][2]   0.000000 
_atom_sites.fract_transf_matrix[3][3]   1.000000 
_atom_sites.fract_transf_vector[1]      0.00000 
_atom_sites.fract_transf_vector[2]      0.00000 
_atom_sites.fract_transf_vector[3]      0.00000 
_atom_sites.solution_primary            ? 
_atom_sites.solution_secondary          ? 
_atom_sites.solution_hydrogens          ? 
_atom_sites.special_details             ? 
# 
loop_
_atom_type.symbol 
C 
N 
O 
P 
S 
# 
loop_
_atom_site.group_PDB 
_atom_site.id 
_atom_site.type_symbol 
_atom_site.label_atom_id 
_atom_site.label_alt_id 
_atom_site.label_comp_id 
_atom_site.label_asym_id 
_atom_site.label_entity_id 
_atom_site.label_seq_id 
_atom_site.pdbx_PDB_ins_code 
_atom_site.Cartn_x 
_atom_site.Cartn_y 
_atom_site.Cartn_z 
_atom_site.occupancy 
_atom_site.B_iso_or_equiv 
_atom_site.pdbx_formal_charge 
_atom_site.auth_seq_id 
_atom_site.auth_comp_id 
_atom_site.auth_asym_id 
_atom_site.auth_atom_id 
_atom_site.pdbx_PDB_model_num 
ATOM   1    N N   . PHE A 1 1   ? -16.31495 48.31789  -29.81544 1.000 57.37436  ? 1   PHE A N   1 
ATOM   2    C CA  . PHE A 1 1   ? -16.00337 47.00303  -30.36025 1.000 57.12809  ? 1   PHE A CA  1 
ATOM   3    C C   . PHE A 1 1   ? -16.89308 46.68287  -31.55606 1.000 60.92681  ? 1   PHE A C   1 
ATOM   4    O O   . PHE A 1 1   ? -17.73019 47.49285  -31.95164 1.000 64.08079  ? 1   PHE A O   1 
ATOM   5    C CB  . PHE A 1 1   ? -16.15419 45.92499  -29.28496 1.000 57.23305  ? 1   PHE A CB  1 
ATOM   6    C CG  . PHE A 1 1   ? -17.28383 46.17388  -28.32806 1.000 59.04904  ? 1   PHE A CG  1 
ATOM   7    C CD1 . PHE A 1 1   ? -18.58222 45.83760  -28.66703 1.000 61.49079  ? 1   PHE A CD1 1 
ATOM   8    C CD2 . PHE A 1 1   ? -17.04691 46.73891  -27.08703 1.000 60.47011  ? 1   PHE A CD2 1 
ATOM   9    C CE1 . PHE A 1 1   ? -19.62300 46.06373  -27.78823 1.000 62.35376  ? 1   PHE A CE1 1 
ATOM   10   C CE2 . PHE A 1 1   ? -18.08425 46.96709  -26.20450 1.000 58.19561  ? 1   PHE A CE2 1 
ATOM   11   C CZ  . PHE A 1 1   ? -19.37296 46.62920  -26.55593 1.000 58.22986  ? 1   PHE A CZ  1 
ATOM   12   N N   . THR A 1 2   ? -16.70524 45.49722  -32.12976 1.000 60.56442  ? 2   THR A N   1 
ATOM   13   C CA  . THR A 1 2   ? -17.46432 45.06550  -33.29569 1.000 58.77284  ? 2   THR A CA  1 
ATOM   14   C C   . THR A 1 2   ? -17.86338 43.60672  -33.09695 1.000 60.72803  ? 2   THR A C   1 
ATOM   15   O O   . THR A 1 2   ? -17.72771 43.04642  -32.00497 1.000 65.24099  ? 2   THR A O   1 
ATOM   16   C CB  . THR A 1 2   ? -16.65482 45.27325  -34.58240 1.000 63.25189  ? 2   THR A CB  1 
ATOM   17   O OG1 . THR A 1 2   ? -15.27446 44.97984  -34.33390 1.000 66.34798  ? 2   THR A OG1 1 
ATOM   18   C CG2 . THR A 1 2   ? -16.78510 46.70835  -35.06788 1.000 61.19167  ? 2   THR A CG2 1 
ATOM   19   N N   . LEU A 1 3   ? -18.36519 42.98820  -34.16842 1.000 52.27047  ? 3   LEU A N   1 
ATOM   20   C CA  . LEU A 1 3   ? -18.81688 41.60292  -34.08917 1.000 55.21989  ? 3   LEU A CA  1 
ATOM   21   C C   . LEU A 1 3   ? -17.65126 40.63409  -33.92824 1.000 59.89193  ? 3   LEU A C   1 
ATOM   22   O O   . LEU A 1 3   ? -17.79502 39.59309  -33.27150 1.000 65.33661  ? 3   LEU A O   1 
ATOM   23   C CB  . LEU A 1 3   ? -19.63244 41.25464  -35.33374 1.000 52.85392  ? 3   LEU A CB  1 
ATOM   24   C CG  . LEU A 1 3   ? -20.88307 40.39843  -35.13792 1.000 54.67661  ? 3   LEU A CG  1 
ATOM   25   C CD1 . LEU A 1 3   ? -21.81922 41.03798  -34.12762 1.000 58.23962  ? 3   LEU A CD1 1 
ATOM   26   C CD2 . LEU A 1 3   ? -21.58939 40.18919  -36.46487 1.000 53.19831  ? 3   LEU A CD2 1 
ATOM   27   N N   . ILE A 1 4   ? -16.49719 40.95722  -34.51649 1.000 53.39174  ? 4   ILE A N   1 
ATOM   28   C CA  . ILE A 1 4   ? -15.34427 40.06396  -34.44995 1.000 52.72212  ? 4   ILE A CA  1 
ATOM   29   C C   . ILE A 1 4   ? -14.88274 39.89180  -33.00938 1.000 56.69059  ? 4   ILE A C   1 
ATOM   30   O O   . ILE A 1 4   ? -14.50130 38.79113  -32.59136 1.000 66.10306  ? 4   ILE A O   1 
ATOM   31   C CB  . ILE A 1 4   ? -14.21179 40.58775  -35.35128 1.000 53.14817  ? 4   ILE A CB  1 
ATOM   32   C CG1 . ILE A 1 4   ? -14.75867 40.94708  -36.73288 1.000 55.72800  ? 4   ILE A CG1 1 
ATOM   33   C CG2 . ILE A 1 4   ? -13.10710 39.55298  -35.47315 1.000 55.38372  ? 4   ILE A CG2 1 
ATOM   34   C CD1 . ILE A 1 4   ? -13.74740 41.61184  -37.63511 1.000 54.23363  ? 4   ILE A CD1 1 
ATOM   35   N N   . GLU A 1 5   ? -14.90643 40.97373  -32.22816 1.000 49.42427  ? 5   GLU A N   1 
ATOM   36   C CA  . GLU A 1 5   ? -14.51909 40.87623  -30.82516 1.000 49.74131  ? 5   GLU A CA  1 
ATOM   37   C C   . GLU A 1 5   ? -15.46034 39.95832  -30.05586 1.000 54.58785  ? 5   GLU A C   1 
ATOM   38   O O   . GLU A 1 5   ? -15.01756 39.16490  -29.21781 1.000 60.75633  ? 5   GLU A O   1 
ATOM   39   C CB  . GLU A 1 5   ? -14.48312 42.26534  -30.19100 1.000 54.24507  ? 5   GLU A CB  1 
ATOM   40   C CG  . GLU A 1 5   ? -13.70873 42.32466  -28.88661 1.000 58.45059  ? 5   GLU A CG  1 
ATOM   41   C CD  . GLU A 1 5   ? -13.62400 43.72712  -28.32234 1.000 64.25996  ? 5   GLU A CD  1 
ATOM   42   O OE1 . GLU A 1 5   ? -13.07773 44.61411  -29.01091 1.000 67.03886  ? 5   GLU A OE1 1 
ATOM   43   O OE2 . GLU A 1 5   ? -14.10385 43.94353  -27.19002 1.000 60.07731  ? 5   GLU A OE2 1 
ATOM   44   N N   . LEU A 1 6   ? -16.76390 40.04893  -30.32795 1.000 48.61972  ? 6   LEU A N   1 
ATOM   45   C CA  . LEU A 1 6   ? -17.71979 39.16944  -29.66233 1.000 46.69741  ? 6   LEU A CA  1 
ATOM   46   C C   . LEU A 1 6   ? -17.49572 37.71197  -30.04902 1.000 50.54393  ? 6   LEU A C   1 
ATOM   47   O O   . LEU A 1 6   ? -17.58496 36.81523  -29.19873 1.000 57.52113  ? 6   LEU A O   1 
ATOM   48   C CB  . LEU A 1 6   ? -19.14631 39.60539  -29.99082 1.000 50.30790  ? 6   LEU A CB  1 
ATOM   49   C CG  . LEU A 1 6   ? -19.50825 41.03991  -29.60082 1.000 52.30475  ? 6   LEU A CG  1 
ATOM   50   C CD1 . LEU A 1 6   ? -20.94894 41.35086  -29.96640 1.000 54.51367  ? 6   LEU A CD1 1 
ATOM   51   C CD2 . LEU A 1 6   ? -19.26839 41.27094  -28.12054 1.000 47.09737  ? 6   LEU A CD2 1 
ATOM   52   N N   . MET A 1 7   ? -17.20729 37.45358  -31.32696 1.000 46.14727  ? 7   MET A N   1 
ATOM   53   C CA  . MET A 1 7   ? -16.91676 36.08536  -31.74634 1.000 44.55287  ? 7   MET A CA  1 
ATOM   54   C C   . MET A 1 7   ? -15.66218 35.55402  -31.06165 1.000 47.82181  ? 7   MET A C   1 
ATOM   55   O O   . MET A 1 7   ? -15.61965 34.39184  -30.63622 1.000 54.58455  ? 7   MET A O   1 
ATOM   56   C CB  . MET A 1 7   ? -16.77234 36.01941  -33.26562 1.000 46.77345  ? 7   MET A CB  1 
ATOM   57   C CG  . MET A 1 7   ? -18.00430 36.47804  -34.02829 1.000 50.68937  ? 7   MET A CG  1 
ATOM   58   S SD  . MET A 1 7   ? -19.40260 35.35498  -33.86073 1.000 62.74657  ? 7   MET A SD  1 
ATOM   59   C CE  . MET A 1 7   ? -20.55669 36.38275  -32.95904 1.000 47.86187  ? 7   MET A CE  1 
ATOM   60   N N   . ILE A 1 8   ? -14.63106 36.39351  -30.94275 1.000 42.52731  ? 8   ILE A N   1 
ATOM   61   C CA  . ILE A 1 8   ? -13.41203 35.98791  -30.24728 1.000 39.82394  ? 8   ILE A CA  1 
ATOM   62   C C   . ILE A 1 8   ? -13.70647 35.70107  -28.77980 1.000 43.90179  ? 8   ILE A C   1 
ATOM   63   O O   . ILE A 1 8   ? -13.16038 34.75863  -28.19330 1.000 49.19863  ? 8   ILE A O   1 
ATOM   64   C CB  . ILE A 1 8   ? -12.32147 37.06333  -30.41175 1.000 40.28990  ? 8   ILE A CB  1 
ATOM   65   C CG1 . ILE A 1 8   ? -11.88227 37.15816  -31.87404 1.000 40.73861  ? 8   ILE A CG1 1 
ATOM   66   C CG2 . ILE A 1 8   ? -11.12883 36.76714  -29.51652 1.000 45.84095  ? 8   ILE A CG2 1 
ATOM   67   C CD1 . ILE A 1 8   ? -10.98947 36.02413  -32.32173 1.000 44.30164  ? 8   ILE A CD1 1 
ATOM   68   N N   . VAL A 1 9   ? -14.57445 36.50711  -28.16487 1.000 42.05162  ? 9   VAL A N   1 
ATOM   69   C CA  . VAL A 1 9   ? -14.94582 36.28470  -26.76949 1.000 35.26564  ? 9   VAL A CA  1 
ATOM   70   C C   . VAL A 1 9   ? -15.64336 34.93984  -26.60994 1.000 40.63528  ? 9   VAL A C   1 
ATOM   71   O O   . VAL A 1 9   ? -15.36175 34.18302  -25.67165 1.000 46.34405  ? 9   VAL A O   1 
ATOM   72   C CB  . VAL A 1 9   ? -15.82420 37.44386  -26.26302 1.000 41.37099  ? 9   VAL A CB  1 
ATOM   73   C CG1 . VAL A 1 9   ? -16.58848 37.03420  -25.01544 1.000 44.35429  ? 9   VAL A CG1 1 
ATOM   74   C CG2 . VAL A 1 9   ? -14.97326 38.67170  -25.99148 1.000 43.52795  ? 9   VAL A CG2 1 
ATOM   75   N N   . ILE A 1 10  ? -16.56195 34.62028  -27.52360 1.000 44.76425  ? 10  ILE A N   1 
ATOM   76   C CA  . ILE A 1 10  ? -17.25805 33.33566  -27.46024 1.000 40.54976  ? 10  ILE A CA  1 
ATOM   77   C C   . ILE A 1 10  ? -16.27369 32.18389  -27.63907 1.000 42.74422  ? 10  ILE A C   1 
ATOM   78   O O   . ILE A 1 10  ? -16.35561 31.15797  -26.94685 1.000 47.29062  ? 10  ILE A O   1 
ATOM   79   C CB  . ILE A 1 10  ? -18.38862 33.28951  -28.50445 1.000 35.45685  ? 10  ILE A CB  1 
ATOM   80   C CG1 . ILE A 1 10  ? -19.45831 34.33074  -28.17382 1.000 34.98578  ? 10  ILE A CG1 1 
ATOM   81   C CG2 . ILE A 1 10  ? -19.00592 31.90540  -28.56565 1.000 40.66834  ? 10  ILE A CG2 1 
ATOM   82   C CD1 . ILE A 1 10  ? -20.48070 34.52091  -29.26465 1.000 41.02149  ? 10  ILE A CD1 1 
ATOM   83   N N   . ALA A 1 11  ? -15.32520 32.33555  -28.56672 1.000 37.40603  ? 11  ALA A N   1 
ATOM   84   C CA  . ALA A 1 11  ? -14.32164 31.29594  -28.77587 1.000 34.03133  ? 11  ALA A CA  1 
ATOM   85   C C   . ALA A 1 11  ? -13.46277 31.09211  -27.53238 1.000 40.04596  ? 11  ALA A C   1 
ATOM   86   O O   . ALA A 1 11  ? -13.14327 29.95392  -27.16839 1.000 45.47396  ? 11  ALA A O   1 
ATOM   87   C CB  . ALA A 1 11  ? -13.44957 31.64502  -29.98045 1.000 37.95531  ? 11  ALA A CB  1 
ATOM   88   N N   . ILE A 1 12  ? -13.07697 32.18319  -26.86809 1.000 39.69691  ? 12  ILE A N   1 
ATOM   89   C CA  . ILE A 1 12  ? -12.27604 32.06917  -25.65208 1.000 35.03109  ? 12  ILE A CA  1 
ATOM   90   C C   . ILE A 1 12  ? -13.08473 31.41258  -24.53977 1.000 33.12243  ? 12  ILE A C   1 
ATOM   91   O O   . ILE A 1 12  ? -12.55217 30.62696  -23.74461 1.000 41.41623  ? 12  ILE A O   1 
ATOM   92   C CB  . ILE A 1 12  ? -11.74232 33.45093  -25.23180 1.000 35.21358  ? 12  ILE A CB  1 
ATOM   93   C CG1 . ILE A 1 12  ? -10.73382 33.96759  -26.25674 1.000 36.12196  ? 12  ILE A CG1 1 
ATOM   94   C CG2 . ILE A 1 12  ? -11.09631 33.38700  -23.85965 1.000 36.68310  ? 12  ILE A CG2 1 
ATOM   95   C CD1 . ILE A 1 12  ? -10.28733 35.38617  -26.00568 1.000 36.52230  ? 12  ILE A CD1 1 
ATOM   96   N N   . VAL A 1 13  ? -14.38099 31.72124  -24.46443 1.000 36.85407  ? 13  VAL A N   1 
ATOM   97   C CA  . VAL A 1 13  ? -15.24095 31.07587  -23.47602 1.000 40.17604  ? 13  VAL A CA  1 
ATOM   98   C C   . VAL A 1 13  ? -15.28378 29.57284  -23.71547 1.000 40.58643  ? 13  VAL A C   1 
ATOM   99   O O   . VAL A 1 13  ? -15.18592 28.77501  -22.77477 1.000 43.60517  ? 13  VAL A O   1 
ATOM   100  C CB  . VAL A 1 13  ? -16.64919 31.69943  -23.50397 1.000 40.73580  ? 13  VAL A CB  1 
ATOM   101  C CG1 . VAL A 1 13  ? -17.66885 30.75167  -22.89728 1.000 38.28582  ? 13  VAL A CG1 1 
ATOM   102  C CG2 . VAL A 1 13  ? -16.65300 33.02868  -22.76968 1.000 41.05752  ? 13  VAL A CG2 1 
ATOM   103  N N   . GLY A 1 14  ? -15.41846 29.16305  -24.97773 1.000 42.88184  ? 14  GLY A N   1 
ATOM   104  C CA  . GLY A 1 14  ? -15.38160 27.74076  -25.28803 1.000 40.55101  ? 14  GLY A CA  1 
ATOM   105  C C   . GLY A 1 14  ? -14.05104 27.09903  -24.93764 1.000 43.36740  ? 14  GLY A C   1 
ATOM   106  O O   . GLY A 1 14  ? -14.00547 25.98252  -24.40816 1.000 47.28618  ? 14  GLY A O   1 
ATOM   107  N N   . ILE A 1 15  ? -12.95072 27.80085  -25.22154 1.000 43.98338  ? 15  ILE A N   1 
ATOM   108  C CA  . ILE A 1 15  ? -11.62116 27.28762  -24.89571 1.000 41.05058  ? 15  ILE A CA  1 
ATOM   109  C C   . ILE A 1 15  ? -11.50034 27.04782  -23.39688 1.000 38.64737  ? 15  ILE A C   1 
ATOM   110  O O   . ILE A 1 15  ? -11.00723 26.00462  -22.95180 1.000 36.71625  ? 15  ILE A O   1 
ATOM   111  C CB  . ILE A 1 15  ? -10.53540 28.25791  -25.39653 1.000 38.83637  ? 15  ILE A CB  1 
ATOM   112  C CG1 . ILE A 1 15  ? -10.34629 28.12697  -26.90720 1.000 43.13064  ? 15  ILE A CG1 1 
ATOM   113  C CG2 . ILE A 1 15  ? -9.22054  28.01635  -24.67444 1.000 37.45378  ? 15  ILE A CG2 1 
ATOM   114  C CD1 . ILE A 1 15  ? -9.32807  29.08989  -27.47162 1.000 38.04892  ? 15  ILE A CD1 1 
ATOM   115  N N   . LEU A 1 16  ? -11.95497 28.01254  -22.59605 1.000 42.82556  ? 16  LEU A N   1 
ATOM   116  C CA  . LEU A 1 16  ? -11.89157 27.85985  -21.14618 1.000 37.09375  ? 16  LEU A CA  1 
ATOM   117  C C   . LEU A 1 16  ? -12.81216 26.74490  -20.66537 1.000 39.04720  ? 16  LEU A C   1 
ATOM   118  O O   . LEU A 1 16  ? -12.47897 26.02291  -19.71891 1.000 43.84600  ? 16  LEU A O   1 
ATOM   119  C CB  . LEU A 1 16  ? -12.24069 29.18036  -20.46193 1.000 39.02966  ? 16  LEU A CB  1 
ATOM   120  C CG  . LEU A 1 16  ? -11.22089 30.30896  -20.62212 1.000 40.37676  ? 16  LEU A CG  1 
ATOM   121  C CD1 . LEU A 1 16  ? -11.73644 31.59229  -19.99564 1.000 42.29091  ? 16  LEU A CD1 1 
ATOM   122  C CD2 . LEU A 1 16  ? -9.88505  29.91478  -20.01837 1.000 38.83345  ? 16  LEU A CD2 1 
ATOM   123  N N   . ALA A 1 17  ? -13.97475 26.58884  -21.30190 1.000 44.63364  ? 17  ALA A N   1 
ATOM   124  C CA  . ALA A 1 17  ? -14.91641 25.55594  -20.88889 1.000 41.43423  ? 17  ALA A CA  1 
ATOM   125  C C   . ALA A 1 17  ? -14.46201 24.15623  -21.27804 1.000 41.65447  ? 17  ALA A C   1 
ATOM   126  O O   . ALA A 1 17  ? -14.95261 23.18024  -20.70205 1.000 42.05302  ? 17  ALA A O   1 
ATOM   127  C CB  . ALA A 1 17  ? -16.29691 25.83421  -21.48367 1.000 41.51961  ? 17  ALA A CB  1 
ATOM   128  N N   . ALA A 1 18  ? -13.54299 24.02994  -22.23222 1.000 50.02653  ? 18  ALA A N   1 
ATOM   129  C CA  . ALA A 1 18  ? -13.05470 22.72859  -22.67940 1.000 45.71471  ? 18  ALA A CA  1 
ATOM   130  C C   . ALA A 1 18  ? -11.58496 22.52073  -22.32151 1.000 48.92918  ? 18  ALA A C   1 
ATOM   131  O O   . ALA A 1 18  ? -10.79792 22.02106  -23.12674 1.000 53.38795  ? 18  ALA A O   1 
ATOM   132  C CB  . ALA A 1 18  ? -13.26495 22.56043  -24.18128 1.000 45.17115  ? 18  ALA A CB  1 
ATOM   133  N N   . VAL A 1 19  ? -11.20108 22.90041  -21.10616 1.000 49.96666  ? 19  VAL A N   1 
ATOM   134  C CA  . VAL A 1 19  ? -9.82171  22.77361  -20.65836 1.000 48.95536  ? 19  VAL A CA  1 
ATOM   135  C C   . VAL A 1 19  ? -9.62238  21.41053  -20.00524 1.000 53.46987  ? 19  VAL A C   1 
ATOM   136  O O   . VAL A 1 19  ? -10.57499 20.73146  -19.61420 1.000 55.34826  ? 19  VAL A O   1 
ATOM   137  C CB  . VAL A 1 19  ? -9.43570  23.91895  -19.69792 1.000 50.25687  ? 19  VAL A CB  1 
ATOM   138  C CG1 . VAL A 1 19  ? -9.75142  23.54593  -18.25739 1.000 46.69969  ? 19  VAL A CG1 1 
ATOM   139  C CG2 . VAL A 1 19  ? -7.96700  24.27891  -19.85692 1.000 48.15268  ? 19  VAL A CG2 1 
ATOM   140  N N   . ALA A 1 20  ? -8.36163  21.00256  -19.89277 1.000 53.75832  ? 20  ALA A N   1 
ATOM   141  C CA  . ALA A 1 20  ? -8.00332  19.72468  -19.29934 1.000 47.70531  ? 20  ALA A CA  1 
ATOM   142  C C   . ALA A 1 20  ? -7.76762  19.87150  -17.79761 1.000 54.12492  ? 20  ALA A C   1 
ATOM   143  O O   . ALA A 1 20  ? -7.77206  20.97191  -17.24225 1.000 59.48667  ? 20  ALA A O   1 
ATOM   144  C CB  . ALA A 1 20  ? -6.76298  19.14869  -19.97986 1.000 45.11650  ? 20  ALA A CB  1 
ATOM   145  N N   . LEU A 1 21  ? -7.55917  18.73601  -17.13888 1.000 48.28134  ? 21  LEU A N   1 
ATOM   146  C CA  . LEU A 1 21  ? -7.34476  18.68206  -15.70295 1.000 48.92995  ? 21  LEU A CA  1 
ATOM   147  C C   . LEU A 1 21  ? -6.11622  17.84382  -15.38828 1.000 47.25284  ? 21  LEU A C   1 
ATOM   148  O O   . LEU A 1 21  ? -5.76017  16.94344  -16.15481 1.000 55.07811  ? 21  LEU A O   1 
ATOM   149  C CB  . LEU A 1 21  ? -8.56124  18.08448  -14.98084 1.000 50.23001  ? 21  LEU A CB  1 
ATOM   150  C CG  . LEU A 1 21  ? -9.89952  18.80746  -15.12275 1.000 55.17073  ? 21  LEU A CG  1 
ATOM   151  C CD1 . LEU A 1 21  ? -11.01482 17.96298  -14.53358 1.000 49.77491  ? 21  LEU A CD1 1 
ATOM   152  C CD2 . LEU A 1 21  ? -9.84688  20.17260  -14.45763 1.000 54.07284  ? 21  LEU A CD2 1 
ATOM   153  N N   . PRO A 1 22  ? -5.44672  18.11785  -14.26610 1.000 42.19175  ? 22  PRO A N   1 
ATOM   154  C CA  . PRO A 1 22  ? -4.32065  17.26866  -13.85557 1.000 45.31470  ? 22  PRO A CA  1 
ATOM   155  C C   . PRO A 1 22  ? -4.77910  15.90124  -13.37519 1.000 55.80550  ? 22  PRO A C   1 
ATOM   156  O O   . PRO A 1 22  ? -5.97603  15.59750  -13.39002 1.000 61.31957  ? 22  PRO A O   1 
ATOM   157  C CB  . PRO A 1 22  ? -3.66380  18.07080  -12.72359 1.000 44.80562  ? 22  PRO A CB  1 
ATOM   158  C CG  . PRO A 1 22  ? -4.20325  19.45883  -12.85538 1.000 51.59607  ? 22  PRO A CG  1 
ATOM   159  C CD  . PRO A 1 22  ? -5.57819  19.30582  -13.40974 1.000 51.45777  ? 22  PRO A CD  1 
ATOM   160  N N   . ALA A 1 23  ? -3.83439  15.06935  -12.94107 1.000 57.40684  ? 23  ALA A N   1 
ATOM   161  C CA  . ALA A 1 23  ? -4.13340  13.70150  -12.51922 1.000 52.43700  ? 23  ALA A CA  1 
ATOM   162  C C   . ALA A 1 23  ? -4.46848  13.70244  -11.03348 1.000 57.11432  ? 23  ALA A C   1 
ATOM   163  O O   . ALA A 1 23  ? -3.59763  13.55111  -10.17607 1.000 61.67329  ? 23  ALA A O   1 
ATOM   164  C CB  . ALA A 1 23  ? -2.96347  12.77702  -12.82910 1.000 52.29842  ? 23  ALA A CB  1 
ATOM   165  N N   . TYR A 1 24  ? -5.75366  13.87633  -10.72409 1.000 46.39282  ? 24  TYR A N   1 
ATOM   166  C CA  . TYR A 1 24  ? -6.22889  13.77309  -9.35079  1.000 44.29119  ? 24  TYR A CA  1 
ATOM   167  C C   . TYR A 1 24  ? -6.47562  12.33238  -8.92477  1.000 51.27443  ? 24  TYR A C   1 
ATOM   168  O O   . TYR A 1 24  ? -6.64452  12.07175  -7.72361  1.000 63.27499  ? 24  TYR A O   1 
ATOM   169  C CB  . TYR A 1 24  ? -7.51039  14.58944  -9.17848  1.000 45.77888  ? 24  TYR A CB  1 
ATOM   170  C CG  . TYR A 1 24  ? -7.32628  16.07484  -9.38995  1.000 47.91818  ? 24  TYR A CG  1 
ATOM   171  C CD1 . TYR A 1 24  ? -6.31236  16.76734  -8.74527  1.000 52.49062  ? 24  TYR A CD1 1 
ATOM   172  C CD2 . TYR A 1 24  ? -8.16921  16.78446  -10.23202 1.000 47.63957  ? 24  TYR A CD2 1 
ATOM   173  C CE1 . TYR A 1 24  ? -6.14293  18.12412  -8.93485  1.000 50.41785  ? 24  TYR A CE1 1 
ATOM   174  C CE2 . TYR A 1 24  ? -8.00721  18.14001  -10.42720 1.000 45.16039  ? 24  TYR A CE2 1 
ATOM   175  C CZ  . TYR A 1 24  ? -6.99390  18.80437  -9.77619  1.000 45.11876  ? 24  TYR A CZ  1 
ATOM   176  O OH  . TYR A 1 24  ? -6.82977  20.15523  -9.96941  1.000 49.99308  ? 24  TYR A OH  1 
ATOM   177  N N   . GLN A 1 25  ? -6.49515  11.39818  -9.87931  1.000 49.72544  ? 25  GLN A N   1 
ATOM   178  C CA  . GLN A 1 25  ? -6.65950  9.99071   -9.54196  1.000 51.35374  ? 25  GLN A CA  1 
ATOM   179  C C   . GLN A 1 25  ? -5.53171  9.50051   -8.64844  1.000 56.70424  ? 25  GLN A C   1 
ATOM   180  O O   . GLN A 1 25  ? -5.76551  8.68864   -7.74887  1.000 62.98741  ? 25  GLN A O   1 
ATOM   181  C CB  . GLN A 1 25  ? -6.73124  9.14576   -10.81389 1.000 53.42646  ? 25  GLN A CB  1 
ATOM   182  C CG  . GLN A 1 25  ? -7.50643  9.78607   -11.95064 1.000 57.74667  ? 25  GLN A CG  1 
ATOM   183  C CD  . GLN A 1 25  ? -6.60326  10.36621  -13.02016 1.000 60.81320  ? 25  GLN A CD  1 
ATOM   184  O OE1 . GLN A 1 25  ? -5.70487  9.69320   -13.52204 1.000 53.67271  ? 25  GLN A OE1 1 
ATOM   185  N NE2 . GLN A 1 25  ? -6.83958  11.62288  -13.37579 1.000 62.14714  ? 25  GLN A NE2 1 
ATOM   186  N N   . ASP A 1 26  ? -4.30789  9.98333   -8.87447  1.000 52.06569  ? 26  ASP A N   1 
ATOM   187  C CA  . ASP A 1 26  ? -3.18847  9.59131   -8.02458  1.000 55.57752  ? 26  ASP A CA  1 
ATOM   188  C C   . ASP A 1 26  ? -3.39590  10.05063  -6.58622  1.000 59.14931  ? 26  ASP A C   1 
ATOM   189  O O   . ASP A 1 26  ? -3.12806  9.29925   -5.64087  1.000 67.46880  ? 26  ASP A O   1 
ATOM   190  C CB  . ASP A 1 26  ? -1.88550  10.15688  -8.58638  1.000 60.49313  ? 26  ASP A CB  1 
ATOM   191  C CG  . ASP A 1 26  ? -1.75836  9.94816   -10.08125 1.000 68.37728  ? 26  ASP A CG  1 
ATOM   192  O OD1 . ASP A 1 26  ? -2.55759  9.17116   -10.64325 1.000 67.58506  ? 26  ASP A OD1 1 
ATOM   193  O OD2 . ASP A 1 26  ? -0.85925  10.56055  -10.69465 1.000 71.01536  ? 26  ASP A OD2 1 
ATOM   194  N N   . TYR A 1 27  ? -3.87184  11.28315  -6.39956  1.000 40.38672  ? 27  TYR A N   1 
ATOM   195  C CA  . TYR A 1 27  ? -4.10470  11.78856  -5.05056  1.000 41.36761  ? 27  TYR A CA  1 
ATOM   196  C C   . TYR A 1 27  ? -5.23276  11.03138  -4.35881  1.000 48.24658  ? 27  TYR A C   1 
ATOM   197  O O   . TYR A 1 27  ? -5.13071  10.70186  -3.16816  1.000 57.20936  ? 27  TYR A O   1 
ATOM   198  C CB  . TYR A 1 27  ? -4.40106  13.28519  -5.10351  1.000 45.63381  ? 27  TYR A CB  1 
ATOM   199  C CG  . TYR A 1 27  ? -3.31933  14.08329  -5.79394  1.000 49.16753  ? 27  TYR A CG  1 
ATOM   200  C CD1 . TYR A 1 27  ? -1.97893  13.85048  -5.52074  1.000 50.92204  ? 27  TYR A CD1 1 
ATOM   201  C CD2 . TYR A 1 27  ? -3.63623  15.06528  -6.72022  1.000 47.88483  ? 27  TYR A CD2 1 
ATOM   202  C CE1 . TYR A 1 27  ? -0.98516  14.57393  -6.14849  1.000 46.23412  ? 27  TYR A CE1 1 
ATOM   203  C CE2 . TYR A 1 27  ? -2.64860  15.79395  -7.35368  1.000 48.02977  ? 27  TYR A CE2 1 
ATOM   204  C CZ  . TYR A 1 27  ? -1.32527  15.54389  -7.06335  1.000 46.20715  ? 27  TYR A CZ  1 
ATOM   205  O OH  . TYR A 1 27  ? -0.33782  16.26591  -7.69089  1.000 48.13230  ? 27  TYR A OH  1 
ATOM   206  N N   . THR A 1 28  ? -6.31310  10.73753  -5.08706  1.000 39.03751  ? 28  THR A N   1 
ATOM   207  C CA  . THR A 1 28  ? -7.38373  9.93398   -4.50328  1.000 38.93277  ? 28  THR A CA  1 
ATOM   208  C C   . THR A 1 28  ? -6.88779  8.53678   -4.14379  1.000 45.86485  ? 28  THR A C   1 
ATOM   209  O O   . THR A 1 28  ? -7.26275  7.98159   -3.10179  1.000 54.71152  ? 28  THR A O   1 
ATOM   210  C CB  . THR A 1 28  ? -8.56935  9.85673   -5.46359  1.000 45.39610  ? 28  THR A CB  1 
ATOM   211  O OG1 . THR A 1 28  ? -8.93644  11.17823  -5.87579  1.000 47.58183  ? 28  THR A OG1 1 
ATOM   212  C CG2 . THR A 1 28  ? -9.76059  9.19797   -4.78746  1.000 49.24807  ? 28  THR A CG2 1 
ATOM   213  N N   . ALA A 1 29  ? -6.03675  7.95585   -4.99276  1.000 42.45335  ? 29  ALA A N   1 
ATOM   214  C CA  . ALA A 1 29  ? -5.46740  6.64630   -4.70250  1.000 40.04953  ? 29  ALA A CA  1 
ATOM   215  C C   . ALA A 1 29  ? -4.60345  6.68543   -3.45093  1.000 47.92727  ? 29  ALA A C   1 
ATOM   216  O O   . ALA A 1 29  ? -4.63411  5.75416   -2.64135  1.000 60.06413  ? 29  ALA A O   1 
ATOM   217  C CB  . ALA A 1 29  ? -4.65763  6.15051   -5.89926  1.000 45.25635  ? 29  ALA A CB  1 
ATOM   218  N N   . ARG A 1 30  ? -3.81557  7.74914   -3.28084  1.000 39.22605  ? 30  ARG A N   1 
ATOM   219  C CA  . ARG A 1 30  ? -3.02032  7.88874   -2.06379  1.000 36.35677  ? 30  ARG A CA  1 
ATOM   220  C C   . ARG A 1 30  ? -3.91469  7.98518   -0.83456  1.000 42.70074  ? 30  ARG A C   1 
ATOM   221  O O   . ARG A 1 30  ? -3.64900  7.34693   0.19565   1.000 51.40354  ? 30  ARG A O   1 
ATOM   222  C CB  . ARG A 1 30  ? -2.11962  9.11887   -2.16201  1.000 33.81449  ? 30  ARG A CB  1 
ATOM   223  C CG  . ARG A 1 30  ? -1.02551  9.01513   -3.20416  1.000 42.94529  ? 30  ARG A CG  1 
ATOM   224  C CD  . ARG A 1 30  ? -0.03156  10.15309  -3.06757  1.000 45.74896  ? 30  ARG A CD  1 
ATOM   225  N NE  . ARG A 1 30  ? 0.73038   10.35884  -4.29266  1.000 43.97468  ? 30  ARG A NE  1 
ATOM   226  C CZ  . ARG A 1 30  ? 1.82028   11.10798  -4.37988  1.000 43.51974  ? 30  ARG A CZ  1 
ATOM   227  N NH1 . ARG A 1 30  ? 2.30676   11.74522  -3.32846  1.000 45.97695  ? 30  ARG A NH1 1 
ATOM   228  N NH2 . ARG A 1 30  ? 2.43770   11.22046  -5.55177  1.000 42.46579  ? 30  ARG A NH2 1 
ATOM   229  N N   . ALA A 1 31  ? -4.98894  8.77221   -0.93113  1.000 38.90427  ? 31  ALA A N   1 
ATOM   230  C CA  . ALA A 1 31  ? -5.90568  8.91137   0.19513   1.000 36.79643  ? 31  ALA A CA  1 
ATOM   231  C C   . ALA A 1 31  ? -6.54074  7.57524   0.55786   1.000 41.97109  ? 31  ALA A C   1 
ATOM   232  O O   . ALA A 1 31  ? -6.71299  7.26165   1.74142   1.000 47.81217  ? 31  ALA A O   1 
ATOM   233  C CB  . ALA A 1 31  ? -6.97996  9.94869   -0.12653  1.000 36.95303  ? 31  ALA A CB  1 
ATOM   234  N N   . GLN A 1 32  ? -6.89672  6.77413   -0.44707  1.000 44.42560  ? 32  GLN A N   1 
ATOM   235  C CA  . GLN A 1 32  ? -7.51286  5.47921   -0.17569  1.000 44.08987  ? 32  GLN A CA  1 
ATOM   236  C C   . GLN A 1 32  ? -6.50405  4.44406   0.31492   1.000 47.44904  ? 32  GLN A C   1 
ATOM   237  O O   . GLN A 1 32  ? -6.86712  3.55380   1.09095   1.000 55.75041  ? 32  GLN A O   1 
ATOM   238  C CB  . GLN A 1 32  ? -8.23216  4.97456   -1.42572  1.000 42.58294  ? 32  GLN A CB  1 
ATOM   239  C CG  . GLN A 1 32  ? -9.41241  5.83936   -1.83286  1.000 42.48675  ? 32  GLN A CG  1 
ATOM   240  C CD  . GLN A 1 32  ? -10.15903 5.28830   -3.02658  1.000 45.85971  ? 32  GLN A CD  1 
ATOM   241  O OE1 . GLN A 1 32  ? -9.72599  4.32248   -3.65230  1.000 54.86326  ? 32  GLN A OE1 1 
ATOM   242  N NE2 . GLN A 1 32  ? -11.28928 5.90119   -3.35003  1.000 43.01152  ? 32  GLN A NE2 1 
ATOM   243  N N   . VAL A 1 33  ? -5.24599  4.53916   -0.12344  1.000 36.20456  ? 33  VAL A N   1 
ATOM   244  C CA  . VAL A 1 33  ? -4.20109  3.62628   0.32738   1.000 37.88484  ? 33  VAL A CA  1 
ATOM   245  C C   . VAL A 1 33  ? -3.77829  3.92782   1.76068   1.000 43.72482  ? 33  VAL A C   1 
ATOM   246  O O   . VAL A 1 33  ? -3.29019  3.03221   2.46934   1.000 50.05716  ? 33  VAL A O   1 
ATOM   247  C CB  . VAL A 1 33  ? -3.01834  3.69703   -0.66289  1.000 38.15182  ? 33  VAL A CB  1 
ATOM   248  C CG1 . VAL A 1 33  ? -1.72465  3.19329   -0.04441  1.000 45.07793  ? 33  VAL A CG1 1 
ATOM   249  C CG2 . VAL A 1 33  ? -3.34049  2.90922   -1.92025  1.000 39.37702  ? 33  VAL A CG2 1 
ATOM   250  N N   . SER A 1 34  ? -3.96042  5.17300   2.20830   1.000 40.80497  ? 34  SER A N   1 
ATOM   251  C CA  . SER A 1 34  ? -3.67041  5.50363   3.60103   1.000 40.31979  ? 34  SER A CA  1 
ATOM   252  C C   . SER A 1 34  ? -4.46467  4.62248   4.56131   1.000 42.79837  ? 34  SER A C   1 
ATOM   253  O O   . SER A 1 34  ? -3.96980  4.25980   5.63580   1.000 48.23090  ? 34  SER A O   1 
ATOM   254  C CB  . SER A 1 34  ? -3.96414  6.98010   3.85986   1.000 42.90374  ? 34  SER A CB  1 
ATOM   255  O OG  . SER A 1 34  ? -5.22753  7.14627   4.47717   1.000 47.01770  ? 34  SER A OG  1 
ATOM   256  N N   . GLU A 1 35  ? -5.69739  4.26398   4.19139   1.000 44.11272  ? 35  GLU A N   1 
ATOM   257  C CA  . GLU A 1 35  ? -6.50149  3.39190   5.04363   1.000 42.20549  ? 35  GLU A CA  1 
ATOM   258  C C   . GLU A 1 35  ? -5.87610  2.00895   5.17216   1.000 45.22207  ? 35  GLU A C   1 
ATOM   259  O O   . GLU A 1 35  ? -5.83422  1.43733   6.26848   1.000 49.82290  ? 35  GLU A O   1 
ATOM   260  C CB  . GLU A 1 35  ? -7.92327  3.28444   4.49512   1.000 45.82032  ? 35  GLU A CB  1 
ATOM   261  C CG  . GLU A 1 35  ? -8.85760  2.46156   5.36578   1.000 53.71197  ? 35  GLU A CG  1 
ATOM   262  C CD  . GLU A 1 35  ? -10.19134 2.19304   4.69939   1.000 58.98865  ? 35  GLU A CD  1 
ATOM   263  O OE1 . GLU A 1 35  ? -11.07636 3.07208   4.76236   1.000 59.60414  ? 35  GLU A OE1 1 
ATOM   264  O OE2 . GLU A 1 35  ? -10.35632 1.10288   4.11354   1.000 57.76709  ? 35  GLU A OE2 1 
ATOM   265  N N   . ALA A 1 36  ? -5.39174  1.45096   4.06065   1.000 48.01566  ? 36  ALA A N   1 
ATOM   266  C CA  . ALA A 1 36  ? -4.71972  0.15760   4.11675   1.000 43.00116  ? 36  ALA A CA  1 
ATOM   267  C C   . ALA A 1 36  ? -3.45005  0.23871   4.94983   1.000 40.58369  ? 36  ALA A C   1 
ATOM   268  O O   . ALA A 1 36  ? -3.13015  -0.68975  5.70204   1.000 46.05692  ? 36  ALA A O   1 
ATOM   269  C CB  . ALA A 1 36  ? -4.40611  -0.33546  2.70533   1.000 40.94465  ? 36  ALA A CB  1 
ATOM   270  N N   . ILE A 1 37  ? -2.71307  1.34401   4.82678   1.000 46.36688  ? 37  ILE A N   1 
ATOM   271  C CA  . ILE A 1 37  ? -1.50590  1.52393   5.63171   1.000 40.71008  ? 37  ILE A CA  1 
ATOM   272  C C   . ILE A 1 37  ? -1.85623  1.52900   7.11525   1.000 42.70771  ? 37  ILE A C   1 
ATOM   273  O O   . ILE A 1 37  ? -1.20646  0.86143   7.93065   1.000 51.29838  ? 37  ILE A O   1 
ATOM   274  C CB  . ILE A 1 37  ? -0.77225  2.81331   5.22152   1.000 40.78294  ? 37  ILE A CB  1 
ATOM   275  C CG1 . ILE A 1 37  ? -0.15120  2.65766   3.83345   1.000 47.52399  ? 37  ILE A CG1 1 
ATOM   276  C CG2 . ILE A 1 37  ? 0.29368   3.16937   6.24160   1.000 41.26531  ? 37  ILE A CG2 1 
ATOM   277  C CD1 . ILE A 1 37  ? 0.54052   3.90448   3.33518   1.000 44.68283  ? 37  ILE A CD1 1 
ATOM   278  N N   . LEU A 1 38  ? -2.90206  2.27358   7.48335   1.000 44.51415  ? 38  LEU A N   1 
ATOM   279  C CA  . LEU A 1 38  ? -3.31181  2.34046   8.88317   1.000 38.65266  ? 38  LEU A CA  1 
ATOM   280  C C   . LEU A 1 38  ? -3.77442  0.98125   9.39315   1.000 35.95690  ? 38  LEU A C   1 
ATOM   281  O O   . LEU A 1 38  ? -3.46712  0.59927   10.52817  1.000 43.27130  ? 38  LEU A O   1 
ATOM   282  C CB  . LEU A 1 38  ? -4.41595  3.38233   9.05881   1.000 37.80757  ? 38  LEU A CB  1 
ATOM   283  C CG  . LEU A 1 38  ? -3.96730  4.83345   9.23768   1.000 37.91132  ? 38  LEU A CG  1 
ATOM   284  C CD1 . LEU A 1 38  ? -5.16039  5.77143   9.19978   1.000 41.82381  ? 38  LEU A CD1 1 
ATOM   285  C CD2 . LEU A 1 38  ? -3.19422  5.00059   10.53344  1.000 40.97892  ? 38  LEU A CD2 1 
ATOM   286  N N   . LEU A 1 39  ? -4.52361  0.24063   8.57327   1.000 36.74573  ? 39  LEU A N   1 
ATOM   287  C CA  . LEU A 1 39  ? -4.99246  -1.07818  8.98931   1.000 34.45532  ? 39  LEU A CA  1 
ATOM   288  C C   . LEU A 1 39  ? -3.83261  -2.04863  9.17603   1.000 34.27539  ? 39  LEU A C   1 
ATOM   289  O O   . LEU A 1 39  ? -3.82639  -2.84003  10.12558  1.000 39.23619  ? 39  LEU A O   1 
ATOM   290  C CB  . LEU A 1 39  ? -5.99313  -1.62547  7.97302   1.000 39.03340  ? 39  LEU A CB  1 
ATOM   291  C CG  . LEU A 1 39  ? -7.46478  -1.58971  8.38699   1.000 34.38894  ? 39  LEU A CG  1 
ATOM   292  C CD1 . LEU A 1 39  ? -8.34997  -2.06605  7.25168   1.000 39.24621  ? 39  LEU A CD1 1 
ATOM   293  C CD2 . LEU A 1 39  ? -7.69071  -2.42850  9.63013   1.000 34.65046  ? 39  LEU A CD2 1 
ATOM   294  N N   . ALA A 1 40  ? -2.84366  -2.00790  8.28038   1.000 39.40992  ? 40  ALA A N   1 
ATOM   295  C CA  . ALA A 1 40  ? -1.69149  -2.89111  8.40820   1.000 40.51107  ? 40  ALA A CA  1 
ATOM   296  C C   . ALA A 1 40  ? -0.77104  -2.48251  9.54904   1.000 43.72447  ? 40  ALA A C   1 
ATOM   297  O O   . ALA A 1 40  ? -0.02608  -3.32572  10.05828  1.000 46.15661  ? 40  ALA A O   1 
ATOM   298  C CB  . ALA A 1 40  ? -0.90748  -2.92893  7.09679   1.000 42.52986  ? 40  ALA A CB  1 
ATOM   299  N N   . GLU A 1 41  ? -0.80191  -1.21287  9.95955   1.000 46.34389  ? 41  GLU A N   1 
ATOM   300  C CA  . GLU A 1 41  ? 0.03686   -0.76890  11.06667  1.000 38.89848  ? 41  GLU A CA  1 
ATOM   301  C C   . GLU A 1 41  ? -0.40534  -1.34406  12.40683  1.000 45.37011  ? 41  GLU A C   1 
ATOM   302  O O   . GLU A 1 41  ? 0.39494   -1.37350  13.34727  1.000 55.03280  ? 41  GLU A O   1 
ATOM   303  C CB  . GLU A 1 41  ? 0.04315   0.75841   11.13731  1.000 43.29053  ? 41  GLU A CB  1 
ATOM   304  C CG  . GLU A 1 41  ? 1.23515   1.34386   11.87209  1.000 51.26422  ? 41  GLU A CG  1 
ATOM   305  C CD  . GLU A 1 41  ? 0.85528   2.51570   12.75465  1.000 57.60552  ? 41  GLU A CD  1 
ATOM   306  O OE1 . GLU A 1 41  ? -0.35420  2.80230   12.87602  1.000 57.24323  ? 41  GLU A OE1 1 
ATOM   307  O OE2 . GLU A 1 41  ? 1.76593   3.15043   13.32722  1.000 56.57974  ? 41  GLU A OE2 1 
ATOM   308  N N   . GLY A 1 42  ? -1.65095  -1.80198  12.51841  1.000 42.22567  ? 42  GLY A N   1 
ATOM   309  C CA  . GLY A 1 42  ? -2.17074  -2.26506  13.79162  1.000 40.39896  ? 42  GLY A CA  1 
ATOM   310  C C   . GLY A 1 42  ? -1.75609  -3.65919  14.20693  1.000 45.79984  ? 42  GLY A C   1 
ATOM   311  O O   . GLY A 1 42  ? -1.99899  -4.04050  15.35542  1.000 52.68183  ? 42  GLY A O   1 
ATOM   312  N N   . GLN A 1 43  ? -1.14232  -4.43027  13.31212  1.000 46.34447  ? 43  GLN A N   1 
ATOM   313  C CA  . GLN A 1 43  ? -0.72774  -5.79430  13.60974  1.000 40.86986  ? 43  GLN A CA  1 
ATOM   314  C C   . GLN A 1 43  ? 0.72940   -5.88785  14.04401  1.000 48.40233  ? 43  GLN A C   1 
ATOM   315  O O   . GLN A 1 43  ? 1.23887   -6.99722  14.22891  1.000 54.64637  ? 43  GLN A O   1 
ATOM   316  C CB  . GLN A 1 43  ? -0.96667  -6.69442  12.39703  1.000 42.72034  ? 43  GLN A CB  1 
ATOM   317  C CG  . GLN A 1 43  ? -2.06607  -6.21000  11.47095  1.000 44.31345  ? 43  GLN A CG  1 
ATOM   318  C CD  . GLN A 1 43  ? -3.44980  -6.46929  12.02396  1.000 45.67961  ? 43  GLN A CD  1 
ATOM   319  O OE1 . GLN A 1 43  ? -3.74191  -7.56113  12.50740  1.000 50.98259  ? 43  GLN A OE1 1 
ATOM   320  N NE2 . GLN A 1 43  ? -4.31216  -5.46343  11.95573  1.000 46.08394  ? 43  GLN A NE2 1 
ATOM   321  N N   . LYS A 1 44  ? 1.41077   -4.75180  14.20593  1.000 44.90569  ? 44  LYS A N   1 
ATOM   322  C CA  . LYS A 1 44  ? 2.82638   -4.77512  14.56095  1.000 40.44583  ? 44  LYS A CA  1 
ATOM   323  C C   . LYS A 1 44  ? 3.04759   -5.34190  15.95777  1.000 46.59128  ? 44  LYS A C   1 
ATOM   324  O O   . LYS A 1 44  ? 4.01686   -6.07612  16.18881  1.000 52.08990  ? 44  LYS A O   1 
ATOM   325  C CB  . LYS A 1 44  ? 3.41275   -3.36760  14.46331  1.000 38.33948  ? 44  LYS A CB  1 
ATOM   326  C CG  . LYS A 1 44  ? 3.53149   -2.83482  13.04978  1.000 46.42779  ? 44  LYS A CG  1 
ATOM   327  C CD  . LYS A 1 44  ? 3.62295   -1.31938  13.04246  1.000 42.46594  ? 44  LYS A CD  1 
ATOM   328  C CE  . LYS A 1 44  ? 4.83608   -0.83553  13.81326  1.000 40.64755  ? 44  LYS A CE  1 
ATOM   329  N NZ  . LYS A 1 44  ? 4.96238   0.64566   13.77411  1.000 46.14487  ? 44  LYS A NZ  1 
ATOM   330  N N   . SER A 1 45  ? 2.16626   -5.00377  16.90161  1.000 47.95507  ? 45  SER A N   1 
ATOM   331  C CA  . SER A 1 45  ? 2.38993   -5.35971  18.29957  1.000 45.41246  ? 45  SER A CA  1 
ATOM   332  C C   . SER A 1 45  ? 2.42750   -6.87074  18.49362  1.000 49.64356  ? 45  SER A C   1 
ATOM   333  O O   . SER A 1 45  ? 3.32086   -7.39866  19.16631  1.000 57.02072  ? 45  SER A O   1 
ATOM   334  C CB  . SER A 1 45  ? 1.30599   -4.73023  19.17387  1.000 43.77598  ? 45  SER A CB  1 
ATOM   335  O OG  . SER A 1 45  ? 1.25765   -5.34617  20.44842  1.000 54.55121  ? 45  SER A OG  1 
ATOM   336  N N   . ALA A 1 46  ? 1.46571   -7.58536  17.90513  1.000 38.91760  ? 46  ALA A N   1 
ATOM   337  C CA  . ALA A 1 46  ? 1.40117   -9.03178  18.08921  1.000 37.72537  ? 46  ALA A CA  1 
ATOM   338  C C   . ALA A 1 46  ? 2.61519   -9.72646  17.48475  1.000 49.05883  ? 46  ALA A C   1 
ATOM   339  O O   . ALA A 1 46  ? 3.21167   -10.61198 18.11247  1.000 54.45074  ? 46  ALA A O   1 
ATOM   340  C CB  . ALA A 1 46  ? 0.11073   -9.57661  17.48039  1.000 41.08723  ? 46  ALA A CB  1 
ATOM   341  N N   . VAL A 1 47  ? 2.99813   -9.33481  16.26744  1.000 40.73765  ? 47  VAL A N   1 
ATOM   342  C CA  . VAL A 1 47  ? 4.14593   -9.95176  15.60898  1.000 37.99417  ? 47  VAL A CA  1 
ATOM   343  C C   . VAL A 1 47  ? 5.42063   -9.68337  16.39689  1.000 44.93497  ? 47  VAL A C   1 
ATOM   344  O O   . VAL A 1 47  ? 6.24192   -10.58704 16.60852  1.000 54.27268  ? 47  VAL A O   1 
ATOM   345  C CB  . VAL A 1 47  ? 4.26008   -9.44894  14.15831  1.000 38.01624  ? 47  VAL A CB  1 
ATOM   346  C CG1 . VAL A 1 47  ? 5.43673   -10.10497 13.45893  1.000 50.01823  ? 47  VAL A CG1 1 
ATOM   347  C CG2 . VAL A 1 47  ? 2.97049   -9.71351  13.40435  1.000 39.81671  ? 47  VAL A CG2 1 
ATOM   348  N N   . THR A 1 48  ? 5.60689   -8.43871  16.84384  1.000 39.83345  ? 48  THR A N   1 
ATOM   349  C CA  . THR A 1 48  ? 6.80009   -8.10162  17.61158  1.000 36.99881  ? 48  THR A CA  1 
ATOM   350  C C   . THR A 1 48  ? 6.85033   -8.87684  18.92159  1.000 46.99687  ? 48  THR A C   1 
ATOM   351  O O   . THR A 1 48  ? 7.90933   -9.38572  19.30833  1.000 59.17425  ? 48  THR A O   1 
ATOM   352  C CB  . THR A 1 48  ? 6.84797   -6.59650  17.87402  1.000 38.28837  ? 48  THR A CB  1 
ATOM   353  O OG1 . THR A 1 48  ? 6.92848   -5.89636  16.62702  1.000 44.79492  ? 48  THR A OG1 1 
ATOM   354  C CG2 . THR A 1 48  ? 8.05774   -6.23991  18.72078  1.000 42.20155  ? 48  THR A CG2 1 
ATOM   355  N N   . GLU A 1 49  ? 5.71449   -8.98496  19.61637  1.000 43.13667  ? 49  GLU A N   1 
ATOM   356  C CA  . GLU A 1 49  ? 5.68790   -9.72227  20.87459  1.000 38.33464  ? 49  GLU A CA  1 
ATOM   357  C C   . GLU A 1 49  ? 6.00826   -11.19555 20.65954  1.000 43.71937  ? 49  GLU A C   1 
ATOM   358  O O   . GLU A 1 49  ? 6.77119   -11.79109 21.43171  1.000 51.01097  ? 49  GLU A O   1 
ATOM   359  C CB  . GLU A 1 49  ? 4.32669   -9.55767  21.54847  1.000 42.14163  ? 49  GLU A CB  1 
ATOM   360  C CG  . GLU A 1 49  ? 4.25221   -10.13985 22.94767  1.000 50.71992  ? 49  GLU A CG  1 
ATOM   361  C CD  . GLU A 1 49  ? 3.34974   -11.35451 23.02596  1.000 57.49985  ? 49  GLU A CD  1 
ATOM   362  O OE1 . GLU A 1 49  ? 2.33184   -11.38762 22.30347  1.000 56.77231  ? 49  GLU A OE1 1 
ATOM   363  O OE2 . GLU A 1 49  ? 3.65832   -12.27718 23.80905  1.000 55.79183  ? 49  GLU A OE2 1 
ATOM   364  N N   . TYR A 1 50  ? 5.43944   -11.80165 19.61306  1.000 41.82176  ? 50  TYR A N   1 
ATOM   365  C CA  . TYR A 1 50  ? 5.72896   -13.20509 19.33698  1.000 39.54083  ? 50  TYR A CA  1 
ATOM   366  C C   . TYR A 1 50  ? 7.20262   -13.41015 19.01392  1.000 43.03396  ? 50  TYR A C   1 
ATOM   367  O O   . TYR A 1 50  ? 7.82632   -14.36071 19.50293  1.000 49.19733  ? 50  TYR A O   1 
ATOM   368  C CB  . TYR A 1 50  ? 4.85418   -13.71356 18.19155  1.000 41.23527  ? 50  TYR A CB  1 
ATOM   369  C CG  . TYR A 1 50  ? 4.92393   -15.21208 17.99633  1.000 44.59907  ? 50  TYR A CG  1 
ATOM   370  C CD1 . TYR A 1 50  ? 5.87266   -15.78068 17.15785  1.000 47.47766  ? 50  TYR A CD1 1 
ATOM   371  C CD2 . TYR A 1 50  ? 4.04514   -16.05796 18.65526  1.000 47.10666  ? 50  TYR A CD2 1 
ATOM   372  C CE1 . TYR A 1 50  ? 5.94221   -17.14654 16.98067  1.000 44.47097  ? 50  TYR A CE1 1 
ATOM   373  C CE2 . TYR A 1 50  ? 4.10731   -17.42603 18.48314  1.000 46.47613  ? 50  TYR A CE2 1 
ATOM   374  C CZ  . TYR A 1 50  ? 5.05774   -17.96434 17.64502  1.000 46.30142  ? 50  TYR A CZ  1 
ATOM   375  O OH  . TYR A 1 50  ? 5.12346   -19.32672 17.46974  1.000 54.68483  ? 50  TYR A OH  1 
ATOM   376  N N   . TYR A 1 51  ? 7.78006   -12.52542 18.19637  1.000 45.20240  ? 51  TYR A N   1 
ATOM   377  C CA  . TYR A 1 51  ? 9.19390   -12.65510 17.86015  1.000 36.52260  ? 51  TYR A CA  1 
ATOM   378  C C   . TYR A 1 51  ? 10.07080  -12.50040 19.09464  1.000 41.14547  ? 51  TYR A C   1 
ATOM   379  O O   . TYR A 1 51  ? 11.05537  -13.22956 19.26186  1.000 49.15743  ? 51  TYR A O   1 
ATOM   380  C CB  . TYR A 1 51  ? 9.58363   -11.62769 16.79977  1.000 39.18150  ? 51  TYR A CB  1 
ATOM   381  C CG  . TYR A 1 51  ? 11.07051  -11.56716 16.54035  1.000 45.36824  ? 51  TYR A CG  1 
ATOM   382  C CD1 . TYR A 1 51  ? 11.72472  -12.60819 15.89810  1.000 47.20181  ? 51  TYR A CD1 1 
ATOM   383  C CD2 . TYR A 1 51  ? 11.82109  -10.47214 16.94156  1.000 44.00987  ? 51  TYR A CD2 1 
ATOM   384  C CE1 . TYR A 1 51  ? 13.08315  -12.55896 15.66033  1.000 41.35448  ? 51  TYR A CE1 1 
ATOM   385  C CE2 . TYR A 1 51  ? 13.17984  -10.41524 16.70876  1.000 41.25501  ? 51  TYR A CE2 1 
ATOM   386  C CZ  . TYR A 1 51  ? 13.80481  -11.46149 16.06831  1.000 42.40650  ? 51  TYR A CZ  1 
ATOM   387  O OH  . TYR A 1 51  ? 15.15807  -11.40941 15.83287  1.000 50.34773  ? 51  TYR A OH  1 
ATOM   388  N N   . LEU A 1 52  ? 9.73311   -11.55088 19.96879  1.000 44.36622  ? 52  LEU A N   1 
ATOM   389  C CA  . LEU A 1 52  ? 10.53713  -11.32915 21.16496  1.000 39.98378  ? 52  LEU A CA  1 
ATOM   390  C C   . LEU A 1 52  ? 10.44437  -12.50643 22.12709  1.000 39.80690  ? 52  LEU A C   1 
ATOM   391  O O   . LEU A 1 52  ? 11.44415  -12.88575 22.74727  1.000 46.46508  ? 52  LEU A O   1 
ATOM   392  C CB  . LEU A 1 52  ? 10.10436  -10.03568 21.85248  1.000 36.83944  ? 52  LEU A CB  1 
ATOM   393  C CG  . LEU A 1 52  ? 10.49004  -8.74097  21.13684  1.000 39.44533  ? 52  LEU A CG  1 
ATOM   394  C CD1 . LEU A 1 52  ? 9.86520   -7.54260  21.82619  1.000 38.58554  ? 52  LEU A CD1 1 
ATOM   395  C CD2 . LEU A 1 52  ? 12.00015  -8.59459  21.06539  1.000 42.13734  ? 52  LEU A CD2 1 
ATOM   396  N N   . ASN A 1 53  ? 9.25893   -13.09729 22.26926  1.000 45.55746  ? 53  ASN A N   1 
ATOM   397  C CA  . ASN A 1 53  ? 9.06499   -14.16122 23.24452  1.000 41.38997  ? 53  ASN A CA  1 
ATOM   398  C C   . ASN A 1 53  ? 9.37908   -15.55176 22.70773  1.000 45.09643  ? 53  ASN A C   1 
ATOM   399  O O   . ASN A 1 53  ? 9.42863   -16.49982 23.49774  1.000 49.78004  ? 53  ASN A O   1 
ATOM   400  C CB  . ASN A 1 53  ? 7.62601   -14.13903 23.76835  1.000 49.13620  ? 53  ASN A CB  1 
ATOM   401  C CG  . ASN A 1 53  ? 7.43761   -13.16153 24.90853  1.000 56.20493  ? 53  ASN A CG  1 
ATOM   402  O OD1 . ASN A 1 53  ? 7.09324   -11.99975 24.69466  1.000 56.64264  ? 53  ASN A OD1 1 
ATOM   403  N ND2 . ASN A 1 53  ? 7.66292   -13.62789 26.13085  1.000 53.93100  ? 53  ASN A ND2 1 
ATOM   404  N N   . HIS A 1 54  ? 9.59518   -15.70732 21.40126  1.000 49.19077  ? 54  HIS A N   1 
ATOM   405  C CA  . HIS A 1 54  ? 9.87816   -17.02229 20.83664  1.000 40.87972  ? 54  HIS A CA  1 
ATOM   406  C C   . HIS A 1 54  ? 11.14382  -17.09429 19.99672  1.000 44.55702  ? 54  HIS A C   1 
ATOM   407  O O   . HIS A 1 54  ? 11.62308  -18.20637 19.74670  1.000 48.83849  ? 54  HIS A O   1 
ATOM   408  C CB  . HIS A 1 54  ? 8.69723   -17.50636 19.98322  1.000 41.45106  ? 54  HIS A CB  1 
ATOM   409  C CG  . HIS A 1 54  ? 7.51376   -17.94687 20.78602  1.000 44.95299  ? 54  HIS A CG  1 
ATOM   410  N ND1 . HIS A 1 54  ? 7.37589   -19.23141 21.26478  1.000 44.92824  ? 54  HIS A ND1 1 
ATOM   411  C CD2 . HIS A 1 54  ? 6.41205   -17.27387 21.19321  1.000 49.66454  ? 54  HIS A CD2 1 
ATOM   412  C CE1 . HIS A 1 54  ? 6.24135   -19.33053 21.93353  1.000 44.38748  ? 54  HIS A CE1 1 
ATOM   413  N NE2 . HIS A 1 54  ? 5.63725   -18.15674 21.90475  1.000 47.77443  ? 54  HIS A NE2 1 
ATOM   414  N N   . GLY A 1 55  ? 11.70107  -15.97037 19.55479  1.000 50.11968  ? 55  GLY A N   1 
ATOM   415  C CA  . GLY A 1 55  ? 12.91764  -15.98647 18.77321  1.000 46.00140  ? 55  GLY A CA  1 
ATOM   416  C C   . GLY A 1 55  ? 12.73531  -16.20474 17.28838  1.000 52.32209  ? 55  GLY A C   1 
ATOM   417  O O   . GLY A 1 55  ? 13.73602  -16.26107 16.56309  1.000 56.36915  ? 55  GLY A O   1 
ATOM   418  N N   . GLU A 1 56  ? 11.50039  -16.33291 16.80928  1.000 53.58505  ? 56  GLU A N   1 
ATOM   419  C CA  . GLU A 1 56  ? 11.24563  -16.49527 15.38653  1.000 47.65588  ? 56  GLU A CA  1 
ATOM   420  C C   . GLU A 1 56  ? 9.94751   -15.78632 15.03241  1.000 54.11569  ? 56  GLU A C   1 
ATOM   421  O O   . GLU A 1 56  ? 9.07533   -15.58422 15.88067  1.000 61.36504  ? 56  GLU A O   1 
ATOM   422  C CB  . GLU A 1 56  ? 11.18133  -17.97373 14.98972  1.000 50.57033  ? 56  GLU A CB  1 
ATOM   423  C CG  . GLU A 1 56  ? 9.99845   -18.72350 15.57013  1.000 56.49165  ? 56  GLU A CG  1 
ATOM   424  C CD  . GLU A 1 56  ? 10.20548  -20.22298 15.56526  1.000 60.21484  ? 56  GLU A CD  1 
ATOM   425  O OE1 . GLU A 1 56  ? 11.01823  -20.70793 14.75170  1.000 58.73326  ? 56  GLU A OE1 1 
ATOM   426  O OE2 . GLU A 1 56  ? 9.55614   -20.91745 16.37476  1.000 62.72012  ? 56  GLU A OE2 1 
ATOM   427  N N   . TRP A 1 57  ? 9.83197   -15.40677 13.76338  1.000 41.99190  ? 57  TRP A N   1 
ATOM   428  C CA  . TRP A 1 57  ? 8.66407   -14.67269 13.30885  1.000 41.13232  ? 57  TRP A CA  1 
ATOM   429  C C   . TRP A 1 57  ? 7.45813   -15.60271 13.17792  1.000 49.43839  ? 57  TRP A C   1 
ATOM   430  O O   . TRP A 1 57  ? 7.60882   -16.79057 12.88025  1.000 53.89609  ? 57  TRP A O   1 
ATOM   431  C CB  . TRP A 1 57  ? 8.94635   -13.99977 11.96904  1.000 42.78273  ? 57  TRP A CB  1 
ATOM   432  C CG  . TRP A 1 57  ? 10.06733  -13.01112 12.01704  1.000 46.81874  ? 57  TRP A CG  1 
ATOM   433  C CD1 . TRP A 1 57  ? 11.34405  -13.20089 11.58264  1.000 46.51349  ? 57  TRP A CD1 1 
ATOM   434  C CD2 . TRP A 1 57  ? 10.01226  -11.67519 12.52887  1.000 44.91087  ? 57  TRP A CD2 1 
ATOM   435  N NE1 . TRP A 1 57  ? 12.08894  -12.06772 11.79226  1.000 48.27867  ? 57  TRP A NE1 1 
ATOM   436  C CE2 . TRP A 1 57  ? 11.29340  -11.11568 12.37200  1.000 41.66641  ? 57  TRP A CE2 1 
ATOM   437  C CE3 . TRP A 1 57  ? 9.00356   -10.89807 13.10442  1.000 49.25176  ? 57  TRP A CE3 1 
ATOM   438  C CZ2 . TRP A 1 57  ? 11.59283  -9.81649  12.76894  1.000 43.47141  ? 57  TRP A CZ2 1 
ATOM   439  C CZ3 . TRP A 1 57  ? 9.30343   -9.60930  13.49782  1.000 42.88625  ? 57  TRP A CZ3 1 
ATOM   440  C CH2 . TRP A 1 57  ? 10.58631  -9.08146  13.32872  1.000 42.44463  ? 57  TRP A CH2 1 
ATOM   441  N N   . PRO A 1 58  ? 6.24954   -15.08722 13.40511  1.000 44.19872  ? 58  PRO A N   1 
ATOM   442  C CA  . PRO A 1 58  ? 5.05109   -15.90701 13.20013  1.000 40.48456  ? 58  PRO A CA  1 
ATOM   443  C C   . PRO A 1 58  ? 4.89732   -16.29617 11.73896  1.000 48.92183  ? 58  PRO A C   1 
ATOM   444  O O   . PRO A 1 58  ? 5.22411   -15.52942 10.83145  1.000 57.70778  ? 58  PRO A O   1 
ATOM   445  C CB  . PRO A 1 58  ? 3.90691   -14.99320 13.65707  1.000 45.93584  ? 58  PRO A CB  1 
ATOM   446  C CG  . PRO A 1 58  ? 4.55190   -13.90163 14.43639  1.000 46.58693  ? 58  PRO A CG  1 
ATOM   447  C CD  . PRO A 1 58  ? 5.92056   -13.73357 13.87572  1.000 42.16478  ? 58  PRO A CD  1 
ATOM   448  N N   . GLY A 1 59  ? 4.38506   -17.50230 11.51698  1.000 47.66539  ? 59  GLY A N   1 
ATOM   449  C CA  . GLY A 1 59  ? 4.23323   -18.00693 10.16788  1.000 47.24729  ? 59  GLY A CA  1 
ATOM   450  C C   . GLY A 1 59  ? 2.84247   -17.85049 9.59031   1.000 54.14457  ? 59  GLY A C   1 
ATOM   451  O O   . GLY A 1 59  ? 2.64280   -18.04519 8.38797   1.000 60.15601  ? 59  GLY A O   1 
ATOM   452  N N   . ASP A 1 60  ? 1.87345   -17.49474 10.42836  1.000 55.63158  ? 60  ASP A N   1 
ATOM   453  C CA  . ASP A 1 60  ? 0.49090   -17.37643 9.98679   1.000 53.53390  ? 60  ASP A CA  1 
ATOM   454  C C   . ASP A 1 60  ? -0.26673  -16.50246 10.97480  1.000 58.03798  ? 60  ASP A C   1 
ATOM   455  O O   . ASP A 1 60  ? 0.23864   -16.15553 12.04455  1.000 65.55625  ? 60  ASP A O   1 
ATOM   456  C CB  . ASP A 1 60  ? -0.17030  -18.75152 9.85397   1.000 58.79790  ? 60  ASP A CB  1 
ATOM   457  C CG  . ASP A 1 60  ? -1.24898  -18.77950 8.78975   1.000 70.21344  ? 60  ASP A CG  1 
ATOM   458  O OD1 . ASP A 1 60  ? -1.22276  -17.91227 7.89128   1.000 70.00639  ? 60  ASP A OD1 1 
ATOM   459  O OD2 . ASP A 1 60  ? -2.12337  -19.66914 8.85153   1.000 69.52995  ? 60  ASP A OD2 1 
ATOM   460  N N   . ASN A 1 61  ? -1.49766  -16.15004 10.59668  1.000 52.31454  ? 61  ASN A N   1 
ATOM   461  C CA  . ASN A 1 61  ? -2.36196  -15.37257 11.47612  1.000 51.51474  ? 61  ASN A CA  1 
ATOM   462  C C   . ASN A 1 61  ? -2.75481  -16.13806 12.73211  1.000 55.62905  ? 61  ASN A C   1 
ATOM   463  O O   . ASN A 1 61  ? -3.18680  -15.51785 13.70897  1.000 53.59113  ? 61  ASN A O   1 
ATOM   464  C CB  . ASN A 1 61  ? -3.62523  -14.94181 10.72965  1.000 51.52211  ? 61  ASN A CB  1 
ATOM   465  C CG  . ASN A 1 61  ? -3.34707  -13.91949 9.65105   1.000 56.09121  ? 61  ASN A CG  1 
ATOM   466  O OD1 . ASN A 1 61  ? -2.52906  -14.14649 8.76116   1.000 59.97210  ? 61  ASN A OD1 1 
ATOM   467  N ND2 . ASN A 1 61  ? -4.03293  -12.78584 9.72055   1.000 53.02963  ? 61  ASN A ND2 1 
ATOM   468  N N   . SER A 1 62  ? -2.62236  -17.46597 12.72683  1.000 60.00212  ? 62  SER A N   1 
ATOM   469  C CA  . SER A 1 62  ? -3.06814  -18.26301 13.86483  1.000 57.35257  ? 62  SER A CA  1 
ATOM   470  C C   . SER A 1 62  ? -2.21518  -17.99492 15.09844  1.000 60.30318  ? 62  SER A C   1 
ATOM   471  O O   . SER A 1 62  ? -2.72612  -17.54588 16.13091  1.000 65.36751  ? 62  SER A O   1 
ATOM   472  C CB  . SER A 1 62  ? -3.04433  -19.74787 13.50415  1.000 64.44114  ? 62  SER A CB  1 
ATOM   473  O OG  . SER A 1 62  ? -4.07536  -20.06480 12.58569  1.000 65.92884  ? 62  SER A OG  1 
ATOM   474  N N   . SER A 1 63  ? -0.91137  -18.26266 15.01486  1.000 61.04248  ? 63  SER A N   1 
ATOM   475  C CA  . SER A 1 63  ? -0.04611  -18.05687 16.16873  1.000 63.24019  ? 63  SER A CA  1 
ATOM   476  C C   . SER A 1 63  ? 0.49217   -16.63766 16.27056  1.000 63.93621  ? 63  SER A C   1 
ATOM   477  O O   . SER A 1 63  ? 1.18840   -16.32839 17.24318  1.000 70.02132  ? 63  SER A O   1 
ATOM   478  C CB  . SER A 1 63  ? 1.11540   -19.05535 16.16020  1.000 64.45197  ? 63  SER A CB  1 
ATOM   479  O OG  . SER A 1 63  ? 1.67674   -19.24840 14.87202  1.000 61.63860  ? 63  SER A OG  1 
ATOM   480  N N   . ALA A 1 64  ? 0.19285   -15.77137 15.30312  1.000 55.35152  ? 64  ALA A N   1 
ATOM   481  C CA  . ALA A 1 64  ? 0.50289   -14.35722 15.47381  1.000 53.19549  ? 64  ALA A CA  1 
ATOM   482  C C   . ALA A 1 64  ? -0.42068  -13.71951 16.50222  1.000 53.02542  ? 64  ALA A C   1 
ATOM   483  O O   . ALA A 1 64  ? -0.01793  -12.79864 17.22129  1.000 59.60174  ? 64  ALA A O   1 
ATOM   484  C CB  . ALA A 1 64  ? 0.40523   -13.62808 14.13515  1.000 55.89945  ? 64  ALA A CB  1 
ATOM   485  N N   . GLY A 1 65  ? -1.65516  -14.19789 16.58975  1.000 45.64516  ? 65  GLY A N   1 
ATOM   486  C CA  . GLY A 1 65  ? -2.62897  -13.66453 17.51054  1.000 45.30445  ? 65  GLY A CA  1 
ATOM   487  C C   . GLY A 1 65  ? -3.64048  -12.71824 16.90744  1.000 52.35920  ? 65  GLY A C   1 
ATOM   488  O O   . GLY A 1 65  ? -4.13446  -11.83632 17.61838  1.000 58.42902  ? 65  GLY A O   1 
ATOM   489  N N   . VAL A 1 66  ? -3.96712  -12.87030 15.62472  1.000 50.11957  ? 66  VAL A N   1 
ATOM   490  C CA  . VAL A 1 66  ? -4.86771  -11.96765 14.92480  1.000 46.40561  ? 66  VAL A CA  1 
ATOM   491  C C   . VAL A 1 66  ? -5.97365  -12.78663 14.27115  1.000 49.64906  ? 66  VAL A C   1 
ATOM   492  O O   . VAL A 1 66  ? -5.93317  -14.01645 14.23631  1.000 52.73559  ? 66  VAL A O   1 
ATOM   493  C CB  . VAL A 1 66  ? -4.13341  -11.10866 13.87536  1.000 45.21226  ? 66  VAL A CB  1 
ATOM   494  C CG1 . VAL A 1 66  ? -3.24105  -10.09012 14.55835  1.000 46.80892  ? 66  VAL A CG1 1 
ATOM   495  C CG2 . VAL A 1 66  ? -3.32060  -11.99077 12.94607  1.000 48.60608  ? 66  VAL A CG2 1 
ATOM   496  N N   . ALA A 1 67  ? -6.97161  -12.07943 13.74853  1.000 49.12140  ? 67  ALA A N   1 
ATOM   497  C CA  . ALA A 1 67  ? -8.12790  -12.72586 13.15056  1.000 46.20754  ? 67  ALA A CA  1 
ATOM   498  C C   . ALA A 1 67  ? -7.79764  -13.21763 11.74235  1.000 48.62592  ? 67  ALA A C   1 
ATOM   499  O O   . ALA A 1 67  ? -6.69120  -13.03558 11.22676  1.000 53.93273  ? 67  ALA A O   1 
ATOM   500  C CB  . ALA A 1 67  ? -9.31600  -11.76816 13.12831  1.000 49.55550  ? 67  ALA A CB  1 
ATOM   501  N N   . THR A 1 68  ? -8.78191  -13.85824 11.11836  1.000 51.98032  ? 68  THR A N   1 
ATOM   502  C CA  . THR A 1 68  ? -8.63980  -14.34767 9.75710   1.000 52.21177  ? 68  THR A CA  1 
ATOM   503  C C   . THR A 1 68  ? -8.47246  -13.17458 8.79185   1.000 61.28692  ? 68  THR A C   1 
ATOM   504  O O   . THR A 1 68  ? -9.03475  -12.09253 8.98370   1.000 66.74274  ? 68  THR A O   1 
ATOM   505  C CB  . THR A 1 68  ? -9.85350  -15.20334 9.37854   1.000 55.50111  ? 68  THR A CB  1 
ATOM   506  O OG1 . THR A 1 68  ? -9.85761  -16.39756 10.16981  1.000 59.54626  ? 68  THR A OG1 1 
ATOM   507  C CG2 . THR A 1 68  ? -9.82667  -15.59509 7.90846   1.000 56.99593  ? 68  THR A CG2 1 
ATOM   508  N N   . SER A 1 69  ? -7.66539  -13.39948 7.74976   1.000 55.33712  ? 69  SER A N   1 
ATOM   509  C CA  . SER A 1 69  ? -7.34639  -12.33677 6.80046   1.000 51.57865  ? 69  SER A CA  1 
ATOM   510  C C   . SER A 1 69  ? -8.60221  -11.74204 6.17603   1.000 54.29346  ? 69  SER A C   1 
ATOM   511  O O   . SER A 1 69  ? -8.66852  -10.53161 5.93274   1.000 59.53933  ? 69  SER A O   1 
ATOM   512  C CB  . SER A 1 69  ? -6.41415  -12.87159 5.71436   1.000 55.28030  ? 69  SER A CB  1 
ATOM   513  N N   . ALA A 1 70  ? -9.60823  -12.57257 5.90931   1.000 52.85087  ? 70  ALA A N   1 
ATOM   514  C CA  . ALA A 1 70  ? -10.84435 -12.09166 5.30830   1.000 53.51831  ? 70  ALA A CA  1 
ATOM   515  C C   . ALA A 1 70  ? -11.68206 -11.24722 6.25850   1.000 59.47550  ? 70  ALA A C   1 
ATOM   516  O O   . ALA A 1 70  ? -12.63904 -10.60811 5.80877   1.000 63.02748  ? 70  ALA A O   1 
ATOM   517  C CB  . ALA A 1 70  ? -11.67690 -13.27175 4.80376   1.000 55.62836  ? 70  ALA A CB  1 
ATOM   518  N N   . ASP A 1 71  ? -11.35253 -11.22667 7.55013   1.000 57.08573  ? 71  ASP A N   1 
ATOM   519  C CA  . ASP A 1 71  ? -12.12314 -10.46633 8.52430   1.000 51.95270  ? 71  ASP A CA  1 
ATOM   520  C C   . ASP A 1 71  ? -11.55103 -9.08298  8.79796   1.000 52.95446  ? 71  ASP A C   1 
ATOM   521  O O   . ASP A 1 71  ? -12.27527 -8.22052  9.30686   1.000 59.38803  ? 71  ASP A O   1 
ATOM   522  C CB  . ASP A 1 71  ? -12.21894 -11.24183 9.84045   1.000 52.70222  ? 71  ASP A CB  1 
ATOM   523  C CG  . ASP A 1 71  ? -13.24393 -12.35478 9.78554   1.000 61.01131  ? 71  ASP A CG  1 
ATOM   524  O OD1 . ASP A 1 71  ? -14.06252 -12.36363 8.84307   1.000 60.67535  ? 71  ASP A OD1 1 
ATOM   525  O OD2 . ASP A 1 71  ? -13.23212 -13.22133 10.68433  1.000 62.62028  ? 71  ASP A OD2 1 
ATOM   526  N N   . ILE A 1 72  ? -10.28008 -8.84869  8.47780   1.000 50.57980  ? 72  ILE A N   1 
ATOM   527  C CA  . ILE A 1 72  ? -9.65831  -7.53654  8.66623   1.000 45.58871  ? 72  ILE A CA  1 
ATOM   528  C C   . ILE A 1 72  ? -9.92449  -6.75086  7.38640   1.000 49.66063  ? 72  ILE A C   1 
ATOM   529  O O   . ILE A 1 72  ? -9.12350  -6.74587  6.45171   1.000 59.98932  ? 72  ILE A O   1 
ATOM   530  C CB  . ILE A 1 72  ? -8.17019  -7.64540  8.98437   1.000 46.01582  ? 72  ILE A CB  1 
ATOM   531  C CG1 . ILE A 1 72  ? -7.93585  -8.65645  10.10659  1.000 49.82942  ? 72  ILE A CG1 1 
ATOM   532  C CG2 . ILE A 1 72  ? -7.60987  -6.28812  9.36987   1.000 47.60441  ? 72  ILE A CG2 1 
ATOM   533  C CD1 . ILE A 1 72  ? -6.47855  -8.94936  10.36514  1.000 48.69556  ? 72  ILE A CD1 1 
ATOM   534  N N   . LYS A 1 73  ? -11.06997 -6.07675  7.34630   1.000 44.36275  ? 73  LYS A N   1 
ATOM   535  C CA  . LYS A 1 73  ? -11.50419 -5.34990  6.16539   1.000 45.07784  ? 73  LYS A CA  1 
ATOM   536  C C   . LYS A 1 73  ? -12.01448 -3.97255  6.55804   1.000 43.73217  ? 73  LYS A C   1 
ATOM   537  O O   . LYS A 1 73  ? -12.46982 -3.75616  7.68382   1.000 51.42569  ? 73  LYS A O   1 
ATOM   538  C CB  . LYS A 1 73  ? -12.60001 -6.11243  5.41259   1.000 46.94794  ? 73  LYS A CB  1 
ATOM   539  C CG  . LYS A 1 73  ? -13.70356 -6.64507  6.30666   1.000 50.18491  ? 73  LYS A CG  1 
ATOM   540  C CD  . LYS A 1 73  ? -14.96881 -6.91788  5.51681   1.000 52.82695  ? 73  LYS A CD  1 
ATOM   541  C CE  . LYS A 1 73  ? -16.00418 -7.63011  6.36836   1.000 48.93053  ? 73  LYS A CE  1 
ATOM   542  N NZ  . LYS A 1 73  ? -15.68858 -9.07452  6.53256   1.000 47.83526  ? 73  LYS A NZ  1 
ATOM   543  N N   . GLY A 1 74  ? -11.93016 -3.04282  5.61272   1.000 46.31175  ? 74  GLY A N   1 
ATOM   544  C CA  . GLY A 1 74  ? -12.41804 -1.69352  5.77630   1.000 46.80719  ? 74  GLY A CA  1 
ATOM   545  C C   . GLY A 1 74  ? -13.28581 -1.28799  4.59976   1.000 49.95174  ? 74  GLY A C   1 
ATOM   546  O O   . GLY A 1 74  ? -13.87345 -2.12375  3.91088   1.000 51.39156  ? 74  GLY A O   1 
ATOM   547  N N   . LYS A 1 75  ? -13.35989 0.02548   4.37888   1.000 50.74304  ? 75  LYS A N   1 
ATOM   548  C CA  . LYS A 1 75  ? -14.14798 0.53863   3.26362   1.000 48.72168  ? 75  LYS A CA  1 
ATOM   549  C C   . LYS A 1 75  ? -13.48942 0.22085   1.92660   1.000 53.44460  ? 75  LYS A C   1 
ATOM   550  O O   . LYS A 1 75  ? -14.17810 -0.08866  0.94762   1.000 57.09241  ? 75  LYS A O   1 
ATOM   551  C CB  . LYS A 1 75  ? -14.35617 2.04420   3.41842   1.000 50.14451  ? 75  LYS A CB  1 
ATOM   552  C CG  . LYS A 1 75  ? -15.24936 2.65940   2.35541   1.000 55.51686  ? 75  LYS A CG  1 
ATOM   553  C CD  . LYS A 1 75  ? -16.69024 2.74273   2.82787   1.000 56.66378  ? 75  LYS A CD  1 
ATOM   554  C CE  . LYS A 1 75  ? -16.82703 3.67908   4.01557   1.000 56.81101  ? 75  LYS A CE  1 
ATOM   555  N NZ  . LYS A 1 75  ? -16.69106 5.10530   3.61412   1.000 54.65310  ? 75  LYS A NZ  1 
ATOM   556  N N   . TYR A 1 76  ? -12.15934 0.28784   1.86520   1.000 48.04786  ? 76  TYR A N   1 
ATOM   557  C CA  . TYR A 1 76  ? -11.42378 0.03596   0.63497   1.000 40.03128  ? 76  TYR A CA  1 
ATOM   558  C C   . TYR A 1 76  ? -10.43478 -1.11556  0.74570   1.000 47.60230  ? 76  TYR A C   1 
ATOM   559  O O   . TYR A 1 76  ? -9.74067  -1.40916  -0.23421  1.000 57.19988  ? 76  TYR A O   1 
ATOM   560  C CB  . TYR A 1 76  ? -10.67717 1.30210   0.19269   1.000 46.51428  ? 76  TYR A CB  1 
ATOM   561  C CG  . TYR A 1 76  ? -11.48735 2.57316   0.31089   1.000 49.98281  ? 76  TYR A CG  1 
ATOM   562  C CD1 . TYR A 1 76  ? -12.40385 2.92925   -0.66763  1.000 50.04933  ? 76  TYR A CD1 1 
ATOM   563  C CD2 . TYR A 1 76  ? -11.33216 3.41876   1.39924   1.000 47.90998  ? 76  TYR A CD2 1 
ATOM   564  C CE1 . TYR A 1 76  ? -13.14393 4.08962   -0.56442  1.000 48.27191  ? 76  TYR A CE1 1 
ATOM   565  C CE2 . TYR A 1 76  ? -12.06851 4.58026   1.51124   1.000 46.95355  ? 76  TYR A CE2 1 
ATOM   566  C CZ  . TYR A 1 76  ? -12.97248 4.91061   0.52677   1.000 47.06537  ? 76  TYR A CZ  1 
ATOM   567  O OH  . TYR A 1 76  ? -13.70865 6.06693   0.63337   1.000 49.63555  ? 76  TYR A OH  1 
ATOM   568  N N   . VAL A 1 77  ? -10.34795 -1.77425  1.89779   1.000 48.24197  ? 77  VAL A N   1 
ATOM   569  C CA  . VAL A 1 77  ? -9.42170  -2.87816  2.12011   1.000 41.92301  ? 77  VAL A CA  1 
ATOM   570  C C   . VAL A 1 77  ? -10.22610 -4.15524  2.30780   1.000 46.39075  ? 77  VAL A C   1 
ATOM   571  O O   . VAL A 1 77  ? -11.25029 -4.15890  3.00056   1.000 56.56727  ? 77  VAL A O   1 
ATOM   572  C CB  . VAL A 1 77  ? -8.51375  -2.61755  3.33684   1.000 44.45750  ? 77  VAL A CB  1 
ATOM   573  C CG1 . VAL A 1 77  ? -7.31096  -3.54094  3.30820   1.000 48.09423  ? 77  VAL A CG1 1 
ATOM   574  C CG2 . VAL A 1 77  ? -8.07488  -1.16650  3.36438   1.000 50.60523  ? 77  VAL A CG2 1 
ATOM   575  N N   . GLN A 1 78  ? -9.76306  -5.24212  1.68635   1.000 44.95753  ? 78  GLN A N   1 
ATOM   576  C CA  . GLN A 1 78  ? -10.48823 -6.50302  1.71687   1.000 43.79629  ? 78  GLN A CA  1 
ATOM   577  C C   . GLN A 1 78  ? -9.78604  -7.61535  2.48247   1.000 48.94797  ? 78  GLN A C   1 
ATOM   578  O O   . GLN A 1 78  ? -10.45370 -8.57440  2.88025   1.000 55.24245  ? 78  GLN A O   1 
ATOM   579  C CB  . GLN A 1 78  ? -10.77383 -6.98692  0.28684   1.000 41.73804  ? 78  GLN A CB  1 
ATOM   580  C CG  . GLN A 1 78  ? -9.67041  -7.82071  -0.33437  1.000 46.05431  ? 78  GLN A CG  1 
ATOM   581  C CD  . GLN A 1 78  ? -10.11345 -8.51094  -1.60873  1.000 52.09389  ? 78  GLN A CD  1 
ATOM   582  O OE1 . GLN A 1 78  ? -11.09134 -9.25696  -1.61566  1.000 53.86906  ? 78  GLN A OE1 1 
ATOM   583  N NE2 . GLN A 1 78  ? -9.39436  -8.26426  -2.69626  1.000 50.42504  ? 78  GLN A NE2 1 
ATOM   584  N N   . SER A 1 79  ? -8.47660  -7.51862  2.70739   1.000 50.09111  ? 79  SER A N   1 
ATOM   585  C CA  . SER A 1 79  ? -7.76508  -8.57674  3.41073   1.000 47.68173  ? 79  SER A CA  1 
ATOM   586  C C   . SER A 1 79  ? -6.42090  -8.06127  3.90308   1.000 48.98060  ? 79  SER A C   1 
ATOM   587  O O   . SER A 1 79  ? -5.77480  -7.25372  3.23166   1.000 56.50186  ? 79  SER A O   1 
ATOM   588  C CB  . SER A 1 79  ? -7.55765  -9.79985  2.50990   1.000 53.85282  ? 79  SER A CB  1 
ATOM   589  O OG  . SER A 1 79  ? -6.24528  -9.82364  1.97777   1.000 58.41912  ? 79  SER A OG  1 
ATOM   590  N N   . VAL A 1 80  ? -6.01393  -8.53484  5.07941   1.000 41.25956  ? 80  VAL A N   1 
ATOM   591  C CA  . VAL A 1 80  ? -4.68336  -8.29932  5.62758   1.000 39.26648  ? 80  VAL A CA  1 
ATOM   592  C C   . VAL A 1 80  ? -4.13220  -9.63650  6.10105   1.000 41.98778  ? 80  VAL A C   1 
ATOM   593  O O   . VAL A 1 80  ? -4.76277  -10.31554 6.91833   1.000 54.43652  ? 80  VAL A O   1 
ATOM   594  C CB  . VAL A 1 80  ? -4.70618  -7.28137  6.78322   1.000 42.79644  ? 80  VAL A CB  1 
ATOM   595  C CG1 . VAL A 1 80  ? -3.39208  -7.31218  7.54012   1.000 43.57717  ? 80  VAL A CG1 1 
ATOM   596  C CG2 . VAL A 1 80  ? -4.98476  -5.88618  6.25527   1.000 50.17803  ? 80  VAL A CG2 1 
ATOM   597  N N   . THR A 1 81  ? -2.95858  -10.01120 5.59684   1.000 44.84413  ? 81  THR A N   1 
ATOM   598  C CA  . THR A 1 81  ? -2.38438  -11.32231 5.85893   1.000 43.38853  ? 81  THR A CA  1 
ATOM   599  C C   . THR A 1 81  ? -0.98619  -11.18301 6.44263   1.000 47.61954  ? 81  THR A C   1 
ATOM   600  O O   . THR A 1 81  ? -0.25855  -10.23329 6.14126   1.000 54.68336  ? 81  THR A O   1 
ATOM   601  C CB  . THR A 1 81  ? -2.32332  -12.17461 4.58526   1.000 45.84650  ? 81  THR A CB  1 
ATOM   602  O OG1 . THR A 1 81  ? -1.41891  -13.26777 4.78246   1.000 50.50838  ? 81  THR A OG1 1 
ATOM   603  C CG2 . THR A 1 81  ? -1.84990  -11.33880 3.40817   1.000 43.07734  ? 81  THR A CG2 1 
ATOM   604  N N   . VAL A 1 82  ? -0.62105  -12.14651 7.28466   1.000 42.66408  ? 82  VAL A N   1 
ATOM   605  C CA  . VAL A 1 82  ? 0.69153   -12.20955 7.91543   1.000 42.92467  ? 82  VAL A CA  1 
ATOM   606  C C   . VAL A 1 82  ? 1.35796   -13.51018 7.49266   1.000 49.38686  ? 82  VAL A C   1 
ATOM   607  O O   . VAL A 1 82  ? 0.77371   -14.58912 7.64348   1.000 54.82713  ? 82  VAL A O   1 
ATOM   608  C CB  . VAL A 1 82  ? 0.59011   -12.12084 9.44908   1.000 43.48861  ? 82  VAL A CB  1 
ATOM   609  C CG1 . VAL A 1 82  ? 1.94671   -12.35604 10.08534  1.000 44.04355  ? 82  VAL A CG1 1 
ATOM   610  C CG2 . VAL A 1 82  ? 0.02875   -10.77352 9.86646   1.000 47.73255  ? 82  VAL A CG2 1 
ATOM   611  N N   . ALA A 1 83  ? 2.57615   -13.40820 6.96485   1.000 44.93578  ? 83  ALA A N   1 
ATOM   612  C CA  . ALA A 1 83  ? 3.32011   -14.57184 6.49005   1.000 38.45549  ? 83  ALA A CA  1 
ATOM   613  C C   . ALA A 1 83  ? 4.79651   -14.35496 6.78642   1.000 41.78617  ? 83  ALA A C   1 
ATOM   614  O O   . ALA A 1 83  ? 5.42586   -13.47510 6.19082   1.000 47.99640  ? 83  ALA A O   1 
ATOM   615  C CB  . ALA A 1 83  ? 3.09224   -14.80348 4.99709   1.000 39.15729  ? 83  ALA A CB  1 
ATOM   616  N N   . ASN A 1 84  ? 5.34325   -15.16235 7.69777   1.000 41.46412  ? 84  ASN A N   1 
ATOM   617  C CA  . ASN A 1 84  ? 6.75387   -15.09316 8.08442   1.000 35.53828  ? 84  ASN A CA  1 
ATOM   618  C C   . ASN A 1 84  ? 7.13918   -13.69077 8.54992   1.000 44.24475  ? 84  ASN A C   1 
ATOM   619  O O   . ASN A 1 84  ? 8.19869   -13.16852 8.19955   1.000 50.63083  ? 84  ASN A O   1 
ATOM   620  C CB  . ASN A 1 84  ? 7.66164   -15.55946 6.94548   1.000 42.72881  ? 84  ASN A CB  1 
ATOM   621  C CG  . ASN A 1 84  ? 7.70492   -17.06794 6.81769   1.000 47.31733  ? 84  ASN A CG  1 
ATOM   622  O OD1 . ASN A 1 84  ? 7.41142   -17.79078 7.76779   1.000 46.62500  ? 84  ASN A OD1 1 
ATOM   623  N ND2 . ASN A 1 84  ? 8.07000   -17.55142 5.63729   1.000 49.56964  ? 84  ASN A ND2 1 
ATOM   624  N N   . GLY A 1 85  ? 6.27046   -13.07508 9.34711   1.000 41.79660  ? 85  GLY A N   1 
ATOM   625  C CA  . GLY A 1 85  ? 6.53888   -11.75829 9.88397   1.000 35.80635  ? 85  GLY A CA  1 
ATOM   626  C C   . GLY A 1 85  ? 6.34014   -10.61266 8.92090   1.000 40.15149  ? 85  GLY A C   1 
ATOM   627  O O   . GLY A 1 85  ? 6.80583   -9.50310  9.20176   1.000 48.50061  ? 85  GLY A O   1 
ATOM   628  N N   . VAL A 1 86  ? 5.66524   -10.83955 7.79755   1.000 39.99652  ? 86  VAL A N   1 
ATOM   629  C CA  . VAL A 1 86  ? 5.43406   -9.81795  6.78436   1.000 36.09686  ? 86  VAL A CA  1 
ATOM   630  C C   . VAL A 1 86  ? 3.93471   -9.58326  6.67713   1.000 42.02331  ? 86  VAL A C   1 
ATOM   631  O O   . VAL A 1 86  ? 3.16387   -10.53501 6.50902   1.000 49.06755  ? 86  VAL A O   1 
ATOM   632  C CB  . VAL A 1 86  ? 6.02464   -10.22707 5.42300   1.000 33.26562  ? 86  VAL A CB  1 
ATOM   633  C CG1 . VAL A 1 86  ? 6.09325   -9.03529  4.50004   1.000 38.75444  ? 86  VAL A CG1 1 
ATOM   634  C CG2 . VAL A 1 86  ? 7.40370   -10.83494 5.60454   1.000 40.11599  ? 86  VAL A CG2 1 
ATOM   635  N N   . ILE A 1 87  ? 3.52519   -8.32177  6.77062   1.000 40.60694  ? 87  ILE A N   1 
ATOM   636  C CA  . ILE A 1 87  ? 2.11760   -7.94129  6.73831   1.000 36.01360  ? 87  ILE A CA  1 
ATOM   637  C C   . ILE A 1 87  ? 1.80409   -7.38109  5.35868   1.000 45.26380  ? 87  ILE A C   1 
ATOM   638  O O   . ILE A 1 87  ? 2.45308   -6.43203  4.90400   1.000 54.47381  ? 87  ILE A O   1 
ATOM   639  C CB  . ILE A 1 87  ? 1.78791   -6.91872  7.83627   1.000 36.29526  ? 87  ILE A CB  1 
ATOM   640  C CG1 . ILE A 1 87  ? 2.31135   -7.40139  9.18876   1.000 39.59146  ? 87  ILE A CG1 1 
ATOM   641  C CG2 . ILE A 1 87  ? 0.29155   -6.67136  7.89936   1.000 48.56087  ? 87  ILE A CG2 1 
ATOM   642  C CD1 . ILE A 1 87  ? 2.44843   -6.30596  10.21456  1.000 40.86533  ? 87  ILE A CD1 1 
ATOM   643  N N   . THR A 1 88  ? 0.80801   -7.96234  4.69341   1.000 42.89235  ? 88  THR A N   1 
ATOM   644  C CA  . THR A 1 88  ? 0.39983   -7.54484  3.36001   1.000 41.86088  ? 88  THR A CA  1 
ATOM   645  C C   . THR A 1 88  ? -1.08492  -7.21583  3.35977   1.000 44.97562  ? 88  THR A C   1 
ATOM   646  O O   . THR A 1 88  ? -1.89041  -7.94474  3.94533   1.000 54.79984  ? 88  THR A O   1 
ATOM   647  C CB  . THR A 1 88  ? 0.69060   -8.63164  2.31869   1.000 40.03204  ? 88  THR A CB  1 
ATOM   648  O OG1 . THR A 1 88  ? 1.90794   -9.30632  2.65675   1.000 46.13249  ? 88  THR A OG1 1 
ATOM   649  C CG2 . THR A 1 88  ? 0.82675   -8.02136  0.93508   1.000 41.82281  ? 88  THR A CG2 1 
ATOM   650  N N   . ALA A 1 89  ? -1.44181  -6.11859  2.69724   1.000 36.74379  ? 89  ALA A N   1 
ATOM   651  C CA  . ALA A 1 89  ? -2.81773  -5.65090  2.62197   1.000 38.96284  ? 89  ALA A CA  1 
ATOM   652  C C   . ALA A 1 89  ? -3.25203  -5.55470  1.16722   1.000 46.45911  ? 89  ALA A C   1 
ATOM   653  O O   . ALA A 1 89  ? -2.48945  -5.09630  0.31198   1.000 50.90209  ? 89  ALA A O   1 
ATOM   654  C CB  . ALA A 1 89  ? -2.97832  -4.29103  3.30538   1.000 48.11739  ? 89  ALA A CB  1 
ATOM   655  N N   . GLN A 1 90  ? -4.48129  -5.98369  0.89320   1.000 48.55121  ? 90  GLN A N   1 
ATOM   656  C CA  . GLN A 1 90  ? -5.03587  -5.99699  -0.45241  1.000 45.47672  ? 90  GLN A CA  1 
ATOM   657  C C   . GLN A 1 90  ? -6.27049  -5.10973  -0.51304  1.000 50.15833  ? 90  GLN A C   1 
ATOM   658  O O   . GLN A 1 90  ? -7.10969  -5.13469  0.39245   1.000 57.83357  ? 90  GLN A O   1 
ATOM   659  C CB  . GLN A 1 90  ? -5.39540  -7.42002  -0.88669  1.000 43.03285  ? 90  GLN A CB  1 
ATOM   660  C CG  . GLN A 1 90  ? -5.49932  -7.59961  -2.38949  1.000 50.56567  ? 90  GLN A CG  1 
ATOM   661  C CD  . GLN A 1 90  ? -5.93784  -8.99422  -2.78036  1.000 53.79406  ? 90  GLN A CD  1 
ATOM   662  O OE1 . GLN A 1 90  ? -6.58686  -9.69321  -2.00401  1.000 56.19089  ? 90  GLN A OE1 1 
ATOM   663  N NE2 . GLN A 1 90  ? -5.58641  -9.40678  -3.99141  1.000 51.81578  ? 90  GLN A NE2 1 
ATOM   664  N N   . MET A 1 91  ? -6.37713  -4.32796  -1.58360  1.000 48.64506  ? 91  MET A N   1 
ATOM   665  C CA  . MET A 1 91  ? -7.50178  -3.42433  -1.75493  1.000 44.32666  ? 91  MET A CA  1 
ATOM   666  C C   . MET A 1 91  ? -8.68475  -4.14803  -2.39589  1.000 47.13140  ? 91  MET A C   1 
ATOM   667  O O   . MET A 1 91  ? -8.56533  -5.25852  -2.91957  1.000 56.77948  ? 91  MET A O   1 
ATOM   668  C CB  . MET A 1 91  ? -7.09472  -2.21620  -2.59542  1.000 46.19335  ? 91  MET A CB  1 
ATOM   669  C CG  . MET A 1 91  ? -5.68198  -1.72919  -2.33455  1.000 47.10078  ? 91  MET A CG  1 
ATOM   670  S SD  . MET A 1 91  ? -5.58371  -0.56931  -0.96091  1.000 57.38851  ? 91  MET A SD  1 
ATOM   671  C CE  . MET A 1 91  ? -7.07083  0.38965   -1.21988  1.000 47.79191  ? 91  MET A CE  1 
ATOM   672  N N   . ALA A 1 92  ? -9.84367  -3.49683  -2.34762  1.000 47.93486  ? 92  ALA A N   1 
ATOM   673  C CA  . ALA A 1 92  ? -11.06830 -4.08638  -2.86355  1.000 47.10891  ? 92  ALA A CA  1 
ATOM   674  C C   . ALA A 1 92  ? -11.05917 -4.11390  -4.38921  1.000 54.31336  ? 92  ALA A C   1 
ATOM   675  O O   . ALA A 1 92  ? -10.32843 -3.37115  -5.05043  1.000 64.38556  ? 92  ALA A O   1 
ATOM   676  C CB  . ALA A 1 92  ? -12.28758 -3.31516  -2.36101  1.000 54.04755  ? 92  ALA A CB  1 
ATOM   677  N N   . SER A 1 93  ? -11.88974 -4.99236  -4.94715  1.000 50.18401  ? 93  SER A N   1 
ATOM   678  C CA  . SER A 1 93  ? -11.98364 -5.17753  -6.38832  1.000 50.17952  ? 93  SER A CA  1 
ATOM   679  C C   . SER A 1 93  ? -13.10238 -4.36632  -7.02789  1.000 55.34528  ? 93  SER A C   1 
ATOM   680  O O   . SER A 1 93  ? -13.27752 -4.43740  -8.24768  1.000 57.67839  ? 93  SER A O   1 
ATOM   681  C CB  . SER A 1 93  ? -12.17501 -6.66089  -6.71588  1.000 52.26132  ? 93  SER A CB  1 
ATOM   682  O OG  . SER A 1 93  ? -12.97095 -7.30007  -5.73437  1.000 58.53186  ? 93  SER A OG  1 
ATOM   683  N N   . SER A 1 94  ? -13.86050 -3.60255  -6.24536  1.000 59.46690  ? 94  SER A N   1 
ATOM   684  C CA  . SER A 1 94  ? -14.94894 -2.80552  -6.79293  1.000 56.94047  ? 94  SER A CA  1 
ATOM   685  C C   . SER A 1 94  ? -15.24115 -1.64871  -5.85022  1.000 62.17042  ? 94  SER A C   1 
ATOM   686  O O   . SER A 1 94  ? -14.87030 -1.67291  -4.67366  1.000 65.76931  ? 94  SER A O   1 
ATOM   687  C CB  . SER A 1 94  ? -16.20724 -3.65032  -7.01574  1.000 59.68870  ? 94  SER A CB  1 
ATOM   688  O OG  . SER A 1 94  ? -16.67306 -4.20120  -5.79651  1.000 65.45987  ? 94  SER A OG  1 
ATOM   689  N N   . ASN A 1 95  ? -15.91200 -0.63096  -6.39367  1.000 55.64321  ? 95  ASN A N   1 
ATOM   690  C CA  . ASN A 1 95  ? -16.30625 0.56507   -5.64696  1.000 52.59107  ? 95  ASN A CA  1 
ATOM   691  C C   . ASN A 1 95  ? -15.10334 1.29475   -5.05619  1.000 56.14094  ? 95  ASN A C   1 
ATOM   692  O O   . ASN A 1 95  ? -15.21087 1.95175   -4.01836  1.000 60.95930  ? 95  ASN A O   1 
ATOM   693  C CB  . ASN A 1 95  ? -17.31727 0.22933   -4.54721  1.000 55.88112  ? 95  ASN A CB  1 
ATOM   694  C CG  . ASN A 1 95  ? -18.64526 0.92892   -4.74505  1.000 62.11680  ? 95  ASN A CG  1 
ATOM   695  O OD1 . ASN A 1 95  ? -19.08471 1.14303   -5.87384  1.000 65.24762  ? 95  ASN A OD1 1 
ATOM   696  N ND2 . ASN A 1 95  ? -19.29281 1.29082   -3.64445  1.000 61.64985  ? 95  ASN A ND2 1 
ATOM   697  N N   . VAL A 1 96  ? -13.94981 1.18777   -5.71033  1.000 53.15456  ? 96  VAL A N   1 
ATOM   698  C CA  . VAL A 1 96  ? -12.73589 1.87434   -5.30541  1.000 50.62203  ? 96  VAL A CA  1 
ATOM   699  C C   . VAL A 1 96  ? -12.11867 2.52896   -6.53674  1.000 57.03405  ? 96  VAL A C   1 
ATOM   700  O O   . VAL A 1 96  ? -12.66879 2.47346   -7.63549  1.000 61.73854  ? 96  VAL A O   1 
ATOM   701  C CB  . VAL A 1 96  ? -11.72697 0.93075   -4.61852  1.000 51.89261  ? 96  VAL A CB  1 
ATOM   702  C CG1 . VAL A 1 96  ? -12.26878 0.45047   -3.28232  1.000 56.12046  ? 96  VAL A CG1 1 
ATOM   703  C CG2 . VAL A 1 96  ? -11.40283 -0.24359  -5.51993  1.000 52.79177  ? 96  VAL A CG2 1 
ATOM   704  N N   . ASN A 1 97  ? -10.96575 3.15915   -6.33688  1.000 56.29085  ? 97  ASN A N   1 
ATOM   705  C CA  . ASN A 1 97  ? -10.26803 3.80819   -7.43535  1.000 48.38863  ? 97  ASN A CA  1 
ATOM   706  C C   . ASN A 1 97  ? -9.79755  2.77868   -8.45606  1.000 53.97948  ? 97  ASN A C   1 
ATOM   707  O O   . ASN A 1 97  ? -9.45783  1.64182   -8.11793  1.000 63.78648  ? 97  ASN A O   1 
ATOM   708  C CB  . ASN A 1 97  ? -9.07796  4.61036   -6.91330  1.000 51.46041  ? 97  ASN A CB  1 
ATOM   709  C CG  . ASN A 1 97  ? -8.81179  5.85441   -7.73142  1.000 56.31617  ? 97  ASN A CG  1 
ATOM   710  O OD1 . ASN A 1 97  ? -9.63336  6.25819   -8.55205  1.000 59.08277  ? 97  ASN A OD1 1 
ATOM   711  N ND2 . ASN A 1 97  ? -7.65789  6.47059   -7.51201  1.000 60.89299  ? 97  ASN A ND2 1 
ATOM   712  N N   . ASN A 1 98  ? -9.78742  3.19186   -9.72420  1.000 50.99351  ? 98  ASN A N   1 
ATOM   713  C CA  . ASN A 1 98  ? -9.41481  2.28094   -10.80036 1.000 51.86570  ? 98  ASN A CA  1 
ATOM   714  C C   . ASN A 1 98  ? -7.94739  1.87946   -10.72620 1.000 56.96388  ? 98  ASN A C   1 
ATOM   715  O O   . ASN A 1 98  ? -7.60363  0.73511   -11.04250 1.000 63.15364  ? 98  ASN A O   1 
ATOM   716  C CB  . ASN A 1 98  ? -9.71992  2.92261   -12.15278 1.000 52.29711  ? 98  ASN A CB  1 
ATOM   717  C CG  . ASN A 1 98  ? -10.01688 1.90161   -13.22851 1.000 55.43061  ? 98  ASN A CG  1 
ATOM   718  O OD1 . ASN A 1 98  ? -10.80445 0.97859   -13.02428 1.000 59.59003  ? 98  ASN A OD1 1 
ATOM   719  N ND2 . ASN A 1 98  ? -9.38811  2.06319   -14.38609 1.000 55.95761  ? 98  ASN A ND2 1 
ATOM   720  N N   . GLU A 1 99  ? -7.07234  2.79714   -10.31502 1.000 55.08272  ? 99  GLU A N   1 
ATOM   721  C CA  . GLU A 1 99  ? -5.63847  2.53959   -10.33782 1.000 54.05092  ? 99  GLU A CA  1 
ATOM   722  C C   . GLU A 1 99  ? -5.17148  1.61746   -9.21902  1.000 57.53271  ? 99  GLU A C   1 
ATOM   723  O O   . GLU A 1 99  ? -4.09063  1.03054   -9.33527  1.000 61.26012  ? 99  GLU A O   1 
ATOM   724  C CB  . GLU A 1 99  ? -4.87103  3.86016   -10.26485 1.000 58.89569  ? 99  GLU A CB  1 
ATOM   725  C CG  . GLU A 1 99  ? -5.53500  5.00212   -11.01156 1.000 58.39790  ? 99  GLU A CG  1 
ATOM   726  C CD  . GLU A 1 99  ? -5.32669  4.91679   -12.50907 1.000 64.27715  ? 99  GLU A CD  1 
ATOM   727  O OE1 . GLU A 1 99  ? -4.34581  4.27444   -12.93884 1.000 66.46635  ? 99  GLU A OE1 1 
ATOM   728  O OE2 . GLU A 1 99  ? -6.14405  5.49175   -13.25759 1.000 63.41810  ? 99  GLU A OE2 1 
ATOM   729  N N   . ILE A 1 100 ? -5.94650  1.47299   -8.14585  1.000 52.24586  ? 100 ILE A N   1 
ATOM   730  C CA  . ILE A 1 100 ? -5.52313  0.66362   -7.00820  1.000 48.62078  ? 100 ILE A CA  1 
ATOM   731  C C   . ILE A 1 100 ? -6.49777  -0.48515  -6.78742  1.000 57.30164  ? 100 ILE A C   1 
ATOM   732  O O   . ILE A 1 100 ? -6.70709  -0.92648  -5.65212  1.000 64.97409  ? 100 ILE A O   1 
ATOM   733  C CB  . ILE A 1 100 ? -5.38590  1.51897   -5.73631  1.000 48.12480  ? 100 ILE A CB  1 
ATOM   734  C CG1 . ILE A 1 100 ? -6.67350  2.29703   -5.47087  1.000 50.37364  ? 100 ILE A CG1 1 
ATOM   735  C CG2 . ILE A 1 100 ? -4.20575  2.46488   -5.85939  1.000 54.39813  ? 100 ILE A CG2 1 
ATOM   736  C CD1 . ILE A 1 100 ? -6.74567  2.89279   -4.08693  1.000 55.54911  ? 100 ILE A CD1 1 
ATOM   737  N N   . LYS A 1 101 ? -7.09773  -0.97788  -7.86650  1.000 53.17020  ? 101 LYS A N   1 
ATOM   738  C CA  . LYS A 1 101 ? -8.02906  -2.09515  -7.77995  1.000 46.55430  ? 101 LYS A CA  1 
ATOM   739  C C   . LYS A 1 101 ? -7.25352  -3.40132  -7.65716  1.000 53.41952  ? 101 LYS A C   1 
ATOM   740  O O   . LYS A 1 101 ? -6.48380  -3.75742  -8.55639  1.000 59.87614  ? 101 LYS A O   1 
ATOM   741  C CB  . LYS A 1 101 ? -8.93565  -2.12595  -9.00696  1.000 50.54057  ? 101 LYS A CB  1 
ATOM   742  C CG  . LYS A 1 101 ? -10.31903 -1.54205  -8.78260  1.000 58.47983  ? 101 LYS A CG  1 
ATOM   743  C CD  . LYS A 1 101 ? -11.19340 -1.64994  -10.02773 1.000 60.53181  ? 101 LYS A CD  1 
ATOM   744  C CE  . LYS A 1 101 ? -10.68444 -2.70631  -10.99822 1.000 59.23148  ? 101 LYS A CE  1 
ATOM   745  N NZ  . LYS A 1 101 ? -11.34134 -2.60150  -12.32935 1.000 59.75167  ? 101 LYS A NZ  1 
ATOM   746  N N   . SER A 1 102 ? -7.45973  -4.11175  -6.54685  1.000 49.85400  ? 102 SER A N   1 
ATOM   747  C CA  . SER A 1 102 ? -6.84491  -5.41661  -6.29920  1.000 48.83604  ? 102 SER A CA  1 
ATOM   748  C C   . SER A 1 102 ? -5.31858  -5.33645  -6.38533  1.000 56.96717  ? 102 SER A C   1 
ATOM   749  O O   . SER A 1 102 ? -4.67730  -5.98077  -7.21742  1.000 64.30737  ? 102 SER A O   1 
ATOM   750  C CB  . SER A 1 102 ? -7.39843  -6.47130  -7.26272  1.000 51.72702  ? 102 SER A CB  1 
ATOM   751  O OG  . SER A 1 102 ? -8.68555  -6.90401  -6.86120  1.000 56.12792  ? 102 SER A OG  1 
ATOM   752  N N   . LYS A 1 103 ? -4.74373  -4.52598  -5.50046  1.000 52.31156  ? 103 LYS A N   1 
ATOM   753  C CA  . LYS A 1 103 ? -3.30468  -4.32333  -5.44065  1.000 52.82851  ? 103 LYS A CA  1 
ATOM   754  C C   . LYS A 1 103 ? -2.84084  -4.42893  -3.99430  1.000 56.53392  ? 103 LYS A C   1 
ATOM   755  O O   . LYS A 1 103 ? -3.62012  -4.24327  -3.05652  1.000 62.35202  ? 103 LYS A O   1 
ATOM   756  C CB  . LYS A 1 103 ? -2.90361  -2.97017  -6.04003  1.000 51.01141  ? 103 LYS A CB  1 
ATOM   757  C CG  . LYS A 1 103 ? -3.31077  -2.80023  -7.49418  1.000 54.14919  ? 103 LYS A CG  1 
ATOM   758  C CD  . LYS A 1 103 ? -2.26230  -2.03962  -8.28157  1.000 55.66830  ? 103 LYS A CD  1 
ATOM   759  C CE  . LYS A 1 103 ? -2.51517  -2.14231  -9.77543  1.000 56.15212  ? 103 LYS A CE  1 
ATOM   760  N NZ  . LYS A 1 103 ? -2.69825  -3.55245  -10.20855 1.000 55.31841  ? 103 LYS A NZ  1 
ATOM   761  N N   . LYS A 1 104 ? -1.55595  -4.73038  -3.81953  1.000 48.36417  ? 104 LYS A N   1 
ATOM   762  C CA  . LYS A 1 104 ? -1.01438  -5.09243  -2.51909  1.000 48.32158  ? 104 LYS A CA  1 
ATOM   763  C C   . LYS A 1 104 ? 0.13543   -4.17938  -2.11168  1.000 52.52425  ? 104 LYS A C   1 
ATOM   764  O O   . LYS A 1 104 ? 0.90550   -3.70208  -2.95004  1.000 59.79755  ? 104 LYS A O   1 
ATOM   765  C CB  . LYS A 1 104 ? -0.53206  -6.54667  -2.51483  1.000 48.33522  ? 104 LYS A CB  1 
ATOM   766  C CG  . LYS A 1 104 ? -1.64189  -7.56680  -2.67136  1.000 48.80518  ? 104 LYS A CG  1 
ATOM   767  C CD  . LYS A 1 104 ? -1.11573  -8.86125  -3.25728  1.000 53.50859  ? 104 LYS A CD  1 
ATOM   768  C CE  . LYS A 1 104 ? -1.89235  -10.05576 -2.73786  1.000 52.38099  ? 104 LYS A CE  1 
ATOM   769  N NZ  . LYS A 1 104 ? -1.77649  -11.22633 -3.64835  1.000 56.62953  ? 104 LYS A NZ  1 
ATOM   770  N N   . LEU A 1 105 ? 0.23524   -3.94676  -0.80350  1.000 44.16920  ? 105 LEU A N   1 
ATOM   771  C CA  . LEU A 1 105 ? 1.35645   -3.25666  -0.18399  1.000 36.81917  ? 105 LEU A CA  1 
ATOM   772  C C   . LEU A 1 105 ? 1.76558   -4.03517  1.05901   1.000 43.34703  ? 105 LEU A C   1 
ATOM   773  O O   . LEU A 1 105 ? 0.97010   -4.78194  1.63363   1.000 55.13295  ? 105 LEU A O   1 
ATOM   774  C CB  . LEU A 1 105 ? 1.00591   -1.79297  0.15158   1.000 42.44566  ? 105 LEU A CB  1 
ATOM   775  C CG  . LEU A 1 105 ? 0.20929   -1.38185  1.39742   1.000 47.15828  ? 105 LEU A CG  1 
ATOM   776  C CD1 . LEU A 1 105 ? 1.05157   -1.33646  2.67018   1.000 46.84757  ? 105 LEU A CD1 1 
ATOM   777  C CD2 . LEU A 1 105 ? -0.46720  -0.04243  1.16341   1.000 50.56718  ? 105 LEU A CD2 1 
ATOM   778  N N   . SER A 1 106 ? 3.01685   -3.85715  1.47734   1.000 41.49609  ? 106 SER A N   1 
ATOM   779  C CA  . SER A 1 106 ? 3.59851   -4.70146  2.50936   1.000 34.92833  ? 106 SER A CA  1 
ATOM   780  C C   . SER A 1 106 ? 4.34510   -3.87859  3.55066   1.000 41.61573  ? 106 SER A C   1 
ATOM   781  O O   . SER A 1 106 ? 4.81260   -2.76811  3.28748   1.000 50.56870  ? 106 SER A O   1 
ATOM   782  C CB  . SER A 1 106 ? 4.54897   -5.73806  1.90414   1.000 35.53755  ? 106 SER A CB  1 
ATOM   783  O OG  . SER A 1 106 ? 5.20431   -6.47402  2.91756   1.000 40.39593  ? 106 SER A OG  1 
ATOM   784  N N   . LEU A 1 107 ? 4.44700   -4.45640  4.74795   1.000 40.79928  ? 107 LEU A N   1 
ATOM   785  C CA  . LEU A 1 107 ? 5.23652   -3.92390  5.84922   1.000 37.36426  ? 107 LEU A CA  1 
ATOM   786  C C   . LEU A 1 107 ? 6.07821   -5.04644  6.43887   1.000 43.17075  ? 107 LEU A C   1 
ATOM   787  O O   . LEU A 1 107 ? 5.59803   -6.17304  6.59343   1.000 49.12214  ? 107 LEU A O   1 
ATOM   788  C CB  . LEU A 1 107 ? 4.34628   -3.31836  6.93857   1.000 36.42313  ? 107 LEU A CB  1 
ATOM   789  C CG  . LEU A 1 107 ? 4.03798   -1.82413  6.86412   1.000 47.43942  ? 107 LEU A CG  1 
ATOM   790  C CD1 . LEU A 1 107 ? 2.88715   -1.56006  5.90834   1.000 47.95986  ? 107 LEU A CD1 1 
ATOM   791  C CD2 . LEU A 1 107 ? 3.72379   -1.28395  8.24702   1.000 43.79749  ? 107 LEU A CD2 1 
ATOM   792  N N   . TRP A 1 108 ? 7.33127   -4.74028  6.76936   1.000 42.21149  ? 108 TRP A N   1 
ATOM   793  C CA  . TRP A 1 108 ? 8.23264   -5.74369  7.31784   1.000 36.84113  ? 108 TRP A CA  1 
ATOM   794  C C   . TRP A 1 108 ? 9.26649   -5.06421  8.20290   1.000 42.24819  ? 108 TRP A C   1 
ATOM   795  O O   . TRP A 1 108 ? 9.48537   -3.85310  8.11923   1.000 49.55165  ? 108 TRP A O   1 
ATOM   796  C CB  . TRP A 1 108 ? 8.91331   -6.55772  6.21003   1.000 38.60485  ? 108 TRP A CB  1 
ATOM   797  C CG  . TRP A 1 108 ? 9.92238   -5.79495  5.41110   1.000 42.44758  ? 108 TRP A CG  1 
ATOM   798  C CD1 . TRP A 1 108 ? 11.27490  -5.80342  5.57916   1.000 42.12608  ? 108 TRP A CD1 1 
ATOM   799  C CD2 . TRP A 1 108 ? 9.66126   -4.92027  4.30761   1.000 41.79130  ? 108 TRP A CD2 1 
ATOM   800  N NE1 . TRP A 1 108 ? 11.87210  -4.98532  4.65321   1.000 38.22891  ? 108 TRP A NE1 1 
ATOM   801  C CE2 . TRP A 1 108 ? 10.90229  -4.43077  3.86103   1.000 36.75824  ? 108 TRP A CE2 1 
ATOM   802  C CE3 . TRP A 1 108 ? 8.49790   -4.49965  3.65757   1.000 42.64350  ? 108 TRP A CE3 1 
ATOM   803  C CZ2 . TRP A 1 108 ? 11.01352  -3.54402  2.79551   1.000 42.32827  ? 108 TRP A CZ2 1 
ATOM   804  C CZ3 . TRP A 1 108 ? 8.61168   -3.62089  2.59889   1.000 40.50887  ? 108 TRP A CZ3 1 
ATOM   805  C CH2 . TRP A 1 108 ? 9.85922   -3.15188  2.17932   1.000 40.81328  ? 108 TRP A CH2 1 
ATOM   806  N N   . ALA A 1 109 ? 9.90292   -5.86357  9.05795   1.000 40.72932  ? 109 ALA A N   1 
ATOM   807  C CA  . ALA A 1 109 ? 10.83100  -5.35636  10.05639  1.000 37.83603  ? 109 ALA A CA  1 
ATOM   808  C C   . ALA A 1 109 ? 12.12807  -6.15157  10.03746  1.000 40.77808  ? 109 ALA A C   1 
ATOM   809  O O   . ALA A 1 109 ? 12.14742  -7.33642  9.69444   1.000 43.84355  ? 109 ALA A O   1 
ATOM   810  C CB  . ALA A 1 109 ? 10.22147  -5.40528  11.46244  1.000 42.81855  ? 109 ALA A CB  1 
ATOM   811  N N   . LYS A 1 110 ? 13.21481  -5.47933  10.41450  1.000 50.68550  ? 110 LYS A N   1 
ATOM   812  C CA  . LYS A 1 110 ? 14.53194  -6.08684  10.53831  1.000 49.46175  ? 110 LYS A CA  1 
ATOM   813  C C   . LYS A 1 110 ? 15.11417  -5.74149  11.90044  1.000 51.75551  ? 110 LYS A C   1 
ATOM   814  O O   . LYS A 1 110 ? 14.97891  -4.60934  12.37297  1.000 57.23182  ? 110 LYS A O   1 
ATOM   815  C CB  . LYS A 1 110 ? 15.47553  -5.61255  9.42891   1.000 48.10031  ? 110 LYS A CB  1 
ATOM   816  C CG  . LYS A 1 110 ? 15.32008  -6.36504  8.11903   1.000 49.58562  ? 110 LYS A CG  1 
ATOM   817  C CD  . LYS A 1 110 ? 16.58990  -6.29736  7.28909   1.000 50.22411  ? 110 LYS A CD  1 
ATOM   818  C CE  . LYS A 1 110 ? 16.29123  -5.89785  5.85484   1.000 55.28290  ? 110 LYS A CE  1 
ATOM   819  N NZ  . LYS A 1 110 ? 16.67109  -6.96350  4.88945   1.000 53.80443  ? 110 LYS A NZ  1 
ATOM   820  N N   . ARG A 1 111 ? 15.76229  -6.71897  12.52692  1.000 48.10822  ? 111 ARG A N   1 
ATOM   821  C CA  . ARG A 1 111 ? 16.28655  -6.56008  13.87622  1.000 45.58476  ? 111 ARG A CA  1 
ATOM   822  C C   . ARG A 1 111 ? 17.72843  -6.07326  13.83247  1.000 49.89676  ? 111 ARG A C   1 
ATOM   823  O O   . ARG A 1 111 ? 18.56037  -6.63655  13.11437  1.000 54.01886  ? 111 ARG A O   1 
ATOM   824  C CB  . ARG A 1 111 ? 16.20155  -7.87916  14.64410  1.000 42.71147  ? 111 ARG A CB  1 
ATOM   825  C CG  . ARG A 1 111 ? 17.07412  -7.93022  15.88571  1.000 45.81858  ? 111 ARG A CG  1 
ATOM   826  C CD  . ARG A 1 111 ? 17.82745  -9.24475  15.97723  1.000 49.40329  ? 111 ARG A CD  1 
ATOM   827  N NE  . ARG A 1 111 ? 18.86585  -9.21002  16.99966  1.000 52.15262  ? 111 ARG A NE  1 
ATOM   828  C CZ  . ARG A 1 111 ? 20.15144  -8.99851  16.75478  1.000 49.26148  ? 111 ARG A CZ  1 
ATOM   829  N NH1 . ARG A 1 111 ? 20.59689  -8.79709  15.52588  1.000 49.00903  ? 111 ARG A NH1 1 
ATOM   830  N NH2 . ARG A 1 111 ? 21.01185  -8.98958  17.76827  1.000 45.91859  ? 111 ARG A NH2 1 
ATOM   831  N N   . GLN A 1 112 ? 18.01717  -5.03005  14.60180  1.000 51.27441  ? 112 GLN A N   1 
ATOM   832  C CA  . GLN A 1 112 ? 19.35990  -4.49499  14.75850  1.000 47.33458  ? 112 GLN A CA  1 
ATOM   833  C C   . GLN A 1 112 ? 19.89418  -4.86131  16.13966  1.000 53.12949  ? 112 GLN A C   1 
ATOM   834  O O   . GLN A 1 112 ? 19.21595  -5.50135  16.94789  1.000 55.71418  ? 112 GLN A O   1 
ATOM   835  C CB  . GLN A 1 112 ? 19.36601  -2.98012  14.54559  1.000 45.82773  ? 112 GLN A CB  1 
ATOM   836  C CG  . GLN A 1 112 ? 18.63156  -2.52340  13.29863  1.000 49.89107  ? 112 GLN A CG  1 
ATOM   837  C CD  . GLN A 1 112 ? 19.44474  -2.72316  12.03820  1.000 54.26768  ? 112 GLN A CD  1 
ATOM   838  O OE1 . GLN A 1 112 ? 20.67169  -2.63329  12.05712  1.000 57.98089  ? 112 GLN A OE1 1 
ATOM   839  N NE2 . GLN A 1 112 ? 18.76406  -2.99324  10.93159  1.000 51.14942  ? 112 GLN A NE2 1 
ATOM   840  N N   . ASN A 1 113 ? 21.13223  -4.44436  16.40874  1.000 49.67490  ? 113 ASN A N   1 
ATOM   841  C CA  . ASN A 1 113 ? 21.76477  -4.76992  17.68107  1.000 48.07011  ? 113 ASN A CA  1 
ATOM   842  C C   . ASN A 1 113 ? 21.19339  -3.96714  18.84200  1.000 50.72259  ? 113 ASN A C   1 
ATOM   843  O O   . ASN A 1 113 ? 21.37450  -4.36269  19.99787  1.000 53.76030  ? 113 ASN A O   1 
ATOM   844  C CB  . ASN A 1 113 ? 23.27398  -4.54603  17.58943  1.000 49.40920  ? 113 ASN A CB  1 
ATOM   845  C CG  . ASN A 1 113 ? 24.05438  -5.84345  17.57034  1.000 52.29750  ? 113 ASN A CG  1 
ATOM   846  O OD1 . ASN A 1 113 ? 24.08895  -6.57478  18.55916  1.000 56.64419  ? 113 ASN A OD1 1 
ATOM   847  N ND2 . ASN A 1 113 ? 24.68677  -6.13668  16.44104  1.000 50.84001  ? 113 ASN A ND2 1 
ATOM   848  N N   . GLY A 1 114 ? 20.51438  -2.85661  18.56741  1.000 47.89637  ? 114 GLY A N   1 
ATOM   849  C CA  . GLY A 1 114 ? 19.96425  -2.03393  19.62567  1.000 41.07436  ? 114 GLY A CA  1 
ATOM   850  C C   . GLY A 1 114 ? 18.60248  -1.45113  19.31068  1.000 44.88043  ? 114 GLY A C   1 
ATOM   851  O O   . GLY A 1 114 ? 18.09984  -0.60649  20.05695  1.000 51.96507  ? 114 GLY A O   1 
ATOM   852  N N   . SER A 1 115 ? 17.99277  -1.89167  18.21333  1.000 43.48886  ? 115 SER A N   1 
ATOM   853  C CA  . SER A 1 115 ? 16.68757  -1.38628  17.81032  1.000 41.31239  ? 115 SER A CA  1 
ATOM   854  C C   . SER A 1 115 ? 16.05815  -2.36697  16.83143  1.000 47.64537  ? 115 SER A C   1 
ATOM   855  O O   . SER A 1 115 ? 16.69776  -3.31466  16.37047  1.000 54.18731  ? 115 SER A O   1 
ATOM   856  C CB  . SER A 1 115 ? 16.79796  0.00993   17.19098  1.000 46.65261  ? 115 SER A CB  1 
ATOM   857  O OG  . SER A 1 115 ? 17.95057  0.11520   16.37477  1.000 53.27836  ? 115 SER A OG  1 
ATOM   858  N N   . VAL A 1 116 ? 14.78394  -2.12946  16.52839  1.000 45.07230  ? 116 VAL A N   1 
ATOM   859  C CA  . VAL A 1 116 ? 14.04908  -2.88245  15.51808  1.000 38.75705  ? 116 VAL A CA  1 
ATOM   860  C C   . VAL A 1 116 ? 13.48865  -1.88337  14.51653  1.000 44.17258  ? 116 VAL A C   1 
ATOM   861  O O   . VAL A 1 116 ? 12.64618  -1.05072  14.87230  1.000 52.60491  ? 116 VAL A O   1 
ATOM   862  C CB  . VAL A 1 116 ? 12.91992  -3.72865  16.12887  1.000 38.34657  ? 116 VAL A CB  1 
ATOM   863  C CG1 . VAL A 1 116 ? 12.17039  -4.47457  15.04001  1.000 39.98288  ? 116 VAL A CG1 1 
ATOM   864  C CG2 . VAL A 1 116 ? 13.47721  -4.69856  17.15529  1.000 40.53447  ? 116 VAL A CG2 1 
ATOM   865  N N   . LYS A 1 117 ? 13.94943  -1.96543  13.27196  1.000 38.18519  ? 117 LYS A N   1 
ATOM   866  C CA  . LYS A 1 117 ? 13.55574  -1.02140  12.23615  1.000 37.33773  ? 117 LYS A CA  1 
ATOM   867  C C   . LYS A 1 117 ? 12.38698  -1.56892  11.42993  1.000 42.69313  ? 117 LYS A C   1 
ATOM   868  O O   . LYS A 1 117 ? 12.32178  -2.76688  11.14422  1.000 48.20779  ? 117 LYS A O   1 
ATOM   869  C CB  . LYS A 1 117 ? 14.73207  -0.72067  11.30720  1.000 42.25936  ? 117 LYS A CB  1 
ATOM   870  C CG  . LYS A 1 117 ? 15.67767  0.34407   11.82815  1.000 44.81782  ? 117 LYS A CG  1 
ATOM   871  C CD  . LYS A 1 117 ? 16.96538  0.37828   11.02575  1.000 41.80157  ? 117 LYS A CD  1 
ATOM   872  C CE  . LYS A 1 117 ? 16.80683  1.20499   9.76401   1.000 40.13967  ? 117 LYS A CE  1 
ATOM   873  N NZ  . LYS A 1 117 ? 18.10375  1.77713   9.31348   1.000 45.61051  ? 117 LYS A NZ  1 
ATOM   874  N N   . TRP A 1 118 ? 11.46541  -0.68196  11.06327  1.000 40.53321  ? 118 TRP A N   1 
ATOM   875  C CA  . TRP A 1 118 ? 10.28308  -1.04222  10.29465  1.000 38.22523  ? 118 TRP A CA  1 
ATOM   876  C C   . TRP A 1 118 ? 10.31812  -0.35664  8.93606   1.000 46.79674  ? 118 TRP A C   1 
ATOM   877  O O   . TRP A 1 118 ? 10.72402  0.80439   8.82586   1.000 54.10011  ? 118 TRP A O   1 
ATOM   878  C CB  . TRP A 1 118 ? 9.00229   -0.66477  11.04408  1.000 41.20869  ? 118 TRP A CB  1 
ATOM   879  C CG  . TRP A 1 118 ? 8.61313   -1.66653  12.08434  1.000 39.55713  ? 118 TRP A CG  1 
ATOM   880  C CD1 . TRP A 1 118 ? 8.93161   -1.63646  13.40816  1.000 38.89749  ? 118 TRP A CD1 1 
ATOM   881  C CD2 . TRP A 1 118 ? 7.83806   -2.85381  11.88521  1.000 41.66255  ? 118 TRP A CD2 1 
ATOM   882  N NE1 . TRP A 1 118 ? 8.40135   -2.72891  14.04765  1.000 41.59157  ? 118 TRP A NE1 1 
ATOM   883  C CE2 . TRP A 1 118 ? 7.72657   -3.49295  13.13330  1.000 38.27555  ? 118 TRP A CE2 1 
ATOM   884  C CE3 . TRP A 1 118 ? 7.22775   -3.43823  10.77214  1.000 46.24899  ? 118 TRP A CE3 1 
ATOM   885  C CZ2 . TRP A 1 118 ? 7.02929   -4.68500  13.30060  1.000 37.95004  ? 118 TRP A CZ2 1 
ATOM   886  C CZ3 . TRP A 1 118 ? 6.53610   -4.62183  10.94121  1.000 43.08171  ? 118 TRP A CZ3 1 
ATOM   887  C CH2 . TRP A 1 118 ? 6.44283   -5.23224  12.19454  1.000 36.94991  ? 118 TRP A CH2 1 
ATOM   888  N N   . PHE A 1 119 ? 9.89048   -1.08195  7.90405   1.000 41.05991  ? 119 PHE A N   1 
ATOM   889  C CA  . PHE A 1 119 ? 9.89232   -0.58759  6.53592   1.000 37.20050  ? 119 PHE A CA  1 
ATOM   890  C C   . PHE A 1 119 ? 8.49814   -0.71622  5.94025   1.000 44.94697  ? 119 PHE A C   1 
ATOM   891  O O   . PHE A 1 119 ? 7.69856   -1.55370  6.36605   1.000 54.47054  ? 119 PHE A O   1 
ATOM   892  C CB  . PHE A 1 119 ? 10.89409  -1.35098  5.65938   1.000 40.59237  ? 119 PHE A CB  1 
ATOM   893  C CG  . PHE A 1 119 ? 12.30276  -1.32599  6.17836   1.000 46.00315  ? 119 PHE A CG  1 
ATOM   894  C CD1 . PHE A 1 119 ? 13.13951  -0.26048  5.90018   1.000 44.73950  ? 119 PHE A CD1 1 
ATOM   895  C CD2 . PHE A 1 119 ? 12.79216  -2.37354  6.93696   1.000 44.56368  ? 119 PHE A CD2 1 
ATOM   896  C CE1 . PHE A 1 119 ? 14.43466  -0.23888  6.37311   1.000 44.72636  ? 119 PHE A CE1 1 
ATOM   897  C CE2 . PHE A 1 119 ? 14.08560  -2.35639  7.41241   1.000 42.95034  ? 119 PHE A CE2 1 
ATOM   898  C CZ  . PHE A 1 119 ? 14.90748  -1.28841  7.13022   1.000 45.58492  ? 119 PHE A CZ  1 
ATOM   899  N N   . CYS A 1 120 ? 8.21402   0.12463   4.94735   1.000 47.45068  ? 120 CYS A N   1 
ATOM   900  C CA  . CYS A 1 120 ? 6.93271   0.11442   4.25647   1.000 44.60485  ? 120 CYS A CA  1 
ATOM   901  C C   . CYS A 1 120 ? 7.15664   0.36504   2.77296   1.000 51.27295  ? 120 CYS A C   1 
ATOM   902  O O   . CYS A 1 120 ? 7.97619   1.20774   2.39790   1.000 59.50957  ? 120 CYS A O   1 
ATOM   903  C CB  . CYS A 1 120 ? 5.98234   1.16951   4.83482   1.000 42.64822  ? 120 CYS A CB  1 
ATOM   904  S SG  . CYS A 1 120 ? 4.60357   1.61555   3.76129   1.000 67.00366  ? 120 CYS A SG  1 
ATOM   905  N N   . GLY A 1 121 ? 6.42812   -0.36598  1.93329   1.000 42.61420  ? 121 GLY A N   1 
ATOM   906  C CA  . GLY A 1 121 ? 6.57708   -0.19165  0.49621   1.000 40.51982  ? 121 GLY A CA  1 
ATOM   907  C C   . GLY A 1 121 ? 5.91652   -1.30603  -0.28831  1.000 38.46962  ? 121 GLY A C   1 
ATOM   908  O O   . GLY A 1 121 ? 4.88003   -1.84400  0.11572   1.000 47.64498  ? 121 GLY A O   1 
ATOM   909  N N   . GLN A 1 122 ? 6.53338   -1.63917  -1.42001  1.000 37.09109  ? 122 GLN A N   1 
ATOM   910  C CA  . GLN A 1 122 ? 5.99709   -2.64042  -2.32503  1.000 38.26324  ? 122 GLN A CA  1 
ATOM   911  C C   . GLN A 1 122 ? 6.12450   -4.03881  -1.71871  1.000 47.41054  ? 122 GLN A C   1 
ATOM   912  O O   . GLN A 1 122 ? 6.93333   -4.26040  -0.81456  1.000 55.31997  ? 122 GLN A O   1 
ATOM   913  C CB  . GLN A 1 122 ? 6.71650   -2.55931  -3.66956  1.000 42.52872  ? 122 GLN A CB  1 
ATOM   914  C CG  . GLN A 1 122 ? 6.03422   -1.62953  -4.66045  1.000 44.31476  ? 122 GLN A CG  1 
ATOM   915  C CD  . GLN A 1 122 ? 6.83490   -1.42907  -5.92769  1.000 45.65367  ? 122 GLN A CD  1 
ATOM   916  O OE1 . GLN A 1 122 ? 7.95957   -1.91242  -6.04884  1.000 52.42755  ? 122 GLN A OE1 1 
ATOM   917  N NE2 . GLN A 1 122 ? 6.25764   -0.71232  -6.88292  1.000 44.57992  ? 122 GLN A NE2 1 
ATOM   918  N N   . PRO A 1 123 ? 5.32129   -4.99677  -2.19240  1.000 40.86904  ? 123 PRO A N   1 
ATOM   919  C CA  . PRO A 1 123 ? 5.27254   -6.31148  -1.53736  1.000 41.04318  ? 123 PRO A CA  1 
ATOM   920  C C   . PRO A 1 123 ? 6.61675   -7.02611  -1.52926  1.000 46.82275  ? 123 PRO A C   1 
ATOM   921  O O   . PRO A 1 123 ? 7.39416   -6.94845  -2.48256  1.000 51.72514  ? 123 PRO A O   1 
ATOM   922  C CB  . PRO A 1 123 ? 4.23982   -7.07923  -2.36876  1.000 41.68249  ? 123 PRO A CB  1 
ATOM   923  C CG  . PRO A 1 123 ? 3.38405   -6.03053  -2.96054  1.000 44.49579  ? 123 PRO A CG  1 
ATOM   924  C CD  . PRO A 1 123 ? 4.29404   -4.87711  -3.24191  1.000 41.24387  ? 123 PRO A CD  1 
ATOM   925  N N   . VAL A 1 124 ? 6.87868   -7.73176  -0.42532  1.000 45.23492  ? 124 VAL A N   1 
ATOM   926  C CA  . VAL A 1 124 ? 8.07400   -8.54718  -0.25369  1.000 39.29183  ? 124 VAL A CA  1 
ATOM   927  C C   . VAL A 1 124 ? 7.66280   -9.88856  0.33920   1.000 46.57601  ? 124 VAL A C   1 
ATOM   928  O O   . VAL A 1 124 ? 6.55165   -10.05574 0.84514   1.000 51.53940  ? 124 VAL A O   1 
ATOM   929  C CB  . VAL A 1 124 ? 9.12981   -7.87133  0.64840   1.000 37.82463  ? 124 VAL A CB  1 
ATOM   930  C CG1 . VAL A 1 124 ? 9.61331   -6.57122  0.02838   1.000 41.47449  ? 124 VAL A CG1 1 
ATOM   931  C CG2 . VAL A 1 124 ? 8.56394   -7.63294  2.03492   1.000 46.00984  ? 124 VAL A CG2 1 
ATOM   932  N N   . THR A 1 125 ? 8.57756   -10.85414 0.26992   1.000 45.22008  ? 125 THR A N   1 
ATOM   933  C CA  . THR A 1 125 ? 8.33649   -12.19091 0.79266   1.000 41.31658  ? 125 THR A CA  1 
ATOM   934  C C   . THR A 1 125 ? 9.54736   -12.67257 1.57901   1.000 44.14428  ? 125 THR A C   1 
ATOM   935  O O   . THR A 1 125 ? 10.68027  -12.25536 1.32598   1.000 53.02943  ? 125 THR A O   1 
ATOM   936  C CB  . THR A 1 125 ? 8.02367   -13.19023 -0.32822  1.000 47.37255  ? 125 THR A CB  1 
ATOM   937  O OG1 . THR A 1 125 ? 8.01202   -14.51998 0.20441   1.000 51.57524  ? 125 THR A OG1 1 
ATOM   938  C CG2 . THR A 1 125 ? 9.07071   -13.10430 -1.42241  1.000 47.99538  ? 125 THR A CG2 1 
ATOM   939  N N   . ARG A 1 126 ? 9.29242   -13.55842 2.53921   1.000 43.13815  ? 126 ARG A N   1 
ATOM   940  C CA  . ARG A 1 126 ? 10.32852  -14.17255 3.35896   1.000 41.71792  ? 126 ARG A CA  1 
ATOM   941  C C   . ARG A 1 126 ? 10.19757  -15.68525 3.26000   1.000 53.50722  ? 126 ARG A C   1 
ATOM   942  O O   . ARG A 1 126 ? 9.08163   -16.21557 3.26314   1.000 61.46906  ? 126 ARG A O   1 
ATOM   943  C CB  . ARG A 1 126 ? 10.22296  -13.71821 4.81618   1.000 42.75775  ? 126 ARG A CB  1 
ATOM   944  C CG  . ARG A 1 126 ? 11.49128  -13.92445 5.62427   1.000 47.85084  ? 126 ARG A CG  1 
ATOM   945  C CD  . ARG A 1 126 ? 11.31220  -13.47437 7.06453   1.000 47.21967  ? 126 ARG A CD  1 
ATOM   946  N NE  . ARG A 1 126 ? 12.09809  -12.28529 7.36981   1.000 43.38574  ? 126 ARG A NE  1 
ATOM   947  C CZ  . ARG A 1 126 ? 11.59755  -11.16310 7.86719   1.000 41.49419  ? 126 ARG A CZ  1 
ATOM   948  N NH1 . ARG A 1 126 ? 10.30817  -11.03959 8.13238   1.000 47.01942  ? 126 ARG A NH1 1 
ATOM   949  N NH2 . ARG A 1 126 ? 12.41109  -10.13871 8.10399   1.000 41.82098  ? 126 ARG A NH2 1 
ATOM   950  N N   . THR A 1 127 ? 11.33551  -16.37721 3.17378   1.000 54.40154  ? 127 THR A N   1 
ATOM   951  C CA  . THR A 1 127 ? 11.30794  -17.80996 2.89714   1.000 53.02667  ? 127 THR A CA  1 
ATOM   952  C C   . THR A 1 127 ? 11.32279  -18.64667 4.17229   1.000 54.71882  ? 127 THR A C   1 
ATOM   953  O O   . THR A 1 127 ? 10.68991  -19.70680 4.22505   1.000 56.23693  ? 127 THR A O   1 
ATOM   954  C CB  . THR A 1 127 ? 12.48426  -18.19230 1.99734   1.000 54.53012  ? 127 THR A CB  1 
ATOM   955  O OG1 . THR A 1 127 ? 12.59624  -19.61950 1.93262   1.000 59.04337  ? 127 THR A OG1 1 
ATOM   956  C CG2 . THR A 1 127 ? 13.78327  -17.60447 2.52842   1.000 53.96814  ? 127 THR A CG2 1 
ATOM   957  N N   . THR A 1 128 ? 12.03163  -18.19624 5.20389   1.000 55.95079  ? 128 THR A N   1 
ATOM   958  C CA  . THR A 1 128 ? 12.17496  -18.94618 6.44311   1.000 51.19914  ? 128 THR A CA  1 
ATOM   959  C C   . THR A 1 128 ? 11.87471  -18.02936 7.61970   1.000 56.29791  ? 128 THR A C   1 
ATOM   960  O O   . THR A 1 128 ? 12.24563  -16.85189 7.60855   1.000 63.68520  ? 128 THR A O   1 
ATOM   961  C CB  . THR A 1 128 ? 13.58968  -19.54092 6.56564   1.000 55.11209  ? 128 THR A CB  1 
ATOM   962  O OG1 . THR A 1 128 ? 13.77081  -20.55054 5.56543   1.000 60.00126  ? 128 THR A OG1 1 
ATOM   963  C CG2 . THR A 1 128 ? 13.81041  -20.16280 7.93642   1.000 54.26337  ? 128 THR A CG2 1 
ATOM   964  N N   . ALA A 1 129 ? 11.19210  -18.57363 8.63123   1.000 51.62239  ? 129 ALA A N   1 
ATOM   965  C CA  . ALA A 1 129 ? 10.82411  -17.78602 9.80223   1.000 55.83500  ? 129 ALA A CA  1 
ATOM   966  C C   . ALA A 1 129 ? 12.03514  -17.25610 10.55834  1.000 59.47336  ? 129 ALA A C   1 
ATOM   967  O O   . ALA A 1 129 ? 11.91405  -16.25598 11.27371  1.000 67.47662  ? 129 ALA A O   1 
ATOM   968  C CB  . ALA A 1 129 ? 9.95223   -18.61952 10.74095  1.000 51.86751  ? 129 ALA A CB  1 
ATOM   969  N N   . THR A 1 130 ? 13.19408  -17.89653 10.42170  1.000 50.39726  ? 130 THR A N   1 
ATOM   970  C CA  . THR A 1 130 ? 14.40905  -17.47136 11.10188  1.000 49.72873  ? 130 THR A CA  1 
ATOM   971  C C   . THR A 1 130 ? 15.33449  -16.65596 10.20641  1.000 50.02837  ? 130 THR A C   1 
ATOM   972  O O   . THR A 1 130 ? 16.45654  -16.34310 10.61540  1.000 53.29494  ? 130 THR A O   1 
ATOM   973  C CB  . THR A 1 130 ? 15.15833  -18.68618 11.65120  1.000 52.69366  ? 130 THR A CB  1 
ATOM   974  O OG1 . THR A 1 130 ? 16.04627  -19.19519 10.64869  1.000 56.86936  ? 130 THR A OG1 1 
ATOM   975  C CG2 . THR A 1 130 ? 14.17918  -19.77709 12.05323  1.000 54.44914  ? 130 THR A CG2 1 
ATOM   976  N N   . ALA A 1 131 ? 14.89520  -16.30764 9.00084   1.000 47.40034  ? 131 ALA A N   1 
ATOM   977  C CA  . ALA A 1 131 ? 15.72435  -15.55287 8.07685   1.000 47.72996  ? 131 ALA A CA  1 
ATOM   978  C C   . ALA A 1 131 ? 15.72986  -14.07041 8.44293   1.000 55.80605  ? 131 ALA A C   1 
ATOM   979  O O   . ALA A 1 131 ? 14.92712  -13.59392 9.24938   1.000 58.78151  ? 131 ALA A O   1 
ATOM   980  C CB  . ALA A 1 131 ? 15.23845  -15.74484 6.64204   1.000 49.69870  ? 131 ALA A CB  1 
ATOM   981  N N   . THR A 1 132 ? 16.66159  -13.33346 7.83115   1.000 62.06302  ? 132 THR A N   1 
ATOM   982  C CA  . THR A 1 132 ? 16.80033  -11.90083 8.06722   1.000 58.72353  ? 132 THR A CA  1 
ATOM   983  C C   . THR A 1 132 ? 16.84891  -11.10840 6.76522   1.000 58.99976  ? 132 THR A C   1 
ATOM   984  O O   . THR A 1 132 ? 17.27694  -9.95023  6.76843   1.000 64.75401  ? 132 THR A O   1 
ATOM   985  C CB  . THR A 1 132 ? 18.04845  -11.60698 8.90278   1.000 60.27920  ? 132 THR A CB  1 
ATOM   986  O OG1 . THR A 1 132 ? 19.09463  -12.51482 8.53694   1.000 60.56926  ? 132 THR A OG1 1 
ATOM   987  C CG2 . THR A 1 132 ? 17.74511  -11.76195 10.38558  1.000 61.04649  ? 132 THR A CG2 1 
ATOM   988  N N   . ASP A 1 133 ? 16.41893  -11.70344 5.65533   1.000 58.47844  ? 133 ASP A N   1 
ATOM   989  C CA  . ASP A 1 133 ? 16.45394  -11.05554 4.35385   1.000 56.44482  ? 133 ASP A CA  1 
ATOM   990  C C   . ASP A 1 133 ? 15.11716  -11.23963 3.65164   1.000 58.69900  ? 133 ASP A C   1 
ATOM   991  O O   . ASP A 1 133 ? 14.39753  -12.21151 3.89542   1.000 62.26596  ? 133 ASP A O   1 
ATOM   992  C CB  . ASP A 1 133 ? 17.58265  -11.61525 3.47878   1.000 58.74624  ? 133 ASP A CB  1 
ATOM   993  C CG  . ASP A 1 133 ? 18.86374  -10.81627 3.59887   1.000 65.72188  ? 133 ASP A CG  1 
ATOM   994  O OD1 . ASP A 1 133 ? 18.86089  -9.78853  4.30793   1.000 66.36974  ? 133 ASP A OD1 1 
ATOM   995  O OD2 . ASP A 1 133 ? 19.87431  -11.21571 2.98394   1.000 68.15017  ? 133 ASP A OD2 1 
ATOM   996  N N   . VAL A 1 134 ? 14.79163  -10.29088 2.77284   1.000 52.43988  ? 134 VAL A N   1 
ATOM   997  C CA  . VAL A 1 134 ? 13.54883  -10.30982 2.01558   1.000 45.76546  ? 134 VAL A CA  1 
ATOM   998  C C   . VAL A 1 134 ? 13.86733  -10.11641 0.53914   1.000 54.92049  ? 134 VAL A C   1 
ATOM   999  O O   . VAL A 1 134 ? 14.94232  -9.64275  0.16539   1.000 60.50048  ? 134 VAL A O   1 
ATOM   1000 C CB  . VAL A 1 134 ? 12.55122  -9.23260  2.49415   1.000 46.25436  ? 134 VAL A CB  1 
ATOM   1001 C CG1 . VAL A 1 134 ? 12.26114  -9.39237  3.97517   1.000 48.18254  ? 134 VAL A CG1 1 
ATOM   1002 C CG2 . VAL A 1 134 ? 13.08928  -7.84355  2.19961   1.000 55.47328  ? 134 VAL A CG2 1 
ATOM   1003 N N   . ALA A 1 135 ? 12.90988  -10.49821 -0.30434  1.000 47.47212  ? 135 ALA A N   1 
ATOM   1004 C CA  . ALA A 1 135 ? 13.03942  -10.36984 -1.74785  1.000 45.52041  ? 135 ALA A CA  1 
ATOM   1005 C C   . ALA A 1 135 ? 11.72298  -9.85543  -2.31477  1.000 49.74620  ? 135 ALA A C   1 
ATOM   1006 O O   . ALA A 1 135 ? 10.75114  -9.64042  -1.58566  1.000 55.36579  ? 135 ALA A O   1 
ATOM   1007 C CB  . ALA A 1 135 ? 13.43940  -11.70301 -2.38957  1.000 47.07946  ? 135 ALA A CB  1 
ATOM   1008 N N   . ALA A 1 136 ? 11.69315  -9.65836  -3.62987  1.000 55.93759  ? 136 ALA A N   1 
ATOM   1009 C CA  . ALA A 1 136 ? 10.48352  -9.19893  -4.29268  1.000 51.33270  ? 136 ALA A CA  1 
ATOM   1010 C C   . ALA A 1 136 ? 9.40885   -10.28167 -4.25208  1.000 58.98449  ? 136 ALA A C   1 
ATOM   1011 O O   . ALA A 1 136 ? 9.69333   -11.47434 -4.11403  1.000 67.55807  ? 136 ALA A O   1 
ATOM   1012 C CB  . ALA A 1 136 ? 10.77906  -8.80210  -5.73834  1.000 56.02166  ? 136 ALA A CB  1 
ATOM   1013 N N   . ALA A 1 137 ? 8.15371   -9.84835  -4.38135  1.000 63.49906  ? 137 ALA A N   1 
ATOM   1014 C CA  . ALA A 1 137 ? 7.02979   -10.76032 -4.19303  1.000 65.68179  ? 137 ALA A CA  1 
ATOM   1015 C C   . ALA A 1 137 ? 6.95942   -11.79657 -5.30818  1.000 73.86040  ? 137 ALA A C   1 
ATOM   1016 O O   . ALA A 1 137 ? 7.11542   -12.99888 -5.06550  1.000 76.23976  ? 137 ALA A O   1 
ATOM   1017 C CB  . ALA A 1 137 ? 5.72418   -9.96874  -4.10867  1.000 66.74187  ? 137 ALA A CB  1 
ATOM   1018 N N   . ASN A 1 138 ? 6.73743   -11.34920 -6.54235  1.000 95.75440  ? 138 ASN A N   1 
ATOM   1019 C CA  . ASN A 1 138 ? 6.57741   -12.26297 -7.66411  1.000 97.45420  ? 138 ASN A CA  1 
ATOM   1020 C C   . ASN A 1 138 ? 6.94992   -11.55003 -8.95449  1.000 97.95628  ? 138 ASN A C   1 
ATOM   1021 O O   . ASN A 1 138 ? 7.01229   -10.31935 -9.01429  1.000 98.17051  ? 138 ASN A O   1 
ATOM   1022 C CB  . ASN A 1 138 ? 5.14408   -12.80370 -7.75610  1.000 96.96850  ? 138 ASN A CB  1 
ATOM   1023 C CG  . ASN A 1 138 ? 4.89802   -13.97150 -6.82146  1.000 96.93541  ? 138 ASN A CG  1 
ATOM   1024 O OD1 . ASN A 1 138 ? 5.52164   -15.02519 -6.94820  1.000 95.19349  ? 138 ASN A OD1 1 
ATOM   1025 N ND2 . ASN A 1 138 ? 3.98447   -13.78951 -5.87490  1.000 96.52123  ? 138 ASN A ND2 1 
ATOM   1026 N N   . GLY A 1 139 ? 7.19819   -12.34604 -9.99113  1.000 110.43686 ? 139 GLY A N   1 
ATOM   1027 C CA  . GLY A 1 139 ? 7.50399   -11.81392 -11.30367 1.000 111.09600 ? 139 GLY A CA  1 
ATOM   1028 C C   . GLY A 1 139 ? 6.47854   -12.20123 -12.34897 1.000 112.35771 ? 139 GLY A C   1 
ATOM   1029 O O   . GLY A 1 139 ? 6.60928   -11.83879 -13.52192 1.000 110.55631 ? 139 GLY A O   1 
ATOM   1030 N N   . LYS A 1 140 ? 5.45118   -12.93832 -11.93470 1.000 115.64201 ? 140 LYS A N   1 
ATOM   1031 C CA  . LYS A 1 140 ? 4.40383   -13.42215 -12.82551 1.000 114.14539 ? 140 LYS A CA  1 
ATOM   1032 C C   . LYS A 1 140 ? 3.03763   -12.89806 -12.39914 1.000 112.23788 ? 140 LYS A C   1 
ATOM   1033 O O   . LYS A 1 140 ? 2.01911   -13.57917 -12.53468 1.000 111.18681 ? 140 LYS A O   1 
ATOM   1034 C CB  . LYS A 1 140 ? 4.39922   -14.94811 -12.88036 1.000 113.18461 ? 140 LYS A CB  1 
ATOM   1035 C CG  . LYS A 1 140 ? 5.72617   -15.56070 -13.29731 1.000 112.65231 ? 140 LYS A CG  1 
ATOM   1036 C CD  . LYS A 1 140 ? 5.75980   -17.05253 -13.00639 1.000 113.80598 ? 140 LYS A CD  1 
ATOM   1037 C CE  . LYS A 1 140 ? 5.76124   -17.32382 -11.51057 1.000 114.22004 ? 140 LYS A CE  1 
ATOM   1038 N NZ  . LYS A 1 140 ? 5.77393   -18.78224 -11.21012 1.000 112.79654 ? 140 LYS A NZ  1 
ATOM   1039 N N   . THR A 1 141 ? 3.00200   -11.67482 -11.87576 1.000 103.12794 ? 141 THR A N   1 
ATOM   1040 C CA  . THR A 1 141 ? 1.75341   -11.06481 -11.44533 1.000 102.85064 ? 141 THR A CA  1 
ATOM   1041 C C   . THR A 1 141 ? 1.87164   -9.55297  -11.56707 1.000 101.84823 ? 141 THR A C   1 
ATOM   1042 O O   . THR A 1 141 ? 2.97142   -8.99951  -11.64774 1.000 102.48557 ? 141 THR A O   1 
ATOM   1043 C CB  . THR A 1 141 ? 1.39224   -11.46411 -10.00822 1.000 103.79808 ? 141 THR A CB  1 
ATOM   1044 O OG1 . THR A 1 141 ? 0.00742   -11.18596 -9.76576  1.000 101.16510 ? 141 THR A OG1 1 
ATOM   1045 C CG2 . THR A 1 141 ? 2.24353   -10.69730 -9.00631  1.000 103.06072 ? 141 THR A CG2 1 
ATOM   1046 N N   . ASP A 1 142 ? 0.71523   -8.88811  -11.58807 1.000 87.40731  ? 142 ASP A N   1 
ATOM   1047 C CA  . ASP A 1 142 ? 0.65016   -7.43515  -11.69523 1.000 86.47037  ? 142 ASP A CA  1 
ATOM   1048 C C   . ASP A 1 142 ? -0.02436  -6.80120  -10.48382 1.000 89.21261  ? 142 ASP A C   1 
ATOM   1049 O O   . ASP A 1 142 ? -0.54155  -5.68393  -10.58021 1.000 91.98839  ? 142 ASP A O   1 
ATOM   1050 C CB  . ASP A 1 142 ? -0.07363  -7.02607  -12.97907 1.000 88.79598  ? 142 ASP A CB  1 
ATOM   1051 C CG  . ASP A 1 142 ? -1.50952  -7.50968  -13.01733 1.000 92.97049  ? 142 ASP A CG  1 
ATOM   1052 O OD1 . ASP A 1 142 ? -1.74911  -8.69159  -12.69224 1.000 92.65211  ? 142 ASP A OD1 1 
ATOM   1053 O OD2 . ASP A 1 142 ? -2.39896  -6.70809  -13.37270 1.000 93.38553  ? 142 ASP A OD2 1 
ATOM   1054 N N   . ASP A 1 143 ? -0.03025  -7.49122  -9.34394  1.000 77.41100  ? 143 ASP A N   1 
ATOM   1055 C CA  . ASP A 1 143 ? -0.67838  -6.98603  -8.13342  1.000 72.79386  ? 143 ASP A CA  1 
ATOM   1056 C C   . ASP A 1 143 ? 0.34577   -6.25102  -7.26777  1.000 71.39691  ? 143 ASP A C   1 
ATOM   1057 O O   . ASP A 1 143 ? 0.69619   -6.66274  -6.16080  1.000 74.74258  ? 143 ASP A O   1 
ATOM   1058 C CB  . ASP A 1 143 ? -1.34266  -8.12589  -7.37295  1.000 76.82400  ? 143 ASP A CB  1 
ATOM   1059 C CG  . ASP A 1 143 ? -2.57903  -8.65094  -8.07426  1.000 82.10908  ? 143 ASP A CG  1 
ATOM   1060 O OD1 . ASP A 1 143 ? -2.98651  -8.05205  -9.09171  1.000 81.23005  ? 143 ASP A OD1 1 
ATOM   1061 O OD2 . ASP A 1 143 ? -3.14414  -9.66246  -7.60805  1.000 80.11856  ? 143 ASP A OD2 1 
ATOM   1062 N N   . LYS A 1 144 ? 0.82794   -5.13270  -7.80369  1.000 58.09596  ? 144 LYS A N   1 
ATOM   1063 C CA  . LYS A 1 144 ? 1.77699   -4.27441  -7.10848  1.000 54.87691  ? 144 LYS A CA  1 
ATOM   1064 C C   . LYS A 1 144 ? 1.27773   -2.83997  -7.15133  1.000 60.32231  ? 144 LYS A C   1 
ATOM   1065 O O   . LYS A 1 144 ? 0.94525   -2.32894  -8.22526  1.000 66.41541  ? 144 LYS A O   1 
ATOM   1066 C CB  . LYS A 1 144 ? 3.17019   -4.36139  -7.73560  1.000 59.24737  ? 144 LYS A CB  1 
ATOM   1067 C CG  . LYS A 1 144 ? 3.96091   -5.59757  -7.34274  1.000 66.22144  ? 144 LYS A CG  1 
ATOM   1068 C CD  . LYS A 1 144 ? 5.25627   -5.72455  -8.14046  1.000 61.90277  ? 144 LYS A CD  1 
ATOM   1069 C CE  . LYS A 1 144 ? 5.64307   -4.41937  -8.82337  1.000 59.84012  ? 144 LYS A CE  1 
ATOM   1070 N NZ  . LYS A 1 144 ? 6.30111   -4.65188  -10.13756 1.000 63.40359  ? 144 LYS A NZ  1 
ATOM   1071 N N   . ILE A 1 145 ? 1.23144   -2.19197  -5.98783  1.000 48.29567  ? 145 ILE A N   1 
ATOM   1072 C CA  . ILE A 1 145 ? 0.83525   -0.79144  -5.93186  1.000 46.01709  ? 145 ILE A CA  1 
ATOM   1073 C C   . ILE A 1 145 ? 1.92222   0.05751   -6.57383  1.000 55.20659  ? 145 ILE A C   1 
ATOM   1074 O O   . ILE A 1 145 ? 3.10881   -0.06913  -6.24431  1.000 62.77171  ? 145 ILE A O   1 
ATOM   1075 C CB  . ILE A 1 145 ? 0.56815   -0.35984  -4.48257  1.000 45.66153  ? 145 ILE A CB  1 
ATOM   1076 C CG1 . ILE A 1 145 ? -0.75306  -0.94771  -3.98582  1.000 52.07033  ? 145 ILE A CG1 1 
ATOM   1077 C CG2 . ILE A 1 145 ? 0.54621   1.15557   -4.37215  1.000 50.52844  ? 145 ILE A CG2 1 
ATOM   1078 C CD1 . ILE A 1 145 ? -1.30114  -0.27400  -2.74627  1.000 54.21566  ? 145 ILE A CD1 1 
ATOM   1079 N N   . ASN A 1 146 ? 1.52267   0.92412   -7.49871  1.000 49.96564  ? 146 ASN A N   1 
ATOM   1080 C CA  . ASN A 1 146 ? 2.48204   1.74411   -8.21701  1.000 39.82157  ? 146 ASN A CA  1 
ATOM   1081 C C   . ASN A 1 146 ? 3.11000   2.78159   -7.29067  1.000 48.44904  ? 146 ASN A C   1 
ATOM   1082 O O   . ASN A 1 146 ? 2.57426   3.12265   -6.23253  1.000 53.23286  ? 146 ASN A O   1 
ATOM   1083 C CB  . ASN A 1 146 ? 1.81265   2.43407   -9.40447  1.000 45.98139  ? 146 ASN A CB  1 
ATOM   1084 C CG  . ASN A 1 146 ? 2.77179   2.68260   -10.54887 1.000 51.82475  ? 146 ASN A CG  1 
ATOM   1085 O OD1 . ASN A 1 146 ? 3.98459   2.54650   -10.39705 1.000 53.90753  ? 146 ASN A OD1 1 
ATOM   1086 N ND2 . ASN A 1 146 ? 2.23188   3.04559   -11.70503 1.000 51.31082  ? 146 ASN A ND2 1 
ATOM   1087 N N   . THR A 1 147 ? 4.27654   3.27696   -7.70717  1.000 50.56363  ? 147 THR A N   1 
ATOM   1088 C CA  . THR A 1 147 ? 4.97929   4.29517   -6.93393  1.000 46.03897  ? 147 THR A CA  1 
ATOM   1089 C C   . THR A 1 147 ? 4.15929   5.57583   -6.83141  1.000 46.52240  ? 147 THR A C   1 
ATOM   1090 O O   . THR A 1 147 ? 4.12643   6.21949   -5.77551  1.000 51.22038  ? 147 THR A O   1 
ATOM   1091 C CB  . THR A 1 147 ? 6.34527   4.56665   -7.56848  1.000 51.37089  ? 147 THR A CB  1 
ATOM   1092 O OG1 . THR A 1 147 ? 7.24688   3.50354   -7.23588  1.000 49.49637  ? 147 THR A OG1 1 
ATOM   1093 C CG2 . THR A 1 147 ? 6.92426   5.89314   -7.09902  1.000 51.76129  ? 147 THR A CG2 1 
ATOM   1094 N N   . LYS A 1 148 ? 3.47485   5.95083   -7.91407  1.000 42.28033  ? 148 LYS A N   1 
ATOM   1095 C CA  . LYS A 1 148 ? 2.70031   7.18605   -7.92742  1.000 43.99671  ? 148 LYS A CA  1 
ATOM   1096 C C   . LYS A 1 148 ? 1.56449   7.18034   -6.91318  1.000 53.86871  ? 148 LYS A C   1 
ATOM   1097 O O   . LYS A 1 148 ? 1.10887   8.25477   -6.50720  1.000 59.82291  ? 148 LYS A O   1 
ATOM   1098 C CB  . LYS A 1 148 ? 2.13724   7.43345   -9.32686  1.000 46.72974  ? 148 LYS A CB  1 
ATOM   1099 C CG  . LYS A 1 148 ? 3.12370   7.16720   -10.44715 1.000 50.18792  ? 148 LYS A CG  1 
ATOM   1100 C CD  . LYS A 1 148 ? 2.42047   6.68708   -11.70552 1.000 50.01319  ? 148 LYS A CD  1 
ATOM   1101 C CE  . LYS A 1 148 ? 1.20926   7.54245   -12.02875 1.000 50.55118  ? 148 LYS A CE  1 
ATOM   1102 N NZ  . LYS A 1 148 ? 0.53041   7.08749   -13.27165 1.000 52.21907  ? 148 LYS A NZ  1 
ATOM   1103 N N   . HIS A 1 149 ? 1.09654   6.00448   -6.49334  1.000 52.07626  ? 149 HIS A N   1 
ATOM   1104 C CA  . HIS A 1 149 ? -0.02701  5.89064   -5.57197  1.000 41.92357  ? 149 HIS A CA  1 
ATOM   1105 C C   . HIS A 1 149 ? 0.41612   5.56856   -4.14907  1.000 48.11756  ? 149 HIS A C   1 
ATOM   1106 O O   . HIS A 1 149 ? -0.33560  4.94740   -3.39077  1.000 58.18528  ? 149 HIS A O   1 
ATOM   1107 C CB  . HIS A 1 149 ? -1.01501  4.83746   -6.07088  1.000 46.06076  ? 149 HIS A CB  1 
ATOM   1108 C CG  . HIS A 1 149 ? -1.33520  4.95289   -7.52793  1.000 46.41066  ? 149 HIS A CG  1 
ATOM   1109 N ND1 . HIS A 1 149 ? -1.89086  6.08600   -8.08031  1.000 48.72179  ? 149 HIS A ND1 1 
ATOM   1110 C CD2 . HIS A 1 149 ? -1.18043  4.07539   -8.54667  1.000 46.59667  ? 149 HIS A CD2 1 
ATOM   1111 C CE1 . HIS A 1 149 ? -2.06154  5.90294   -9.37712  1.000 50.67218  ? 149 HIS A CE1 1 
ATOM   1112 N NE2 . HIS A 1 149 ? -1.63892  4.69083   -9.68551  1.000 52.07141  ? 149 HIS A NE2 1 
ATOM   1113 N N   . LEU A 1 150 ? 1.62149   5.97785   -3.77118  1.000 43.64220  ? 150 LEU A N   1 
ATOM   1114 C CA  . LEU A 1 150 ? 2.13271   5.76794   -2.42827  1.000 42.17931  ? 150 LEU A CA  1 
ATOM   1115 C C   . LEU A 1 150 ? 2.74600   7.05505   -1.90128  1.000 50.73034  ? 150 LEU A C   1 
ATOM   1116 O O   . LEU A 1 150 ? 3.27112   7.86094   -2.67600  1.000 50.78080  ? 150 LEU A O   1 
ATOM   1117 C CB  . LEU A 1 150 ? 3.18934   4.65404   -2.40127  1.000 37.84230  ? 150 LEU A CB  1 
ATOM   1118 C CG  . LEU A 1 150 ? 2.71618   3.23107   -2.10505  1.000 36.86426  ? 150 LEU A CG  1 
ATOM   1119 C CD1 . LEU A 1 150 ? 3.77710   2.22705   -2.51289  1.000 39.52719  ? 150 LEU A CD1 1 
ATOM   1120 C CD2 . LEU A 1 150 ? 2.36828   3.07146   -0.63751  1.000 47.04867  ? 150 LEU A CD2 1 
ATOM   1121 N N   . PRO A 1 151 ? 2.68927   7.27652   -0.59058  1.000 49.39652  ? 151 PRO A N   1 
ATOM   1122 C CA  . PRO A 1 151 ? 3.37820   8.43283   -0.01138  1.000 39.85235  ? 151 PRO A CA  1 
ATOM   1123 C C   . PRO A 1 151 ? 4.88367   8.30574   -0.16542  1.000 47.74277  ? 151 PRO A C   1 
ATOM   1124 O O   . PRO A 1 151 ? 5.43203   7.20479   -0.25528  1.000 52.38522  ? 151 PRO A O   1 
ATOM   1125 C CB  . PRO A 1 151 ? 2.96559   8.39447   1.46470   1.000 45.59634  ? 151 PRO A CB  1 
ATOM   1126 C CG  . PRO A 1 151 ? 1.73656   7.55078   1.50335   1.000 47.62117  ? 151 PRO A CG  1 
ATOM   1127 C CD  . PRO A 1 151 ? 1.89746   6.54591   0.41132   1.000 49.85664  ? 151 PRO A CD  1 
ATOM   1128 N N   . SER A 1 152 ? 5.55331   9.46050   -0.20035  1.000 47.20905  ? 152 SER A N   1 
ATOM   1129 C CA  . SER A 1 152 ? 7.00042   9.47155   -0.38871  1.000 44.08855  ? 152 SER A CA  1 
ATOM   1130 C C   . SER A 1 152 ? 7.72336   8.73836   0.73258   1.000 51.71531  ? 152 SER A C   1 
ATOM   1131 O O   . SER A 1 152 ? 8.80474   8.18157   0.51260   1.000 51.75725  ? 152 SER A O   1 
ATOM   1132 C CB  . SER A 1 152 ? 7.50575   10.90929  -0.48998  1.000 42.42944  ? 152 SER A CB  1 
ATOM   1133 O OG  . SER A 1 152 ? 8.88482   10.98239  -0.17735  1.000 46.83358  ? 152 SER A OG  1 
ATOM   1134 N N   . THR A 1 153 ? 7.14878   8.72594   1.93666   1.000 51.06579  ? 153 THR A N   1 
ATOM   1135 C CA  . THR A 1 153 ? 7.77880   8.01917   3.04549   1.000 42.35780  ? 153 THR A CA  1 
ATOM   1136 C C   . THR A 1 153 ? 7.62805   6.50900   2.91298   1.000 47.86280  ? 153 THR A C   1 
ATOM   1137 O O   . THR A 1 153 ? 8.50900   5.76043   3.34987   1.000 51.99378  ? 153 THR A O   1 
ATOM   1138 C CB  . THR A 1 153 ? 7.19100   8.49325   4.37313   1.000 47.65390  ? 153 THR A CB  1 
ATOM   1139 O OG1 . THR A 1 153 ? 6.00963   7.73902   4.67105   1.000 55.98374  ? 153 THR A OG1 1 
ATOM   1140 C CG2 . THR A 1 153 ? 6.83761   9.96858   4.29988   1.000 45.23070  ? 153 THR A CG2 1 
ATOM   1141 N N   . CYS A 1 154 ? 6.53185   6.04458   2.32247   1.000 50.20148  ? 154 CYS A N   1 
ATOM   1142 C CA  . CYS A 1 154 ? 6.27594   4.61257   2.16523   1.000 47.05954  ? 154 CYS A CA  1 
ATOM   1143 C C   . CYS A 1 154 ? 6.72975   4.12817   0.78881   1.000 51.13840  ? 154 CYS A C   1 
ATOM   1144 O O   . CYS A 1 154 ? 5.95451   3.59235   -0.00219  1.000 59.52910  ? 154 CYS A O   1 
ATOM   1145 C CB  . CYS A 1 154 ? 4.79760   4.31414   2.39537   1.000 51.70373  ? 154 CYS A CB  1 
ATOM   1146 S SG  . CYS A 1 154 ? 4.41397   3.62077   4.01742   1.000 74.49957  ? 154 CYS A SG  1 
ATOM   1147 N N   . ARG A 1 155 ? 8.01808   4.32744   0.50599   1.000 49.73186  ? 155 ARG A N   1 
ATOM   1148 C CA  . ARG A 1 155 ? 8.63499   3.87203   -0.74485  1.000 46.92025  ? 155 ARG A CA  1 
ATOM   1149 C C   . ARG A 1 155 ? 9.99992   3.28724   -0.38845  1.000 52.28440  ? 155 ARG A C   1 
ATOM   1150 O O   . ARG A 1 155 ? 11.00606  4.00070   -0.36462  1.000 57.58615  ? 155 ARG A O   1 
ATOM   1151 C CB  . ARG A 1 155 ? 8.75481   5.00436   -1.75567  1.000 47.34715  ? 155 ARG A CB  1 
ATOM   1152 C CG  . ARG A 1 155 ? 7.43069   5.61048   -2.17442  1.000 47.49382  ? 155 ARG A CG  1 
ATOM   1153 C CD  . ARG A 1 155 ? 7.47205   6.07948   -3.61184  1.000 46.31674  ? 155 ARG A CD  1 
ATOM   1154 N NE  . ARG A 1 155 ? 7.71329   7.51277   -3.72016  1.000 46.37902  ? 155 ARG A NE  1 
ATOM   1155 C CZ  . ARG A 1 155 ? 6.83680   8.38415   -4.19947  1.000 48.42847  ? 155 ARG A CZ  1 
ATOM   1156 N NH1 . ARG A 1 155 ? 5.64142   8.00297   -4.61724  1.000 50.94331  ? 155 ARG A NH1 1 
ATOM   1157 N NH2 . ARG A 1 155 ? 7.16782   9.67029   -4.26102  1.000 48.12784  ? 155 ARG A NH2 1 
ATOM   1158 N N   . ASP A 1 156 ? 10.02728  1.98600   -0.11626  1.000 46.51678  ? 156 ASP A N   1 
ATOM   1159 C CA  . ASP A 1 156 ? 11.24523  1.29990   0.28180   1.000 43.20588  ? 156 ASP A CA  1 
ATOM   1160 C C   . ASP A 1 156 ? 11.43328  0.05183   -0.56603  1.000 51.58408  ? 156 ASP A C   1 
ATOM   1161 O O   . ASP A 1 156 ? 10.46684  -0.61724  -0.94079  1.000 54.09369  ? 156 ASP A O   1 
ATOM   1162 C CB  . ASP A 1 156 ? 11.21739  0.92292   1.76727   1.000 47.71256  ? 156 ASP A CB  1 
ATOM   1163 C CG  . ASP A 1 156 ? 11.53396  2.09588   2.67093   1.000 53.04479  ? 156 ASP A CG  1 
ATOM   1164 O OD1 . ASP A 1 156 ? 12.28219  2.99632   2.23755   1.000 57.11480  ? 156 ASP A OD1 1 
ATOM   1165 O OD2 . ASP A 1 156 ? 11.03616  2.11843   3.81519   1.000 51.79124  ? 156 ASP A OD2 1 
ATOM   1166 N N   . ASP A 1 157 ? 12.69035  -0.25236  -0.86453  1.000 54.67228  ? 157 ASP A N   1 
ATOM   1167 C CA  . ASP A 1 157 ? 13.03700  -1.41497  -1.66379  1.000 50.42526  ? 157 ASP A CA  1 
ATOM   1168 C C   . ASP A 1 157 ? 13.34234  -2.60891  -0.76596  1.000 52.92755  ? 157 ASP A C   1 
ATOM   1169 O O   . ASP A 1 157 ? 13.58241  -2.47145  0.43557   1.000 55.44856  ? 157 ASP A O   1 
ATOM   1170 C CB  . ASP A 1 157 ? 14.23494  -1.11114  -2.56309  1.000 50.47005  ? 157 ASP A CB  1 
ATOM   1171 C CG  . ASP A 1 157 ? 14.21017  -1.90424  -3.85326  1.000 60.99435  ? 157 ASP A CG  1 
ATOM   1172 O OD1 . ASP A 1 157 ? 13.12230  -2.03134  -4.45330  1.000 62.60901  ? 157 ASP A OD1 1 
ATOM   1173 O OD2 . ASP A 1 157 ? 15.27839  -2.40093  -4.26820  1.000 62.35911  ? 157 ASP A OD2 1 
ATOM   1174 N N   . SER A 1 158 ? 13.32739  -3.79755  -1.37231  1.000 52.73106  ? 158 SER A N   1 
ATOM   1175 C CA  . SER A 1 158 ? 13.59965  -5.02090  -0.62819  1.000 49.07559  ? 158 SER A CA  1 
ATOM   1176 C C   . SER A 1 158 ? 15.03948  -5.09832  -0.14011  1.000 51.41734  ? 158 SER A C   1 
ATOM   1177 O O   . SER A 1 158 ? 15.32606  -5.86582  0.78427   1.000 54.64156  ? 158 SER A O   1 
ATOM   1178 C CB  . SER A 1 158 ? 13.27974  -6.24083  -1.49115  1.000 52.27647  ? 158 SER A CB  1 
ATOM   1179 O OG  . SER A 1 158 ? 12.19825  -5.97478  -2.36646  1.000 61.54512  ? 158 SER A OG  1 
ATOM   1180 N N   . SER A 1 159 ? 15.94572  -4.32749  -0.73355  1.000 54.64727  ? 159 SER A N   1 
ATOM   1181 C CA  . SER A 1 159 ? 17.34816  -4.32937  -0.34386  1.000 52.55870  ? 159 SER A CA  1 
ATOM   1182 C C   . SER A 1 159 ? 17.67405  -3.27553  0.70454   1.000 56.95656  ? 159 SER A C   1 
ATOM   1183 O O   . SER A 1 159 ? 18.84408  -3.13201  1.07297   1.000 60.75538  ? 159 SER A O   1 
ATOM   1184 C CB  . SER A 1 159 ? 18.23569  -4.12080  -1.57394  1.000 51.59641  ? 159 SER A CB  1 
ATOM   1185 O OG  . SER A 1 159 ? 17.58305  -3.31833  -2.54132  1.000 55.37689  ? 159 SER A OG  1 
ATOM   1186 N N   . ALA A 1 160 ? 16.67834  -2.53710  1.18641   1.000 60.53623  ? 160 ALA A N   1 
ATOM   1187 C CA  . ALA A 1 160 ? 16.92246  -1.51606  2.19406   1.000 57.37830  ? 160 ALA A CA  1 
ATOM   1188 C C   . ALA A 1 160 ? 17.32773  -2.15395  3.51563   1.000 58.33249  ? 160 ALA A C   1 
ATOM   1189 O O   . ALA A 1 160 ? 16.79241  -3.19144  3.91480   1.000 60.27151  ? 160 ALA A O   1 
ATOM   1190 C CB  . ALA A 1 160 ? 15.67862  -0.65098  2.38732   1.000 60.29506  ? 160 ALA A CB  1 
ATOM   1191 N N   . SER A 1 161 ? 18.28071  -1.52575  4.19476   1.000 78.09788  ? 161 SER A N   1 
ATOM   1192 C CA  . SER A 1 161 ? 18.76948  -2.02978  5.47134   1.000 83.51849  ? 161 SER A CA  1 
ATOM   1193 C C   . SER A 1 161 ? 19.30090  -0.89451  6.33739   1.000 86.21073  ? 161 SER A C   1 
ATOM   1194 O O   . SER A 1 161 ? 19.58923  0.19580   5.84478   1.000 85.32581  ? 161 SER A O   1 
ATOM   1195 C CB  . SER A 1 161 ? 19.85981  -3.08031  5.25178   1.000 83.88229  ? 161 SER A CB  1 
ATOM   1196 O OG  . SER A 1 161 ? 20.97921  -2.52224  4.58587   1.000 84.57751  ? 161 SER A OG  1 
ATOM   1197 O OXT . SER A 1 161 ? 19.45359  -1.04071  7.54980   1.000 84.98193  ? 161 SER A OXT 1 
HETATM 1198 O O1  . G3P B 2 .   ? -6.49306  -14.58344 -0.90037  1.000 76.02396  ? 201 G3P A O1  1 
HETATM 1199 C C1  . G3P B 2 .   ? -7.82341  -14.11731 -0.86217  1.000 76.18468  ? 201 G3P A C1  1 
HETATM 1200 C C2  . G3P B 2 .   ? -8.32125  -14.08880 0.57868   1.000 76.89316  ? 201 G3P A C2  1 
HETATM 1201 O O2  . G3P B 2 .   ? -9.58693  -14.70619 0.65058   1.000 74.40821  ? 201 G3P A O2  1 
HETATM 1202 C C3  . G3P B 2 .   ? -7.34287  -14.83066 1.48206   1.000 74.65535  ? 201 G3P A C3  1 
HETATM 1203 O O1P . G3P B 2 .   ? -7.27086  -14.17739 2.72876   1.000 74.42773  ? 201 G3P A O1P 1 
HETATM 1204 O O4P . G3P B 2 .   ? -6.69152  -14.14711 5.21018   1.000 68.72041  ? 201 G3P A O4P 1 
HETATM 1205 O O2P . G3P B 2 .   ? -4.87893  -14.23670 3.53918   1.000 71.80132  ? 201 G3P A O2P 1 
HETATM 1206 O O3P . G3P B 2 .   ? -6.30503  -16.21345 3.92134   1.000 69.17863  ? 201 G3P A O3P 1 
HETATM 1207 P P   . G3P B 2 .   ? -6.27286  -14.70642 3.87319   1.000 68.51643  ? 201 G3P A P   1 
HETATM 1208 C C1  . WKE C 3 .   ? 5.03034   -20.42471 14.16145  1.000 72.74104  ? 202 WKE A C1  1 
HETATM 1209 C C2  . WKE C 3 .   ? 2.81577   -20.11340 14.95418  1.000 72.42497  ? 202 WKE A C2  1 
HETATM 1210 C C3  . WKE C 3 .   ? 2.44666   -21.57495 14.69288  1.000 71.61672  ? 202 WKE A C3  1 
HETATM 1211 C C4  . WKE C 3 .   ? 0.25420   -22.43795 15.35522  1.000 75.34511  ? 202 WKE A C4  1 
HETATM 1212 C C5  . WKE C 3 .   ? -0.11131  -22.39460 13.90001  1.000 73.92144  ? 202 WKE A C5  1 
HETATM 1213 C C6  . WKE C 3 .   ? 3.68961   -22.45359 14.74099  1.000 71.21400  ? 202 WKE A C6  1 
HETATM 1214 C C7  . WKE C 3 .   ? 4.79347   -21.89716 13.85516  1.000 69.61200  ? 202 WKE A C7  1 
HETATM 1215 C C8  . WKE C 3 .   ? 6.53403   -23.40769 13.09638  1.000 79.86784  ? 202 WKE A C8  1 
HETATM 1216 C C9  . WKE C 3 .   ? 7.66030   -24.31636 13.49062  1.000 77.75805  ? 202 WKE A C9  1 
HETATM 1217 C C10 . WKE C 3 .   ? 8.14850   -25.07948 12.26546  1.000 76.73211  ? 202 WKE A C10 1 
HETATM 1218 N N1  . WKE C 3 .   ? 6.00810   -22.66002 14.06218  1.000 74.55270  ? 202 WKE A N1  1 
HETATM 1219 O O1  . WKE C 3 .   ? -0.54419  -22.78575 16.20893  1.000 72.00267  ? 202 WKE A O1  1 
HETATM 1220 O O6  . WKE C 3 .   ? 3.35603   -23.77674 14.30809  1.000 78.07715  ? 202 WKE A O6  1 
HETATM 1221 O O3  . WKE C 3 .   ? 6.13969   -23.37578 11.94237  1.000 79.71629  ? 202 WKE A O3  1 
HETATM 1222 O O4  . WKE C 3 .   ? 8.73633   -23.54155 14.02972  1.000 74.83592  ? 202 WKE A O4  1 
HETATM 1223 O O5  . WKE C 3 .   ? 8.60528   -24.15063 11.27598  1.000 76.14064  ? 202 WKE A O5  1 
HETATM 1224 N N   . WKE C 3 .   ? 1.49713   -22.07844 15.66824  1.000 75.80752  ? 202 WKE A N   1 
HETATM 1225 C C   . WKE C 3 .   ? 6.08704   -19.84595 13.22957  1.000 73.41558  ? 202 WKE A C   1 
HETATM 1226 O O   . WKE C 3 .   ? 3.80684   -19.70289 14.01070  1.000 77.16495  ? 202 WKE A O   1 
# 
